data_5XII
#
_entry.id   5XII
#
_cell.length_a   76.600
_cell.length_b   90.730
_cell.length_c   92.996
_cell.angle_alpha   89.940
_cell.angle_beta   99.370
_cell.angle_gamma   104.310
#
_symmetry.space_group_name_H-M   'P 1'
#
loop_
_entity.id
_entity.type
_entity.pdbx_description
1 polymer 'Prolyl-tRNA synthetase (ProRS)'
2 non-polymer 'PHOSPHOAMINOPHOSPHONIC ACID-ADENYLATE ESTER'
3 non-polymer 'MAGNESIUM ION'
4 non-polymer 6-chloranyl-7-fluoranyl-3-[3-[(2R)-3-oxidanylidenepiperidin-2-yl]propyl]quinazolin-4-one
5 non-polymer 1,2-ETHANEDIOL
6 non-polymer 'CHLORIDE ION'
7 water water
#
_entity_poly.entity_id   1
_entity_poly.type   'polypeptide(L)'
_entity_poly.pdbx_seq_one_letter_code
;GAMVTAKKDENFSEWYTQAIVRSEMIEYYDISGCYIMRPWAFHIWEKVQRFFDDEIKKMGVENSYFPMFVSRHKLEKEKD
HVEGFSPEVAWVTHYGDSPLPEKIAIRPTSETIMYPAYAKWIRSHRDLPLKLNQWCSVVRWEFKQPTPFLRTREFLWQEG
HTAHATEEEAWELVLDILELYRRWYEECLAVPVIKGEKSEGEKFAGGKKTTTVEAFIPENGRGIQAATSHLLGTNFAKMF
EIEFEDEEGHKRLVHQTSWGCTTRSLGVMIMTHGDDKGLVIPPRVASVQVVIIPILFKDENTGEILGKCRELKTMLEKAD
IRVRIDDRSNYTPGWKYNHWEVKGVPLRLELGPKDLAKGTARVVRRDTGEAYQISWADLAPKLLELMEGIQRSLFEKAKA
RLHEGIEKISTFDEVMPALNRKHLVLAPWCEDPESEEQIKKETQKLSEIQAIEAGDSEQVMTGAMKTLCIPFDQPPMPEG
TKCFYTGKPAKRWTLWGRSY
;
_entity_poly.pdbx_strand_id   A,B,C,D
#
loop_
_chem_comp.id
_chem_comp.type
_chem_comp.name
_chem_comp.formula
86X non-polymer 6-chloranyl-7-fluoranyl-3-[3-[(2R)-3-oxidanylidenepiperidin-2-yl]propyl]quinazolin-4-one 'C16 H17 Cl F N3 O2'
ANP non-polymer 'PHOSPHOAMINOPHOSPHONIC ACID-ADENYLATE ESTER' 'C10 H17 N6 O12 P3'
CL non-polymer 'CHLORIDE ION' 'Cl -1'
EDO non-polymer 1,2-ETHANEDIOL 'C2 H6 O2'
MG non-polymer 'MAGNESIUM ION' 'Mg 2'
#
# COMPACT_ATOMS: atom_id res chain seq x y z
N MET A 3 -3.98 38.58 20.29
CA MET A 3 -3.72 38.57 18.82
C MET A 3 -2.27 38.30 18.40
N VAL A 4 -2.07 37.60 17.30
CA VAL A 4 -0.72 37.51 16.71
C VAL A 4 -0.44 38.79 15.90
N THR A 5 0.66 39.48 16.16
CA THR A 5 0.96 40.74 15.43
C THR A 5 2.18 40.67 14.50
N ALA A 6 3.14 39.80 14.78
CA ALA A 6 4.32 39.70 13.87
C ALA A 6 3.84 39.01 12.60
N LYS A 7 4.34 39.41 11.44
CA LYS A 7 3.89 38.80 10.19
C LYS A 7 4.73 37.57 9.89
N LYS A 8 4.08 36.51 9.45
CA LYS A 8 4.79 35.21 9.24
C LYS A 8 5.90 35.31 8.19
N ASP A 9 5.61 35.95 7.08
CA ASP A 9 6.63 36.13 6.04
C ASP A 9 7.71 37.16 6.36
N GLU A 10 7.44 38.14 7.23
CA GLU A 10 8.39 39.25 7.49
C GLU A 10 9.31 39.05 8.69
N ASN A 11 8.75 38.65 9.82
CA ASN A 11 9.55 38.28 10.98
C ASN A 11 9.14 36.89 11.50
N PHE A 12 9.56 35.89 10.76
CA PHE A 12 9.22 34.50 11.03
C PHE A 12 9.50 34.07 12.48
N SER A 13 10.71 34.32 12.98
CA SER A 13 11.08 33.96 14.39
C SER A 13 10.13 34.48 15.44
N GLU A 14 9.70 35.72 15.31
CA GLU A 14 8.85 36.28 16.34
C GLU A 14 7.44 35.77 16.15
N TRP A 15 7.05 35.60 14.89
CA TRP A 15 5.74 34.98 14.56
C TRP A 15 5.62 33.61 15.26
N TYR A 16 6.66 32.79 15.15
CA TYR A 16 6.66 31.43 15.74
C TYR A 16 6.46 31.51 17.24
N THR A 17 7.30 32.32 17.90
CA THR A 17 7.21 32.49 19.33
C THR A 17 5.81 32.94 19.70
N GLN A 18 5.32 33.98 19.02
CA GLN A 18 3.99 34.46 19.36
C GLN A 18 2.93 33.39 19.19
N ALA A 19 3.00 32.65 18.09
CA ALA A 19 1.94 31.68 17.80
C ALA A 19 1.93 30.56 18.84
N ILE A 20 3.10 30.09 19.26
CA ILE A 20 3.09 28.93 20.18
C ILE A 20 2.76 29.34 21.62
N VAL A 21 3.13 30.58 21.97
CA VAL A 21 2.84 31.10 23.29
C VAL A 21 1.39 31.55 23.35
N ARG A 22 0.93 32.30 22.35
CA ARG A 22 -0.45 32.87 22.50
C ARG A 22 -1.54 31.83 22.27
N SER A 23 -1.21 30.77 21.54
CA SER A 23 -2.12 29.65 21.39
C SER A 23 -2.19 28.81 22.67
N GLU A 24 -1.32 29.07 23.64
CA GLU A 24 -1.24 28.25 24.87
C GLU A 24 -0.74 26.81 24.62
N MET A 25 0.19 26.66 23.68
CA MET A 25 0.80 25.38 23.42
C MET A 25 2.02 25.17 24.32
N ILE A 26 2.78 26.25 24.54
CA ILE A 26 4.09 26.24 25.16
C ILE A 26 4.16 27.31 26.26
N GLU A 27 4.75 26.96 27.39
CA GLU A 27 5.07 27.92 28.44
C GLU A 27 6.57 27.96 28.66
N TYR A 28 7.11 29.15 28.85
CA TYR A 28 8.56 29.29 28.91
C TYR A 28 9.09 28.81 30.24
N TYR A 29 10.36 28.49 30.29
CA TYR A 29 10.87 27.79 31.46
C TYR A 29 12.28 28.23 31.74
N ASP A 30 12.72 28.09 32.98
CA ASP A 30 13.97 28.74 33.39
C ASP A 30 15.21 27.93 33.00
N ILE A 31 15.05 26.64 32.72
CA ILE A 31 16.19 25.89 32.20
C ILE A 31 16.23 26.00 30.68
N SER A 32 17.38 26.44 30.17
CA SER A 32 17.56 26.73 28.77
C SER A 32 17.33 25.49 27.91
N GLY A 33 16.62 25.71 26.79
CA GLY A 33 16.23 24.69 25.85
C GLY A 33 15.19 23.72 26.34
N CYS A 34 14.56 24.03 27.48
CA CYS A 34 13.46 23.24 28.00
C CYS A 34 12.17 24.11 28.02
N TYR A 35 11.03 23.49 27.64
CA TYR A 35 9.77 24.22 27.51
C TYR A 35 8.66 23.36 28.08
N ILE A 36 7.62 23.98 28.64
CA ILE A 36 6.47 23.22 29.11
C ILE A 36 5.56 22.99 27.90
N MET A 37 5.05 21.78 27.77
CA MET A 37 4.10 21.49 26.74
C MET A 37 2.73 21.45 27.37
N ARG A 38 1.93 22.47 27.08
CA ARG A 38 0.59 22.56 27.60
C ARG A 38 -0.33 21.69 26.76
N PRO A 39 -1.54 21.39 27.27
CA PRO A 39 -2.44 20.45 26.63
C PRO A 39 -2.70 20.74 25.18
N TRP A 40 -2.75 22.01 24.77
CA TRP A 40 -3.10 22.31 23.39
C TRP A 40 -2.07 21.72 22.44
N ALA A 41 -0.81 21.71 22.85
CA ALA A 41 0.24 21.03 22.05
C ALA A 41 0.29 19.51 22.40
N PHE A 42 0.23 19.18 23.70
CA PHE A 42 0.39 17.78 24.11
C PHE A 42 -0.68 16.86 23.44
N HIS A 43 -1.91 17.35 23.30
CA HIS A 43 -2.96 16.55 22.70
C HIS A 43 -2.55 16.07 21.33
N ILE A 44 -1.88 16.94 20.57
CA ILE A 44 -1.40 16.60 19.24
C ILE A 44 -0.32 15.52 19.28
N TRP A 45 0.62 15.62 20.24
CA TRP A 45 1.54 14.53 20.52
C TRP A 45 0.84 13.20 20.80
N GLU A 46 -0.18 13.19 21.66
CA GLU A 46 -0.93 11.96 21.93
C GLU A 46 -1.55 11.38 20.66
N LYS A 47 -2.00 12.25 19.77
CA LYS A 47 -2.65 11.79 18.56
C LYS A 47 -1.66 11.07 17.63
N VAL A 48 -0.51 11.69 17.36
CA VAL A 48 0.48 11.06 16.49
C VAL A 48 1.10 9.79 17.13
N GLN A 49 1.28 9.85 18.46
CA GLN A 49 1.77 8.69 19.20
C GLN A 49 0.82 7.47 19.08
N ARG A 50 -0.47 7.70 19.26
CA ARG A 50 -1.48 6.66 19.15
C ARG A 50 -1.50 6.12 17.73
N PHE A 51 -1.52 6.99 16.73
CA PHE A 51 -1.36 6.55 15.36
C PHE A 51 -0.11 5.69 15.14
N PHE A 52 1.09 6.18 15.52
CA PHE A 52 2.30 5.44 15.20
C PHE A 52 2.36 4.11 15.98
N ASP A 53 1.95 4.17 17.25
CA ASP A 53 1.99 3.03 18.11
C ASP A 53 1.07 1.93 17.56
N ASP A 54 -0.11 2.33 17.10
CA ASP A 54 -1.08 1.40 16.54
C ASP A 54 -0.51 0.72 15.29
N GLU A 55 0.24 1.48 14.49
CA GLU A 55 0.83 0.89 13.28
C GLU A 55 2.00 -0.09 13.54
N ILE A 56 2.90 0.24 14.49
CA ILE A 56 4.07 -0.60 14.68
C ILE A 56 3.63 -1.86 15.41
N LYS A 57 2.56 -1.73 16.20
CA LYS A 57 2.00 -2.91 16.86
C LYS A 57 1.50 -3.91 15.82
N LYS A 58 0.89 -3.43 14.73
CA LYS A 58 0.48 -4.32 13.60
C LYS A 58 1.68 -5.07 13.05
N MET A 59 2.86 -4.45 13.07
CA MET A 59 4.04 -5.08 12.54
C MET A 59 4.70 -6.07 13.51
N GLY A 60 4.15 -6.25 14.72
CA GLY A 60 4.81 -7.10 15.73
C GLY A 60 5.85 -6.34 16.58
N VAL A 61 5.92 -5.01 16.51
CA VAL A 61 6.81 -4.29 17.44
C VAL A 61 6.15 -4.22 18.80
N GLU A 62 6.90 -4.38 19.86
CA GLU A 62 6.28 -4.37 21.19
C GLU A 62 7.00 -3.31 21.99
N ASN A 63 6.27 -2.66 22.88
CA ASN A 63 6.77 -1.61 23.69
C ASN A 63 7.43 -2.13 24.98
N SER A 64 8.33 -1.32 25.53
CA SER A 64 9.17 -1.68 26.68
C SER A 64 9.57 -0.38 27.34
N TYR A 65 10.21 -0.45 28.48
CA TYR A 65 10.79 0.74 29.04
C TYR A 65 12.14 0.40 29.62
N PHE A 66 13.17 0.89 28.99
CA PHE A 66 14.54 0.76 29.55
C PHE A 66 14.84 2.00 30.40
N PRO A 67 15.81 1.89 31.34
CA PRO A 67 16.14 3.00 32.26
C PRO A 67 16.73 4.23 31.58
N MET A 68 16.40 5.39 32.15
CA MET A 68 16.92 6.62 31.67
C MET A 68 18.39 6.79 32.05
N PHE A 69 18.90 5.96 32.96
CA PHE A 69 20.32 6.08 33.31
C PHE A 69 21.21 5.04 32.67
N VAL A 70 22.41 5.49 32.28
CA VAL A 70 23.41 4.56 31.80
C VAL A 70 24.75 4.88 32.48
N SER A 71 25.43 3.84 32.89
CA SER A 71 26.71 3.99 33.55
C SER A 71 27.72 4.54 32.56
N ARG A 72 28.66 5.31 33.08
CA ARG A 72 29.77 5.87 32.31
C ARG A 72 30.48 4.79 31.48
N HIS A 73 30.76 3.68 32.17
CA HIS A 73 31.46 2.57 31.55
C HIS A 73 30.65 2.01 30.35
N LYS A 74 29.33 1.85 30.52
CA LYS A 74 28.52 1.34 29.40
C LYS A 74 28.34 2.34 28.30
N LEU A 75 28.13 3.60 28.66
CA LEU A 75 27.98 4.60 27.64
C LEU A 75 29.24 4.77 26.78
N GLU A 76 30.40 4.56 27.36
CA GLU A 76 31.66 4.90 26.67
C GLU A 76 32.43 3.72 26.02
N LYS A 77 31.78 2.58 25.78
CA LYS A 77 32.41 1.46 25.04
C LYS A 77 32.32 1.63 23.50
N GLY A 84 32.37 12.11 18.97
CA GLY A 84 31.83 13.43 18.58
C GLY A 84 30.68 13.92 19.47
N PHE A 85 30.09 13.04 20.27
CA PHE A 85 28.83 13.34 21.00
C PHE A 85 28.99 13.71 22.47
N SER A 86 30.18 13.45 22.99
CA SER A 86 30.51 13.68 24.38
C SER A 86 30.04 14.98 25.02
N PRO A 87 30.22 16.15 24.34
CA PRO A 87 29.80 17.43 24.96
C PRO A 87 28.30 17.56 25.30
N GLU A 88 27.47 16.72 24.69
CA GLU A 88 26.01 16.73 24.83
C GLU A 88 25.47 15.91 25.98
N VAL A 89 26.29 15.06 26.57
CA VAL A 89 25.82 14.15 27.64
C VAL A 89 25.67 14.85 29.03
N ALA A 90 24.50 14.73 29.65
CA ALA A 90 24.22 15.24 30.97
C ALA A 90 24.59 14.17 31.99
N TRP A 91 25.40 14.57 32.99
CA TRP A 91 25.96 13.64 33.97
C TRP A 91 25.44 13.94 35.38
N VAL A 92 24.91 12.90 36.00
CA VAL A 92 24.49 12.95 37.38
C VAL A 92 25.73 12.49 38.18
N THR A 93 26.16 13.28 39.17
CA THR A 93 27.33 12.92 40.05
C THR A 93 26.99 12.76 41.56
N HIS A 94 25.80 13.14 42.00
CA HIS A 94 25.50 13.15 43.43
C HIS A 94 24.05 12.83 43.59
N TYR A 95 23.71 12.18 44.69
CA TYR A 95 22.33 12.13 45.16
C TYR A 95 22.31 12.76 46.54
N GLY A 96 21.47 13.77 46.73
CA GLY A 96 21.54 14.64 47.91
C GLY A 96 22.93 15.24 47.99
N ASP A 97 23.64 15.09 49.11
CA ASP A 97 25.04 15.53 49.23
C ASP A 97 26.05 14.41 49.09
N SER A 98 25.58 13.23 48.73
CA SER A 98 26.44 12.05 48.60
C SER A 98 27.00 11.89 47.18
N PRO A 99 28.33 11.78 47.04
CA PRO A 99 28.85 11.55 45.67
C PRO A 99 28.66 10.10 45.21
N LEU A 100 28.33 9.92 43.94
CA LEU A 100 28.22 8.56 43.39
C LEU A 100 29.62 7.96 43.24
N PRO A 101 29.75 6.63 43.30
CA PRO A 101 31.06 6.01 42.99
C PRO A 101 31.52 6.32 41.57
N GLU A 102 30.59 6.39 40.62
CA GLU A 102 30.89 6.90 39.27
C GLU A 102 29.73 7.70 38.74
N LYS A 103 29.99 8.72 37.96
CA LYS A 103 28.93 9.48 37.39
C LYS A 103 28.03 8.60 36.48
N ILE A 104 26.81 9.07 36.27
CA ILE A 104 25.80 8.34 35.54
C ILE A 104 25.16 9.27 34.53
N ALA A 105 24.96 8.78 33.31
CA ALA A 105 24.47 9.65 32.23
C ALA A 105 22.96 9.56 32.08
N ILE A 106 22.31 10.67 31.75
CA ILE A 106 20.91 10.60 31.32
C ILE A 106 20.93 10.19 29.85
N ARG A 107 20.11 9.23 29.45
CA ARG A 107 20.14 8.75 28.06
C ARG A 107 19.91 9.76 26.92
N PRO A 108 20.95 9.98 26.14
CA PRO A 108 20.86 10.82 24.94
C PRO A 108 20.16 10.07 23.77
N THR A 109 20.26 8.76 23.85
CA THR A 109 19.77 7.72 22.98
C THR A 109 20.02 6.34 23.70
N SER A 110 19.33 5.29 23.30
CA SER A 110 19.40 4.06 24.04
C SER A 110 20.26 2.86 23.63
N GLU A 111 21.04 3.01 22.58
CA GLU A 111 21.87 1.89 22.11
C GLU A 111 22.66 1.18 23.24
N THR A 112 23.37 1.96 24.05
CA THR A 112 24.28 1.44 25.05
C THR A 112 23.52 0.82 26.22
N ILE A 113 22.25 1.18 26.37
CA ILE A 113 21.40 0.58 27.41
C ILE A 113 20.71 -0.69 26.91
N MET A 114 20.20 -0.66 25.69
CA MET A 114 19.42 -1.79 25.14
C MET A 114 20.28 -2.92 24.55
N TYR A 115 21.33 -2.58 23.83
CA TYR A 115 22.06 -3.62 23.09
C TYR A 115 22.80 -4.66 23.96
N PRO A 116 23.27 -4.30 25.19
CA PRO A 116 23.76 -5.42 26.02
C PRO A 116 22.63 -6.36 26.41
N ALA A 117 21.41 -5.84 26.56
CA ALA A 117 20.27 -6.73 26.84
C ALA A 117 19.95 -7.63 25.64
N TYR A 118 19.97 -7.06 24.44
CA TYR A 118 19.80 -7.81 23.19
C TYR A 118 20.85 -8.96 23.09
N ALA A 119 22.10 -8.68 23.46
CA ALA A 119 23.17 -9.73 23.42
C ALA A 119 22.80 -10.89 24.36
N LYS A 120 22.20 -10.56 25.49
CA LYS A 120 21.73 -11.59 26.43
C LYS A 120 20.51 -12.38 25.91
N TRP A 121 19.49 -11.69 25.39
CA TRP A 121 18.22 -12.32 25.03
C TRP A 121 18.29 -13.13 23.74
N ILE A 122 19.19 -12.75 22.83
CA ILE A 122 19.27 -13.43 21.53
C ILE A 122 20.33 -14.55 21.54
N ARG A 123 19.89 -15.79 21.33
CA ARG A 123 20.82 -16.93 21.35
C ARG A 123 20.71 -17.78 20.12
N SER A 124 19.57 -17.70 19.44
CA SER A 124 19.20 -18.71 18.45
C SER A 124 18.34 -18.03 17.38
N HIS A 125 18.29 -18.60 16.17
CA HIS A 125 17.46 -18.06 15.09
CA HIS A 125 17.47 -18.04 15.11
C HIS A 125 16.01 -17.93 15.53
N ARG A 126 15.61 -18.74 16.52
CA ARG A 126 14.20 -18.72 16.91
C ARG A 126 13.87 -17.54 17.84
N ASP A 127 14.88 -16.87 18.35
CA ASP A 127 14.68 -15.60 19.09
C ASP A 127 14.47 -14.39 18.19
N LEU A 128 14.43 -14.58 16.87
CA LEU A 128 14.50 -13.49 15.94
C LEU A 128 13.26 -13.57 15.06
N PRO A 129 12.76 -12.41 14.56
CA PRO A 129 13.31 -11.08 14.75
C PRO A 129 12.99 -10.58 16.15
N LEU A 130 13.83 -9.75 16.74
CA LEU A 130 13.43 -9.10 17.98
C LEU A 130 13.08 -7.64 17.67
N LYS A 131 11.89 -7.20 18.10
CA LYS A 131 11.45 -5.87 17.67
C LYS A 131 10.89 -5.09 18.82
N LEU A 132 11.65 -4.11 19.29
CA LEU A 132 11.20 -3.33 20.44
C LEU A 132 11.13 -1.86 20.11
N ASN A 133 10.29 -1.15 20.85
CA ASN A 133 10.17 0.29 20.74
C ASN A 133 10.05 0.84 22.14
N GLN A 134 10.44 2.09 22.35
CA GLN A 134 9.96 2.73 23.58
C GLN A 134 9.58 4.19 23.35
N TRP A 135 8.57 4.65 24.08
CA TRP A 135 8.24 6.08 24.18
C TRP A 135 8.90 6.63 25.45
N CYS A 136 9.67 7.71 25.33
CA CYS A 136 10.34 8.28 26.49
C CYS A 136 10.89 9.63 26.12
N SER A 137 11.60 10.23 27.06
CA SER A 137 12.27 11.45 26.71
C SER A 137 13.74 11.17 26.71
N VAL A 138 14.45 12.05 26.04
CA VAL A 138 15.85 11.95 25.88
C VAL A 138 16.44 13.33 26.19
N VAL A 139 17.70 13.38 26.65
CA VAL A 139 18.35 14.67 26.97
C VAL A 139 19.65 14.82 26.21
N ARG A 140 19.79 15.96 25.52
CA ARG A 140 21.04 16.28 24.84
C ARG A 140 21.33 17.77 25.10
N TRP A 141 22.53 18.07 25.59
CA TRP A 141 22.89 19.47 25.87
C TRP A 141 23.33 20.10 24.55
N GLU A 142 22.33 20.32 23.68
CA GLU A 142 22.49 20.87 22.36
C GLU A 142 23.33 22.14 22.43
N PHE A 143 24.33 22.23 21.56
CA PHE A 143 25.14 23.43 21.36
C PHE A 143 24.41 24.51 20.56
N LYS A 144 23.62 24.11 19.57
CA LYS A 144 22.84 25.07 18.76
C LYS A 144 21.74 25.74 19.58
N GLN A 145 21.39 26.94 19.15
CA GLN A 145 20.35 27.71 19.74
C GLN A 145 19.08 26.85 19.88
N PRO A 146 18.47 26.85 21.06
CA PRO A 146 17.27 26.03 21.24
C PRO A 146 16.07 26.64 20.53
N THR A 147 15.19 25.78 20.03
CA THR A 147 13.93 26.21 19.44
C THR A 147 12.83 25.28 19.96
N PRO A 148 11.73 25.85 20.50
CA PRO A 148 10.60 25.01 20.93
C PRO A 148 10.20 24.02 19.82
N PHE A 149 10.00 22.77 20.23
CA PHE A 149 9.74 21.62 19.37
C PHE A 149 10.92 21.14 18.55
N LEU A 150 11.45 22.03 17.70
CA LEU A 150 12.47 21.71 16.73
C LEU A 150 13.80 21.27 17.25
N ARG A 151 14.33 22.01 18.21
CA ARG A 151 15.56 21.62 18.85
C ARG A 151 15.40 21.98 20.33
N THR A 152 15.34 20.97 21.20
CA THR A 152 15.17 21.21 22.61
C THR A 152 16.19 20.32 23.33
N ARG A 153 16.51 20.67 24.57
CA ARG A 153 17.47 19.91 25.37
C ARG A 153 16.87 18.71 26.07
N GLU A 154 15.61 18.77 26.42
CA GLU A 154 14.85 17.56 26.67
C GLU A 154 13.83 17.44 25.55
N PHE A 155 13.69 16.27 24.91
CA PHE A 155 12.58 16.10 23.94
C PHE A 155 11.95 14.74 24.11
N LEU A 156 10.66 14.64 23.77
CA LEU A 156 9.94 13.38 23.77
C LEU A 156 10.14 12.73 22.43
N TRP A 157 10.25 11.42 22.45
CA TRP A 157 10.32 10.68 21.18
C TRP A 157 9.86 9.25 21.34
N GLN A 158 9.90 8.51 20.24
CA GLN A 158 9.98 7.05 20.37
C GLN A 158 11.29 6.69 19.73
N GLU A 159 11.88 5.57 20.19
CA GLU A 159 13.00 4.95 19.48
C GLU A 159 12.68 3.45 19.31
N GLY A 160 12.78 2.96 18.08
CA GLY A 160 12.65 1.53 17.78
C GLY A 160 14.02 0.96 17.44
N HIS A 161 14.26 -0.27 17.91
CA HIS A 161 15.50 -0.98 17.70
C HIS A 161 15.12 -2.42 17.43
N THR A 162 15.47 -2.94 16.28
CA THR A 162 15.11 -4.30 15.92
C THR A 162 16.36 -5.11 15.53
N ALA A 163 16.24 -6.45 15.62
CA ALA A 163 17.33 -7.33 15.21
C ALA A 163 16.76 -8.49 14.39
N HIS A 164 17.40 -8.79 13.27
CA HIS A 164 16.86 -9.78 12.32
C HIS A 164 17.94 -10.79 11.93
N ALA A 165 17.51 -11.96 11.44
CA ALA A 165 18.45 -12.99 10.91
C ALA A 165 19.10 -12.59 9.60
N THR A 166 18.48 -11.71 8.83
CA THR A 166 19.03 -11.35 7.50
C THR A 166 18.91 -9.85 7.25
N GLU A 167 19.83 -9.34 6.42
CA GLU A 167 19.81 -7.94 5.97
C GLU A 167 18.50 -7.63 5.27
N GLU A 168 18.09 -8.56 4.42
CA GLU A 168 16.90 -8.36 3.61
C GLU A 168 15.67 -8.06 4.50
N GLU A 169 15.50 -8.83 5.57
CA GLU A 169 14.37 -8.62 6.45
C GLU A 169 14.52 -7.28 7.26
N ALA A 170 15.76 -6.95 7.60
CA ALA A 170 16.04 -5.69 8.27
C ALA A 170 15.70 -4.48 7.36
N TRP A 171 16.13 -4.54 6.10
CA TRP A 171 15.87 -3.49 5.12
C TRP A 171 14.39 -3.29 4.87
N GLU A 172 13.66 -4.39 4.71
CA GLU A 172 12.25 -4.34 4.57
C GLU A 172 11.64 -3.52 5.72
N LEU A 173 12.13 -3.74 6.95
CA LEU A 173 11.55 -3.05 8.10
C LEU A 173 11.93 -1.55 8.13
N VAL A 174 13.18 -1.27 7.79
CA VAL A 174 13.64 0.10 7.68
C VAL A 174 12.67 0.87 6.79
N LEU A 175 12.26 0.26 5.67
CA LEU A 175 11.40 0.93 4.67
C LEU A 175 9.95 1.02 5.10
N ASP A 176 9.45 -0.01 5.80
CA ASP A 176 8.12 0.02 6.40
C ASP A 176 8.02 1.11 7.49
N ILE A 177 9.05 1.25 8.32
CA ILE A 177 9.06 2.30 9.35
C ILE A 177 9.08 3.69 8.65
N LEU A 178 9.96 3.84 7.65
CA LEU A 178 10.00 5.09 6.91
C LEU A 178 8.63 5.48 6.30
N GLU A 179 7.91 4.51 5.75
CA GLU A 179 6.60 4.75 5.21
C GLU A 179 5.66 5.23 6.33
N LEU A 180 5.81 4.65 7.52
CA LEU A 180 5.04 5.13 8.67
C LEU A 180 5.37 6.57 9.07
N TYR A 181 6.65 6.96 9.01
CA TYR A 181 6.98 8.39 9.27
C TYR A 181 6.35 9.32 8.21
N ARG A 182 6.33 8.88 6.95
CA ARG A 182 5.66 9.66 5.89
C ARG A 182 4.20 9.83 6.30
N ARG A 183 3.59 8.77 6.78
CA ARG A 183 2.17 8.79 7.14
C ARG A 183 1.94 9.72 8.37
N TRP A 184 2.78 9.58 9.38
CA TRP A 184 2.79 10.48 10.55
C TRP A 184 2.77 11.95 10.09
N TYR A 185 3.67 12.31 9.18
CA TYR A 185 3.68 13.67 8.67
C TYR A 185 2.58 14.01 7.72
N GLU A 186 2.38 13.16 6.72
CA GLU A 186 1.53 13.55 5.62
C GLU A 186 0.07 13.31 5.99
N GLU A 187 -0.23 12.17 6.62
CA GLU A 187 -1.63 11.84 6.90
C GLU A 187 -2.16 12.48 8.21
N CYS A 188 -1.35 12.51 9.27
CA CYS A 188 -1.80 13.13 10.54
C CYS A 188 -1.57 14.63 10.49
N LEU A 189 -0.37 15.08 10.15
CA LEU A 189 0.02 16.48 10.28
C LEU A 189 -0.16 17.29 9.02
N ALA A 190 -0.51 16.62 7.91
CA ALA A 190 -0.64 17.25 6.61
C ALA A 190 0.60 17.97 6.15
N VAL A 191 1.75 17.45 6.58
CA VAL A 191 3.04 18.00 6.11
C VAL A 191 3.70 17.10 5.07
N PRO A 192 3.95 17.62 3.86
CA PRO A 192 4.60 16.81 2.85
C PRO A 192 6.05 16.61 3.15
N VAL A 193 6.55 15.40 2.90
CA VAL A 193 7.96 15.08 3.18
C VAL A 193 8.55 14.31 2.02
N ILE A 194 9.89 14.27 1.96
CA ILE A 194 10.60 13.65 0.87
C ILE A 194 11.44 12.52 1.44
N LYS A 195 11.13 11.27 1.02
CA LYS A 195 11.91 10.11 1.44
C LYS A 195 13.24 10.14 0.69
N GLY A 196 14.30 9.78 1.41
CA GLY A 196 15.60 9.79 0.81
C GLY A 196 16.65 9.04 1.61
N GLU A 197 17.82 8.89 1.01
CA GLU A 197 18.94 8.24 1.64
C GLU A 197 19.90 9.36 2.04
N LYS A 198 20.43 9.30 3.24
CA LYS A 198 21.50 10.23 3.63
C LYS A 198 22.80 9.92 2.90
N SER A 199 23.55 10.98 2.62
CA SER A 199 24.93 10.88 2.16
C SER A 199 25.79 10.18 3.20
N GLU A 200 26.95 9.68 2.76
CA GLU A 200 27.98 9.12 3.68
C GLU A 200 28.36 10.09 4.81
N GLY A 201 28.46 11.38 4.50
CA GLY A 201 28.82 12.38 5.50
C GLY A 201 27.73 12.65 6.51
N GLU A 202 26.46 12.44 6.13
CA GLU A 202 25.35 12.80 6.99
C GLU A 202 24.71 11.60 7.68
N LYS A 203 25.05 10.39 7.24
CA LYS A 203 24.37 9.21 7.81
C LYS A 203 24.77 8.96 9.27
N PHE A 204 24.04 8.11 9.98
CA PHE A 204 24.47 7.69 11.29
C PHE A 204 25.73 6.87 11.12
N ALA A 205 26.81 7.27 11.80
CA ALA A 205 28.14 6.67 11.59
C ALA A 205 28.10 5.25 12.10
N GLY A 206 27.27 5.01 13.11
CA GLY A 206 27.08 3.66 13.64
C GLY A 206 26.34 2.69 12.69
N GLY A 207 25.82 3.17 11.56
CA GLY A 207 25.08 2.27 10.68
C GLY A 207 25.65 2.11 9.29
N LYS A 208 24.98 1.31 8.48
CA LYS A 208 25.35 1.05 7.09
C LYS A 208 24.67 2.03 6.13
N LYS A 209 23.38 2.29 6.37
CA LYS A 209 22.63 3.18 5.50
C LYS A 209 21.55 3.89 6.33
N THR A 210 21.42 5.20 6.16
CA THR A 210 20.39 5.91 6.90
C THR A 210 19.36 6.41 5.91
N THR A 211 18.08 6.11 6.16
CA THR A 211 17.01 6.73 5.34
C THR A 211 16.31 7.81 6.13
N THR A 212 15.64 8.72 5.45
CA THR A 212 15.16 9.91 6.11
C THR A 212 13.89 10.39 5.40
N VAL A 213 13.06 11.13 6.14
CA VAL A 213 12.09 11.98 5.51
C VAL A 213 12.50 13.41 5.82
N GLU A 214 12.55 14.24 4.76
CA GLU A 214 12.97 15.65 4.89
C GLU A 214 11.81 16.57 4.60
N ALA A 215 11.71 17.64 5.39
CA ALA A 215 10.67 18.64 5.18
C ALA A 215 11.31 20.00 4.88
N PHE A 216 10.51 20.96 4.40
CA PHE A 216 11.05 22.27 3.98
C PHE A 216 10.27 23.39 4.65
N ILE A 217 10.97 24.35 5.26
CA ILE A 217 10.32 25.57 5.80
C ILE A 217 10.53 26.81 4.89
N PRO A 218 9.54 27.13 4.03
CA PRO A 218 9.63 28.25 3.07
C PRO A 218 10.10 29.57 3.70
N GLU A 219 9.53 29.94 4.83
CA GLU A 219 9.77 31.29 5.42
C GLU A 219 11.22 31.53 5.76
N ASN A 220 12.04 30.49 5.90
CA ASN A 220 13.46 30.72 6.10
C ASN A 220 14.35 29.90 5.17
N GLY A 221 13.73 29.24 4.19
CA GLY A 221 14.42 28.41 3.20
C GLY A 221 15.26 27.24 3.71
N ARG A 222 15.00 26.77 4.92
CA ARG A 222 15.82 25.69 5.47
C ARG A 222 15.18 24.30 5.57
N GLY A 223 15.85 23.32 4.96
CA GLY A 223 15.43 21.93 5.03
C GLY A 223 15.54 21.47 6.47
N ILE A 224 14.74 20.46 6.84
CA ILE A 224 14.75 19.95 8.20
C ILE A 224 14.44 18.46 8.22
N GLN A 225 15.24 17.68 8.93
CA GLN A 225 15.05 16.25 8.97
C GLN A 225 13.86 15.92 9.86
N ALA A 226 12.89 15.24 9.27
CA ALA A 226 11.65 15.02 9.95
C ALA A 226 11.65 13.79 10.85
N ALA A 227 12.44 12.76 10.49
CA ALA A 227 12.48 11.49 11.23
C ALA A 227 13.50 10.66 10.52
N THR A 228 13.87 9.52 11.10
CA THR A 228 15.02 8.83 10.62
C THR A 228 14.86 7.32 10.79
N SER A 229 15.32 6.54 9.80
CA SER A 229 15.25 5.08 9.89
C SER A 229 16.55 4.42 9.37
N HIS A 230 17.27 3.70 10.22
CA HIS A 230 18.66 3.26 9.83
C HIS A 230 18.72 1.77 9.55
N LEU A 231 19.38 1.35 8.47
CA LEU A 231 19.82 -0.03 8.35
C LEU A 231 21.17 -0.10 9.04
N LEU A 232 21.25 -0.75 10.19
CA LEU A 232 22.47 -0.67 10.98
C LEU A 232 23.56 -1.65 10.53
N GLY A 233 23.17 -2.65 9.75
CA GLY A 233 24.07 -3.70 9.30
C GLY A 233 24.40 -4.54 10.50
N THR A 234 25.59 -5.12 10.51
CA THR A 234 25.97 -6.02 11.58
C THR A 234 26.99 -5.32 12.46
N ASN A 235 27.23 -4.03 12.26
CA ASN A 235 28.31 -3.48 13.11
C ASN A 235 28.05 -3.36 14.61
N PHE A 236 26.80 -3.09 15.02
CA PHE A 236 26.54 -3.06 16.47
C PHE A 236 26.53 -4.49 17.02
N ALA A 237 26.11 -5.43 16.18
CA ALA A 237 26.09 -6.83 16.60
C ALA A 237 27.55 -7.26 16.92
N LYS A 238 28.52 -6.85 16.11
CA LYS A 238 29.96 -7.15 16.45
C LYS A 238 30.35 -6.47 17.75
N MET A 239 30.09 -5.16 17.83
CA MET A 239 30.39 -4.39 19.01
C MET A 239 29.80 -4.98 20.29
N PHE A 240 28.51 -5.32 20.29
CA PHE A 240 27.91 -5.77 21.54
C PHE A 240 27.89 -7.25 21.69
N GLU A 241 28.39 -7.96 20.68
CA GLU A 241 28.36 -9.43 20.63
C GLU A 241 26.93 -9.93 20.59
N ILE A 242 26.12 -9.39 19.66
CA ILE A 242 24.77 -9.89 19.52
C ILE A 242 24.81 -10.94 18.43
N GLU A 243 24.85 -12.19 18.87
CA GLU A 243 25.01 -13.32 17.97
C GLU A 243 23.93 -14.37 18.16
N PHE A 244 23.67 -15.13 17.11
CA PHE A 244 22.75 -16.26 17.25
C PHE A 244 23.25 -17.47 16.47
N GLU A 245 22.90 -18.64 16.99
CA GLU A 245 23.10 -19.88 16.25
C GLU A 245 22.00 -20.04 15.21
N ASP A 246 22.38 -20.14 13.92
CA ASP A 246 21.38 -20.40 12.84
C ASP A 246 20.92 -21.85 12.91
N GLU A 247 20.06 -22.28 11.98
CA GLU A 247 19.51 -23.65 12.04
C GLU A 247 20.49 -24.80 11.77
N GLU A 248 21.72 -24.48 11.40
CA GLU A 248 22.75 -25.47 11.22
C GLU A 248 23.74 -25.38 12.35
N GLY A 249 23.50 -24.49 13.29
CA GLY A 249 24.37 -24.40 14.45
C GLY A 249 25.54 -23.47 14.34
N HIS A 250 25.63 -22.69 13.27
CA HIS A 250 26.69 -21.69 13.14
C HIS A 250 26.33 -20.37 13.84
N LYS A 251 27.32 -19.73 14.45
CA LYS A 251 27.19 -18.39 15.01
C LYS A 251 27.11 -17.39 13.88
N ARG A 252 26.05 -16.57 13.91
CA ARG A 252 25.91 -15.44 13.01
C ARG A 252 25.61 -14.13 13.74
N LEU A 253 25.98 -13.00 13.11
CA LEU A 253 25.72 -11.68 13.65
C LEU A 253 24.30 -11.30 13.27
N VAL A 254 23.56 -10.67 14.19
CA VAL A 254 22.22 -10.14 13.77
C VAL A 254 22.36 -8.90 12.90
N HIS A 255 21.34 -8.64 12.08
CA HIS A 255 21.26 -7.45 11.26
C HIS A 255 20.26 -6.52 11.92
N GLN A 256 20.67 -5.30 12.22
CA GLN A 256 19.70 -4.52 12.97
C GLN A 256 19.24 -3.23 12.34
N THR A 257 18.19 -2.65 12.95
CA THR A 257 17.64 -1.35 12.54
C THR A 257 17.39 -0.50 13.80
N SER A 258 17.31 0.81 13.60
CA SER A 258 16.77 1.69 14.63
C SER A 258 16.22 2.91 13.96
N TRP A 259 15.33 3.60 14.66
CA TRP A 259 14.55 4.63 14.05
C TRP A 259 13.95 5.48 15.13
N GLY A 260 13.74 6.76 14.85
CA GLY A 260 13.12 7.58 15.86
C GLY A 260 12.55 8.83 15.25
N CYS A 261 11.64 9.45 16.00
CA CYS A 261 10.92 10.63 15.53
C CYS A 261 10.46 11.31 16.80
N THR A 262 10.52 12.65 16.80
CA THR A 262 10.34 13.41 18.04
C THR A 262 9.22 14.45 17.99
N THR A 263 9.06 15.19 19.09
CA THR A 263 8.10 16.30 19.17
C THR A 263 8.47 17.42 18.19
N ARG A 264 9.67 17.35 17.61
CA ARG A 264 9.97 18.20 16.43
C ARG A 264 8.84 18.25 15.37
N SER A 265 8.19 17.09 15.14
CA SER A 265 7.07 17.00 14.19
C SER A 265 5.98 18.05 14.49
N LEU A 266 5.69 18.33 15.77
CA LEU A 266 4.68 19.34 16.07
C LEU A 266 5.08 20.74 15.55
N GLY A 267 6.37 21.07 15.69
CA GLY A 267 6.94 22.33 15.20
C GLY A 267 6.90 22.46 13.69
N VAL A 268 7.29 21.40 13.00
CA VAL A 268 7.12 21.36 11.55
C VAL A 268 5.67 21.65 11.11
N MET A 269 4.70 21.00 11.77
CA MET A 269 3.30 21.21 11.45
C MET A 269 2.88 22.67 11.69
N ILE A 270 3.23 23.22 12.86
CA ILE A 270 2.93 24.62 13.21
C ILE A 270 3.45 25.56 12.12
N MET A 271 4.70 25.40 11.76
CA MET A 271 5.31 26.23 10.76
C MET A 271 4.69 26.06 9.38
N THR A 272 4.34 24.83 9.00
CA THR A 272 3.79 24.58 7.70
C THR A 272 2.43 25.28 7.53
N HIS A 273 1.51 25.16 8.48
CA HIS A 273 0.16 25.59 8.21
C HIS A 273 -0.21 26.98 8.79
N GLY A 274 0.65 27.58 9.59
CA GLY A 274 0.22 28.76 10.32
C GLY A 274 0.15 29.94 9.35
N ASP A 275 -0.60 30.96 9.73
CA ASP A 275 -0.72 32.16 8.89
C ASP A 275 -0.64 33.37 9.82
N ASP A 276 -0.94 34.56 9.30
CA ASP A 276 -0.81 35.81 10.07
C ASP A 276 -1.71 35.85 11.28
N LYS A 277 -2.84 35.18 11.26
CA LYS A 277 -3.66 35.16 12.48
C LYS A 277 -3.16 34.20 13.57
N GLY A 278 -2.28 33.27 13.24
CA GLY A 278 -1.82 32.29 14.25
C GLY A 278 -1.78 30.87 13.71
N LEU A 279 -2.12 29.89 14.56
CA LEU A 279 -2.00 28.47 14.18
C LEU A 279 -3.14 28.09 13.23
N VAL A 280 -2.93 27.04 12.46
CA VAL A 280 -4.01 26.34 11.81
C VAL A 280 -3.73 24.87 12.08
N ILE A 281 -4.58 24.18 12.84
CA ILE A 281 -4.27 22.79 13.18
C ILE A 281 -5.10 21.86 12.27
N PRO A 282 -4.43 20.92 11.59
CA PRO A 282 -5.16 19.94 10.76
C PRO A 282 -6.19 19.21 11.61
N PRO A 283 -7.43 19.08 11.12
CA PRO A 283 -8.52 18.43 11.86
C PRO A 283 -8.18 17.03 12.42
N ARG A 284 -7.34 16.24 11.76
CA ARG A 284 -7.06 14.90 12.26
C ARG A 284 -6.35 14.89 13.59
N VAL A 285 -5.66 15.99 13.95
CA VAL A 285 -4.94 16.05 15.21
C VAL A 285 -5.39 17.13 16.19
N ALA A 286 -6.38 17.95 15.83
CA ALA A 286 -6.80 19.06 16.73
C ALA A 286 -7.52 18.60 18.01
N SER A 287 -7.12 19.12 19.20
CA SER A 287 -7.87 18.82 20.46
C SER A 287 -9.33 19.11 20.23
N VAL A 288 -9.59 20.27 19.65
CA VAL A 288 -10.97 20.70 19.34
C VAL A 288 -11.07 20.89 17.82
N GLN A 289 -12.01 20.21 17.20
CA GLN A 289 -12.21 20.31 15.75
C GLN A 289 -13.24 21.38 15.41
N VAL A 290 -14.27 21.49 16.25
CA VAL A 290 -15.32 22.45 16.05
C VAL A 290 -15.52 23.15 17.36
N VAL A 291 -15.31 24.46 17.40
CA VAL A 291 -15.65 25.25 18.57
C VAL A 291 -17.00 25.91 18.31
N ILE A 292 -17.92 25.73 19.25
CA ILE A 292 -19.23 26.32 19.16
C ILE A 292 -19.22 27.63 19.94
N ILE A 293 -19.56 28.72 19.26
CA ILE A 293 -19.56 30.05 19.86
C ILE A 293 -20.95 30.67 19.87
N PRO A 294 -21.54 30.71 21.05
CA PRO A 294 -22.86 31.31 21.17
C PRO A 294 -22.75 32.84 20.97
N ILE A 295 -23.62 33.42 20.15
CA ILE A 295 -23.55 34.88 20.05
C ILE A 295 -24.30 35.49 21.23
N LEU A 296 -23.56 35.72 22.32
CA LEU A 296 -24.09 36.26 23.58
C LEU A 296 -23.25 37.41 24.10
N PHE A 297 -23.82 38.24 24.96
CA PHE A 297 -23.12 39.43 25.45
C PHE A 297 -23.23 39.66 26.96
N THR A 302 -30.32 33.17 29.24
CA THR A 302 -31.74 32.77 29.29
C THR A 302 -31.96 31.27 29.04
N GLY A 303 -30.94 30.59 28.53
CA GLY A 303 -30.99 29.14 28.26
C GLY A 303 -31.37 28.70 26.85
N GLU A 304 -31.90 29.62 26.05
CA GLU A 304 -32.31 29.27 24.69
C GLU A 304 -31.10 28.95 23.80
N ILE A 305 -30.07 29.80 23.87
CA ILE A 305 -28.90 29.63 23.03
C ILE A 305 -27.92 28.55 23.54
N LEU A 306 -27.54 28.61 24.81
CA LEU A 306 -26.69 27.56 25.39
C LEU A 306 -27.37 26.19 25.26
N GLY A 307 -28.64 26.13 25.64
CA GLY A 307 -29.45 24.94 25.47
C GLY A 307 -29.28 24.33 24.09
N LYS A 308 -29.40 25.16 23.05
CA LYS A 308 -29.23 24.67 21.68
C LYS A 308 -27.79 24.22 21.36
N CYS A 309 -26.81 24.97 21.84
CA CYS A 309 -25.39 24.62 21.70
C CYS A 309 -25.08 23.22 22.31
N ARG A 310 -25.57 22.97 23.52
CA ARG A 310 -25.45 21.65 24.14
CA ARG A 310 -25.50 21.64 24.16
C ARG A 310 -26.12 20.57 23.26
N GLU A 311 -27.32 20.83 22.77
CA GLU A 311 -27.93 19.86 21.85
C GLU A 311 -27.08 19.62 20.60
N LEU A 312 -26.48 20.67 20.07
CA LEU A 312 -25.62 20.54 18.89
C LEU A 312 -24.34 19.74 19.18
N LYS A 313 -23.75 20.00 20.34
CA LYS A 313 -22.53 19.38 20.76
C LYS A 313 -22.71 17.85 20.82
N THR A 314 -23.80 17.45 21.47
CA THR A 314 -24.18 16.06 21.64
C THR A 314 -24.32 15.40 20.26
N MET A 315 -25.01 16.10 19.36
CA MET A 315 -25.25 15.60 18.00
C MET A 315 -23.95 15.41 17.17
N LEU A 316 -22.99 16.32 17.33
CA LEU A 316 -21.74 16.23 16.60
C LEU A 316 -20.83 15.19 17.26
N GLU A 317 -20.88 15.11 18.60
CA GLU A 317 -20.12 14.12 19.35
C GLU A 317 -20.50 12.68 19.00
N LYS A 318 -21.75 12.46 18.58
CA LYS A 318 -22.16 11.15 18.06
C LYS A 318 -21.45 10.81 16.74
N ALA A 319 -20.99 11.81 16.00
CA ALA A 319 -20.24 11.56 14.75
C ALA A 319 -18.71 11.54 14.97
N ASP A 320 -18.31 11.47 16.26
CA ASP A 320 -16.89 11.51 16.71
C ASP A 320 -16.15 12.84 16.47
N ILE A 321 -16.92 13.92 16.33
CA ILE A 321 -16.35 15.25 16.26
C ILE A 321 -15.98 15.77 17.67
N ARG A 322 -14.76 16.28 17.82
CA ARG A 322 -14.31 16.84 19.07
C ARG A 322 -14.72 18.32 19.10
N VAL A 323 -15.57 18.65 20.07
CA VAL A 323 -16.33 19.91 20.07
C VAL A 323 -16.07 20.52 21.42
N ARG A 324 -15.84 21.83 21.47
CA ARG A 324 -15.97 22.54 22.74
C ARG A 324 -16.99 23.70 22.56
N ILE A 325 -17.80 24.00 23.58
CA ILE A 325 -18.62 25.24 23.58
C ILE A 325 -17.89 26.34 24.34
N ASP A 326 -17.62 27.47 23.70
CA ASP A 326 -17.05 28.57 24.48
C ASP A 326 -18.16 29.44 25.13
N ASP A 327 -18.65 28.99 26.29
CA ASP A 327 -19.70 29.71 27.01
C ASP A 327 -19.18 30.68 28.09
N ARG A 328 -17.95 31.17 27.96
CA ARG A 328 -17.39 32.12 28.91
C ARG A 328 -18.12 33.49 28.95
N SER A 329 -18.16 34.07 30.15
CA SER A 329 -19.02 35.21 30.47
C SER A 329 -18.55 36.57 29.96
N ASN A 330 -17.28 36.88 30.21
CA ASN A 330 -16.85 38.26 30.09
C ASN A 330 -16.10 38.57 28.80
N TYR A 331 -16.49 37.89 27.72
CA TYR A 331 -15.83 38.03 26.42
C TYR A 331 -16.88 38.14 25.32
N THR A 332 -16.63 39.04 24.39
CA THR A 332 -17.54 39.21 23.27
C THR A 332 -17.33 38.08 22.25
N PRO A 333 -18.32 37.84 21.39
CA PRO A 333 -18.11 36.82 20.36
C PRO A 333 -16.86 37.08 19.55
N GLY A 334 -16.64 38.35 19.17
CA GLY A 334 -15.48 38.72 18.35
C GLY A 334 -14.14 38.44 19.02
N TRP A 335 -14.08 38.64 20.34
CA TRP A 335 -12.89 38.27 21.09
C TRP A 335 -12.72 36.72 20.99
N LYS A 336 -13.81 35.98 21.14
CA LYS A 336 -13.75 34.51 21.07
C LYS A 336 -13.32 34.02 19.69
N TYR A 337 -13.91 34.60 18.63
CA TYR A 337 -13.51 34.23 17.27
C TYR A 337 -11.98 34.29 17.21
N ASN A 338 -11.44 35.44 17.56
CA ASN A 338 -10.00 35.65 17.45
C ASN A 338 -9.22 34.63 18.28
N HIS A 339 -9.67 34.41 19.52
CA HIS A 339 -9.00 33.51 20.45
C HIS A 339 -8.85 32.10 19.85
N TRP A 340 -9.94 31.58 19.27
CA TRP A 340 -9.91 30.26 18.70
C TRP A 340 -9.22 30.19 17.36
N GLU A 341 -9.13 31.33 16.67
CA GLU A 341 -8.32 31.40 15.46
C GLU A 341 -6.83 31.34 15.73
N VAL A 342 -6.37 32.03 16.78
CA VAL A 342 -4.97 31.99 17.19
C VAL A 342 -4.62 30.55 17.59
N LYS A 343 -5.56 29.87 18.25
CA LYS A 343 -5.33 28.47 18.61
C LYS A 343 -5.40 27.52 17.39
N GLY A 344 -5.98 27.99 16.29
CA GLY A 344 -6.04 27.17 15.07
C GLY A 344 -7.12 26.10 15.00
N VAL A 345 -8.19 26.23 15.79
CA VAL A 345 -9.36 25.35 15.67
C VAL A 345 -9.83 25.38 14.23
N PRO A 346 -9.92 24.22 13.57
CA PRO A 346 -10.18 24.29 12.14
C PRO A 346 -11.58 24.77 11.78
N LEU A 347 -12.55 24.60 12.67
CA LEU A 347 -13.93 25.02 12.40
C LEU A 347 -14.55 25.78 13.55
N ARG A 348 -15.19 26.90 13.24
CA ARG A 348 -15.97 27.65 14.22
C ARG A 348 -17.44 27.53 13.85
N LEU A 349 -18.26 27.20 14.84
CA LEU A 349 -19.70 27.17 14.64
C LEU A 349 -20.34 28.32 15.41
N GLU A 350 -20.96 29.26 14.69
CA GLU A 350 -21.56 30.44 15.34
C GLU A 350 -23.06 30.23 15.50
N LEU A 351 -23.59 30.47 16.69
CA LEU A 351 -25.02 30.30 16.89
C LEU A 351 -25.58 31.50 17.65
N GLY A 352 -26.30 32.35 16.94
CA GLY A 352 -26.96 33.50 17.58
C GLY A 352 -28.49 33.47 17.48
N PRO A 353 -29.13 34.50 18.05
CA PRO A 353 -30.60 34.55 17.99
C PRO A 353 -31.15 34.36 16.60
N LYS A 354 -30.57 35.00 15.58
CA LYS A 354 -31.05 34.85 14.20
C LYS A 354 -30.95 33.39 13.72
N ASP A 355 -29.86 32.72 14.09
CA ASP A 355 -29.62 31.31 13.74
C ASP A 355 -30.63 30.41 14.44
N LEU A 356 -30.83 30.67 15.73
CA LEU A 356 -31.83 29.95 16.51
C LEU A 356 -33.21 30.10 15.87
N ALA A 357 -33.55 31.32 15.47
CA ALA A 357 -34.80 31.61 14.75
C ALA A 357 -34.98 30.86 13.42
N LYS A 358 -33.89 30.53 12.73
CA LYS A 358 -34.00 29.94 11.39
C LYS A 358 -33.69 28.42 11.30
N GLY A 359 -33.25 27.83 12.41
CA GLY A 359 -32.87 26.41 12.43
C GLY A 359 -31.54 26.09 11.74
N THR A 360 -30.62 27.04 11.76
CA THR A 360 -29.39 26.92 11.03
C THR A 360 -28.22 27.39 11.88
N ALA A 361 -27.02 27.18 11.36
CA ALA A 361 -25.82 27.61 12.03
C ALA A 361 -24.89 28.12 10.96
N ARG A 362 -24.05 29.08 11.34
CA ARG A 362 -23.04 29.62 10.46
C ARG A 362 -21.65 29.02 10.78
N VAL A 363 -21.02 28.41 9.79
CA VAL A 363 -19.76 27.71 10.04
C VAL A 363 -18.69 28.35 9.22
N VAL A 364 -17.55 28.60 9.84
CA VAL A 364 -16.47 29.31 9.21
C VAL A 364 -15.25 28.43 9.34
N ARG A 365 -14.54 28.22 8.23
CA ARG A 365 -13.36 27.41 8.25
C ARG A 365 -12.12 28.27 8.40
N ARG A 366 -11.17 27.77 9.18
CA ARG A 366 -10.04 28.55 9.64
C ARG A 366 -8.98 28.77 8.57
N ASP A 367 -8.83 27.79 7.67
CA ASP A 367 -7.77 27.86 6.68
C ASP A 367 -7.98 28.95 5.60
N THR A 368 -9.20 29.07 5.08
CA THR A 368 -9.56 30.06 4.04
C THR A 368 -10.50 31.20 4.52
N GLY A 369 -11.15 31.00 5.65
CA GLY A 369 -12.15 31.94 6.12
C GLY A 369 -13.52 31.80 5.45
N GLU A 370 -13.70 30.83 4.57
CA GLU A 370 -15.02 30.64 3.94
C GLU A 370 -16.10 30.30 4.97
N ALA A 371 -17.31 30.83 4.74
CA ALA A 371 -18.43 30.68 5.64
C ALA A 371 -19.51 29.81 5.04
N TYR A 372 -20.20 29.02 5.84
CA TYR A 372 -21.26 28.16 5.31
C TYR A 372 -22.49 28.27 6.20
N GLN A 373 -23.67 28.40 5.60
CA GLN A 373 -24.94 28.30 6.30
C GLN A 373 -25.42 26.85 6.26
N ILE A 374 -25.67 26.27 7.43
CA ILE A 374 -25.97 24.84 7.45
C ILE A 374 -27.14 24.55 8.37
N SER A 375 -28.10 23.78 7.88
CA SER A 375 -29.26 23.47 8.68
C SER A 375 -28.84 22.47 9.74
N TRP A 376 -29.47 22.54 10.90
CA TRP A 376 -29.07 21.68 12.04
C TRP A 376 -28.96 20.19 11.69
N ALA A 377 -29.90 19.71 10.91
CA ALA A 377 -29.95 18.30 10.52
C ALA A 377 -28.73 17.90 9.67
N ASP A 378 -28.23 18.84 8.89
CA ASP A 378 -27.09 18.62 8.03
C ASP A 378 -25.70 18.82 8.67
N LEU A 379 -25.65 19.28 9.92
CA LEU A 379 -24.37 19.68 10.50
C LEU A 379 -23.31 18.56 10.54
N ALA A 380 -23.66 17.42 11.14
CA ALA A 380 -22.71 16.34 11.30
C ALA A 380 -22.07 15.89 9.97
N PRO A 381 -22.89 15.54 8.95
CA PRO A 381 -22.30 15.20 7.66
C PRO A 381 -21.53 16.32 6.97
N LYS A 382 -22.04 17.55 7.03
CA LYS A 382 -21.38 18.67 6.33
C LYS A 382 -20.01 19.01 6.98
N LEU A 383 -19.95 18.89 8.31
CA LEU A 383 -18.74 19.17 9.05
C LEU A 383 -17.65 18.11 8.83
N LEU A 384 -18.04 16.82 8.83
CA LEU A 384 -17.18 15.71 8.37
C LEU A 384 -16.60 15.99 7.01
N GLU A 385 -17.46 16.33 6.07
CA GLU A 385 -17.01 16.67 4.74
C GLU A 385 -16.02 17.87 4.75
N LEU A 386 -16.34 18.92 5.51
CA LEU A 386 -15.49 20.13 5.60
C LEU A 386 -14.10 19.80 6.19
N MET A 387 -14.07 18.95 7.20
CA MET A 387 -12.83 18.54 7.85
C MET A 387 -11.92 17.77 6.93
N GLU A 388 -12.48 16.84 6.15
CA GLU A 388 -11.71 16.11 5.15
C GLU A 388 -11.17 17.11 4.12
N GLY A 389 -11.99 18.10 3.74
CA GLY A 389 -11.59 19.15 2.79
C GLY A 389 -10.44 20.03 3.32
N ILE A 390 -10.55 20.43 4.59
CA ILE A 390 -9.53 21.26 5.19
C ILE A 390 -8.23 20.46 5.31
N GLN A 391 -8.33 19.24 5.83
CA GLN A 391 -7.17 18.36 5.99
C GLN A 391 -6.45 18.27 4.65
N ARG A 392 -7.19 17.93 3.60
CA ARG A 392 -6.58 17.71 2.27
C ARG A 392 -6.02 18.98 1.63
N SER A 393 -6.75 20.07 1.79
CA SER A 393 -6.35 21.31 1.21
C SER A 393 -5.10 21.88 1.94
N LEU A 394 -5.00 21.78 3.26
CA LEU A 394 -3.71 22.08 3.96
C LEU A 394 -2.51 21.31 3.36
N PHE A 395 -2.69 20.00 3.14
CA PHE A 395 -1.63 19.18 2.60
C PHE A 395 -1.25 19.59 1.19
N GLU A 396 -2.27 19.74 0.34
CA GLU A 396 -2.02 20.08 -1.06
CA GLU A 396 -2.13 20.15 -1.08
C GLU A 396 -1.38 21.47 -1.22
N LYS A 397 -1.84 22.47 -0.46
CA LYS A 397 -1.16 23.78 -0.48
C LYS A 397 0.27 23.68 0.04
N ALA A 398 0.48 22.91 1.13
CA ALA A 398 1.85 22.73 1.63
C ALA A 398 2.70 22.02 0.56
N LYS A 399 2.13 21.00 -0.09
CA LYS A 399 2.87 20.28 -1.14
C LYS A 399 3.28 21.18 -2.31
N ALA A 400 2.37 22.02 -2.79
CA ALA A 400 2.73 23.01 -3.82
C ALA A 400 3.85 23.95 -3.38
N ARG A 401 3.83 24.44 -2.14
CA ARG A 401 4.90 25.30 -1.62
C ARG A 401 6.26 24.55 -1.49
N LEU A 402 6.18 23.26 -1.19
CA LEU A 402 7.38 22.45 -1.17
C LEU A 402 8.02 22.42 -2.57
N HIS A 403 7.22 22.07 -3.59
CA HIS A 403 7.85 21.90 -4.89
CA HIS A 403 7.70 21.94 -4.99
C HIS A 403 8.25 23.26 -5.53
N GLU A 404 7.60 24.35 -5.12
CA GLU A 404 8.02 25.70 -5.52
C GLU A 404 9.33 26.09 -4.83
N GLY A 405 9.70 25.35 -3.78
CA GLY A 405 10.86 25.71 -2.96
C GLY A 405 12.10 24.98 -3.42
N ILE A 406 11.95 24.17 -4.46
CA ILE A 406 13.06 23.36 -4.95
C ILE A 406 13.40 23.74 -6.38
N GLU A 407 14.65 24.15 -6.57
CA GLU A 407 15.21 24.50 -7.88
C GLU A 407 16.15 23.38 -8.33
N LYS A 408 15.84 22.79 -9.48
CA LYS A 408 16.72 21.87 -10.18
C LYS A 408 17.78 22.68 -10.92
N ILE A 409 19.05 22.38 -10.62
CA ILE A 409 20.20 23.07 -11.22
C ILE A 409 21.22 22.08 -11.83
N SER A 410 22.11 22.61 -12.67
CA SER A 410 23.13 21.83 -13.39
C SER A 410 24.53 22.15 -12.94
N THR A 411 24.74 23.37 -12.44
CA THR A 411 26.10 23.84 -12.18
C THR A 411 26.20 24.60 -10.88
N PHE A 412 27.42 24.61 -10.35
CA PHE A 412 27.67 25.26 -9.08
C PHE A 412 27.31 26.76 -9.03
N ASP A 413 27.40 27.44 -10.18
CA ASP A 413 27.10 28.87 -10.29
C ASP A 413 25.65 29.17 -10.00
N GLU A 414 24.79 28.17 -10.09
CA GLU A 414 23.38 28.41 -9.83
C GLU A 414 23.02 28.25 -8.34
N VAL A 415 24.00 27.86 -7.53
CA VAL A 415 23.74 27.58 -6.11
C VAL A 415 23.37 28.81 -5.28
N MET A 416 24.28 29.78 -5.18
CA MET A 416 24.05 30.94 -4.30
C MET A 416 22.81 31.73 -4.70
N PRO A 417 22.57 31.92 -6.00
CA PRO A 417 21.31 32.60 -6.28
C PRO A 417 20.05 31.84 -5.79
N ALA A 418 20.12 30.50 -5.84
CA ALA A 418 19.02 29.64 -5.38
C ALA A 418 18.89 29.74 -3.87
N LEU A 419 20.02 29.70 -3.17
CA LEU A 419 19.98 29.79 -1.71
C LEU A 419 19.48 31.16 -1.22
N ASN A 420 19.76 32.20 -2.02
CA ASN A 420 19.30 33.55 -1.69
C ASN A 420 17.82 33.71 -1.93
N ARG A 421 17.28 32.88 -2.81
CA ARG A 421 15.83 32.84 -3.00
C ARG A 421 15.12 31.97 -1.93
N LYS A 422 15.86 31.58 -0.88
CA LYS A 422 15.34 30.72 0.21
CA LYS A 422 15.34 30.72 0.21
C LYS A 422 14.75 29.42 -0.37
N HIS A 423 15.52 28.81 -1.26
CA HIS A 423 15.11 27.63 -1.99
C HIS A 423 16.08 26.51 -1.72
N LEU A 424 15.62 25.28 -1.92
CA LEU A 424 16.54 24.16 -1.80
C LEU A 424 17.07 23.91 -3.19
N VAL A 425 18.18 23.18 -3.33
CA VAL A 425 18.57 22.80 -4.67
C VAL A 425 18.69 21.30 -4.95
N LEU A 426 18.24 20.92 -6.13
CA LEU A 426 18.29 19.53 -6.53
C LEU A 426 19.33 19.49 -7.64
N ALA A 427 20.42 18.75 -7.43
CA ALA A 427 21.54 18.83 -8.38
C ALA A 427 22.13 17.46 -8.62
N PRO A 428 22.62 17.22 -9.83
CA PRO A 428 23.27 15.92 -10.01
C PRO A 428 24.57 15.92 -9.26
N TRP A 429 24.85 14.84 -8.56
CA TRP A 429 26.01 14.81 -7.67
C TRP A 429 26.77 13.51 -7.78
N CYS A 430 28.10 13.61 -7.87
CA CYS A 430 28.93 12.40 -8.04
C CYS A 430 29.03 11.60 -6.76
N GLU A 431 28.61 12.23 -5.66
CA GLU A 431 28.54 11.57 -4.35
C GLU A 431 29.86 11.22 -3.69
N ASP A 432 31.00 11.71 -4.19
CA ASP A 432 32.23 11.42 -3.43
C ASP A 432 32.29 12.22 -2.09
N PRO A 433 32.82 11.60 -1.03
CA PRO A 433 32.72 12.18 0.33
C PRO A 433 33.38 13.55 0.53
N GLU A 434 34.56 13.76 -0.07
CA GLU A 434 35.30 15.00 0.12
C GLU A 434 34.59 16.21 -0.49
N SER A 435 33.90 16.00 -1.63
CA SER A 435 33.12 17.06 -2.26
C SER A 435 32.03 17.67 -1.36
N GLU A 436 31.36 16.84 -0.53
CA GLU A 436 30.34 17.41 0.35
C GLU A 436 31.01 18.34 1.35
N GLU A 437 32.11 17.91 1.95
CA GLU A 437 32.88 18.81 2.83
C GLU A 437 33.28 20.11 2.12
N GLN A 438 33.75 20.00 0.88
CA GLN A 438 34.15 21.19 0.12
C GLN A 438 32.99 22.12 -0.20
N ILE A 439 31.84 21.54 -0.55
CA ILE A 439 30.66 22.34 -0.87
C ILE A 439 30.14 23.04 0.38
N LYS A 440 30.12 22.31 1.51
CA LYS A 440 29.87 22.95 2.79
C LYS A 440 30.72 24.22 3.02
N LYS A 441 32.04 24.11 2.86
CA LYS A 441 32.97 25.26 3.00
C LYS A 441 32.79 26.38 1.97
N GLU A 442 32.79 26.05 0.66
CA GLU A 442 32.55 27.12 -0.32
C GLU A 442 31.25 27.89 -0.06
N THR A 443 30.15 27.19 0.21
CA THR A 443 28.86 27.86 0.47
C THR A 443 28.86 28.63 1.81
N GLN A 444 29.56 28.09 2.80
CA GLN A 444 29.83 28.82 4.04
C GLN A 444 30.53 30.17 3.76
N LYS A 445 31.77 30.14 3.24
CA LYS A 445 32.52 31.38 2.93
C LYS A 445 31.72 32.35 2.05
N LEU A 446 31.01 31.84 1.06
CA LEU A 446 30.29 32.73 0.18
C LEU A 446 29.08 33.36 0.85
N SER A 447 28.52 32.66 1.85
CA SER A 447 27.37 33.18 2.60
C SER A 447 27.81 34.38 3.46
N GLU A 448 28.98 34.25 4.08
CA GLU A 448 29.58 35.29 4.92
C GLU A 448 29.77 36.64 4.22
N ILE A 449 30.09 36.61 2.94
CA ILE A 449 30.17 37.83 2.13
C ILE A 449 28.78 38.46 1.88
N THR A 462 25.67 27.96 9.72
CA THR A 462 24.29 28.40 9.52
C THR A 462 23.99 28.82 8.07
N GLY A 463 25.00 29.34 7.38
CA GLY A 463 24.87 29.69 5.96
C GLY A 463 25.29 28.54 5.03
N ALA A 464 25.98 27.54 5.57
CA ALA A 464 26.50 26.41 4.77
C ALA A 464 25.37 25.60 4.16
N MET A 465 25.53 25.27 2.89
CA MET A 465 24.68 24.32 2.21
C MET A 465 25.18 22.88 2.44
N LYS A 466 24.33 22.02 3.00
CA LYS A 466 24.69 20.59 3.11
C LYS A 466 23.70 19.69 2.36
N THR A 467 24.04 18.41 2.16
CA THR A 467 23.07 17.45 1.57
C THR A 467 21.94 17.23 2.58
N LEU A 468 20.71 17.19 2.09
CA LEU A 468 19.55 16.83 2.91
C LEU A 468 19.29 15.34 2.71
N CYS A 469 19.16 14.91 1.45
CA CYS A 469 19.01 13.50 1.16
C CYS A 469 19.16 13.25 -0.33
N ILE A 470 19.41 11.98 -0.68
CA ILE A 470 19.31 11.54 -2.09
C ILE A 470 17.90 10.93 -2.24
N PRO A 471 16.95 11.66 -2.86
CA PRO A 471 15.55 11.19 -2.86
C PRO A 471 15.31 9.84 -3.59
N PHE A 472 14.43 9.02 -3.02
CA PHE A 472 13.97 7.78 -3.63
C PHE A 472 13.35 8.18 -4.95
N ASP A 473 12.60 9.28 -4.94
CA ASP A 473 11.99 9.80 -6.14
C ASP A 473 12.98 10.56 -7.03
N GLN A 474 13.70 9.83 -7.89
CA GLN A 474 14.72 10.45 -8.77
C GLN A 474 14.18 11.08 -10.06
N PRO A 475 14.41 12.39 -10.26
CA PRO A 475 14.08 12.99 -11.57
C PRO A 475 14.90 12.31 -12.67
N PRO A 476 14.48 12.44 -13.95
CA PRO A 476 15.25 11.78 -15.02
C PRO A 476 16.74 12.24 -15.02
N MET A 477 17.66 11.35 -15.34
CA MET A 477 19.08 11.73 -15.42
C MET A 477 19.55 11.47 -16.87
N PRO A 478 19.52 12.51 -17.71
CA PRO A 478 19.99 12.34 -19.13
C PRO A 478 21.37 11.72 -19.18
N GLU A 479 21.57 10.80 -20.12
CA GLU A 479 22.87 10.15 -20.24
C GLU A 479 23.97 11.19 -20.39
N GLY A 480 25.13 10.93 -19.78
CA GLY A 480 26.24 11.88 -19.79
C GLY A 480 26.17 13.07 -18.83
N THR A 481 25.21 13.11 -17.91
CA THR A 481 25.08 14.27 -17.03
C THR A 481 26.29 14.32 -16.09
N LYS A 482 26.76 15.52 -15.80
CA LYS A 482 27.94 15.74 -14.94
C LYS A 482 27.56 16.22 -13.52
N CYS A 483 28.35 15.84 -12.51
CA CYS A 483 28.25 16.42 -11.16
C CYS A 483 28.24 17.96 -11.23
N PHE A 484 27.35 18.62 -10.49
CA PHE A 484 27.22 20.09 -10.55
C PHE A 484 28.49 20.75 -10.02
N TYR A 485 29.32 19.97 -9.35
CA TYR A 485 30.44 20.54 -8.66
C TYR A 485 31.76 20.04 -9.21
N THR A 486 31.95 18.73 -9.26
CA THR A 486 33.24 18.21 -9.69
C THR A 486 33.35 18.12 -11.19
N GLY A 487 32.24 18.10 -11.92
CA GLY A 487 32.29 17.81 -13.34
C GLY A 487 32.47 16.34 -13.67
N LYS A 488 32.72 15.48 -12.68
CA LYS A 488 32.77 14.02 -12.92
C LYS A 488 31.40 13.47 -13.34
N PRO A 489 31.34 12.19 -13.80
CA PRO A 489 29.99 11.68 -14.13
C PRO A 489 29.05 11.70 -12.89
N ALA A 490 27.80 12.08 -13.13
CA ALA A 490 26.82 12.25 -12.05
C ALA A 490 26.00 10.99 -11.90
N LYS A 491 25.93 10.53 -10.65
CA LYS A 491 25.17 9.34 -10.27
C LYS A 491 23.66 9.62 -10.29
N ARG A 492 23.25 10.36 -9.27
CA ARG A 492 21.88 10.55 -8.89
C ARG A 492 21.76 12.02 -8.62
N TRP A 493 20.52 12.47 -8.47
CA TRP A 493 20.21 13.79 -8.00
C TRP A 493 20.26 13.77 -6.48
N THR A 494 20.91 14.78 -5.93
CA THR A 494 20.90 15.00 -4.49
C THR A 494 20.17 16.29 -4.10
N LEU A 495 19.36 16.23 -3.05
CA LEU A 495 18.72 17.44 -2.52
C LEU A 495 19.63 18.13 -1.50
N TRP A 496 19.89 19.43 -1.67
CA TRP A 496 20.75 20.22 -0.75
C TRP A 496 19.99 21.44 -0.25
N GLY A 497 20.44 22.02 0.85
CA GLY A 497 19.95 23.34 1.25
C GLY A 497 20.64 23.74 2.53
N ARG A 498 20.30 24.94 2.99
CA ARG A 498 20.53 25.31 4.38
C ARG A 498 19.57 24.46 5.21
N SER A 499 19.94 24.20 6.46
CA SER A 499 19.10 23.35 7.30
C SER A 499 19.16 23.65 8.78
N TYR A 500 18.33 22.94 9.54
CA TYR A 500 18.33 23.03 10.98
C TYR A 500 19.34 22.05 11.53
N MET B 3 -9.08 24.03 -27.40
CA MET B 3 -8.25 24.66 -28.48
C MET B 3 -6.74 24.60 -28.18
N VAL B 4 -5.94 24.28 -29.19
CA VAL B 4 -4.48 24.27 -29.04
C VAL B 4 -3.92 25.71 -29.23
N THR B 5 -3.00 26.13 -28.35
CA THR B 5 -2.51 27.52 -28.29
C THR B 5 -0.98 27.68 -28.38
N ALA B 6 -0.21 26.70 -27.92
CA ALA B 6 1.23 26.72 -28.18
C ALA B 6 1.45 26.52 -29.69
N LYS B 7 2.43 27.23 -30.23
CA LYS B 7 2.77 27.19 -31.64
C LYS B 7 3.80 26.09 -31.84
N LYS B 8 3.58 25.23 -32.84
CA LYS B 8 4.41 24.04 -33.03
C LYS B 8 5.89 24.40 -33.19
N ASP B 9 6.17 25.41 -34.00
CA ASP B 9 7.53 25.85 -34.27
C ASP B 9 8.17 26.56 -33.05
N GLU B 10 7.37 27.16 -32.18
CA GLU B 10 7.91 27.95 -31.07
C GLU B 10 8.16 27.23 -29.77
N ASN B 11 7.11 26.70 -29.14
CA ASN B 11 7.34 25.86 -27.97
C ASN B 11 6.84 24.41 -28.23
N PHE B 12 7.73 23.60 -28.77
CA PHE B 12 7.38 22.31 -29.34
C PHE B 12 6.91 21.32 -28.26
N SER B 13 7.63 21.28 -27.14
CA SER B 13 7.22 20.48 -25.96
C SER B 13 5.83 20.78 -25.50
N GLU B 14 5.49 22.06 -25.41
CA GLU B 14 4.21 22.47 -24.89
C GLU B 14 3.15 22.19 -25.97
N TRP B 15 3.51 22.42 -27.22
CA TRP B 15 2.62 22.05 -28.31
C TRP B 15 2.23 20.55 -28.21
N TYR B 16 3.23 19.69 -28.02
CA TYR B 16 3.02 18.24 -28.03
C TYR B 16 2.07 17.81 -26.91
N THR B 17 2.33 18.34 -25.71
CA THR B 17 1.52 18.08 -24.55
C THR B 17 0.09 18.53 -24.77
N GLN B 18 -0.06 19.76 -25.26
CA GLN B 18 -1.40 20.27 -25.47
C GLN B 18 -2.12 19.41 -26.49
N ALA B 19 -1.39 19.05 -27.57
CA ALA B 19 -1.96 18.28 -28.67
C ALA B 19 -2.43 16.90 -28.22
N ILE B 20 -1.60 16.21 -27.44
CA ILE B 20 -1.97 14.83 -27.05
C ILE B 20 -3.10 14.85 -26.01
N VAL B 21 -3.13 15.89 -25.17
CA VAL B 21 -4.13 15.96 -24.12
C VAL B 21 -5.47 16.43 -24.70
N ARG B 22 -5.47 17.55 -25.40
CA ARG B 22 -6.72 18.13 -25.92
C ARG B 22 -7.37 17.30 -27.03
N SER B 23 -6.57 16.48 -27.75
CA SER B 23 -7.16 15.51 -28.70
C SER B 23 -7.82 14.34 -28.01
N GLU B 24 -7.69 14.28 -26.69
CA GLU B 24 -8.16 13.12 -25.94
C GLU B 24 -7.40 11.81 -26.34
N MET B 25 -6.12 11.92 -26.67
CA MET B 25 -5.34 10.73 -26.95
C MET B 25 -4.76 10.09 -25.68
N ILE B 26 -4.37 10.94 -24.74
CA ILE B 26 -3.51 10.59 -23.59
C ILE B 26 -4.13 11.18 -22.33
N GLU B 27 -4.18 10.42 -21.25
CA GLU B 27 -4.47 10.98 -19.93
C GLU B 27 -3.23 10.76 -19.04
N TYR B 28 -2.81 11.81 -18.32
CA TYR B 28 -1.61 11.72 -17.46
C TYR B 28 -2.03 10.91 -16.26
N TYR B 29 -1.05 10.43 -15.51
CA TYR B 29 -1.29 9.38 -14.56
C TYR B 29 -0.37 9.67 -13.40
N ASP B 30 -0.56 9.03 -12.25
CA ASP B 30 0.21 9.41 -11.06
C ASP B 30 1.54 8.69 -10.97
N ILE B 31 1.70 7.57 -11.66
CA ILE B 31 3.02 6.93 -11.73
C ILE B 31 3.82 7.56 -12.88
N SER B 32 4.91 8.23 -12.57
CA SER B 32 5.56 9.01 -13.61
C SER B 32 6.17 8.13 -14.74
N GLY B 33 6.06 8.65 -15.95
CA GLY B 33 6.52 7.95 -17.16
C GLY B 33 5.55 6.89 -17.66
N CYS B 34 4.36 6.82 -17.05
CA CYS B 34 3.26 5.94 -17.46
C CYS B 34 2.07 6.80 -17.81
N TYR B 35 1.33 6.38 -18.84
CA TYR B 35 0.26 7.23 -19.41
C TYR B 35 -0.89 6.36 -19.85
N ILE B 36 -2.09 6.91 -19.74
CA ILE B 36 -3.27 6.25 -20.20
C ILE B 36 -3.45 6.49 -21.71
N MET B 37 -3.64 5.43 -22.48
CA MET B 37 -3.93 5.59 -23.90
C MET B 37 -5.43 5.53 -24.03
N ARG B 38 -6.04 6.65 -24.38
CA ARG B 38 -7.49 6.69 -24.66
C ARG B 38 -7.79 6.16 -26.07
N PRO B 39 -9.08 5.85 -26.39
CA PRO B 39 -9.47 5.28 -27.69
C PRO B 39 -8.94 6.00 -28.91
N TRP B 40 -8.88 7.34 -28.84
CA TRP B 40 -8.50 8.09 -30.02
C TRP B 40 -7.08 7.70 -30.40
N ALA B 41 -6.20 7.55 -29.41
CA ALA B 41 -4.85 7.01 -29.67
C ALA B 41 -4.89 5.49 -29.88
N PHE B 42 -5.62 4.77 -29.02
CA PHE B 42 -5.49 3.32 -29.03
C PHE B 42 -5.93 2.68 -30.37
N HIS B 43 -7.00 3.21 -30.95
CA HIS B 43 -7.46 2.78 -32.28
C HIS B 43 -6.33 2.78 -33.32
N ILE B 44 -5.47 3.78 -33.25
CA ILE B 44 -4.34 3.84 -34.17
C ILE B 44 -3.39 2.67 -33.95
N TRP B 45 -3.12 2.35 -32.68
CA TRP B 45 -2.34 1.15 -32.33
C TRP B 45 -2.98 -0.11 -32.91
N GLU B 46 -4.30 -0.25 -32.75
CA GLU B 46 -4.99 -1.40 -33.29
C GLU B 46 -4.79 -1.50 -34.81
N LYS B 47 -4.87 -0.38 -35.51
CA LYS B 47 -4.70 -0.35 -36.97
C LYS B 47 -3.35 -0.86 -37.39
N VAL B 48 -2.29 -0.30 -36.82
CA VAL B 48 -0.93 -0.66 -37.26
C VAL B 48 -0.62 -2.08 -36.82
N GLN B 49 -1.22 -2.51 -35.72
CA GLN B 49 -1.04 -3.86 -35.17
CA GLN B 49 -1.00 -3.85 -35.19
C GLN B 49 -1.62 -4.85 -36.16
N ARG B 50 -2.84 -4.57 -36.61
CA ARG B 50 -3.49 -5.45 -37.56
C ARG B 50 -2.69 -5.54 -38.87
N PHE B 51 -2.24 -4.40 -39.38
CA PHE B 51 -1.36 -4.40 -40.52
C PHE B 51 -0.08 -5.24 -40.35
N PHE B 52 0.68 -4.99 -39.30
CA PHE B 52 1.96 -5.68 -39.12
C PHE B 52 1.70 -7.19 -38.88
N ASP B 53 0.67 -7.44 -38.11
CA ASP B 53 0.30 -8.79 -37.80
C ASP B 53 -0.10 -9.60 -39.04
N ASP B 54 -1.02 -9.06 -39.84
CA ASP B 54 -1.40 -9.70 -41.12
C ASP B 54 -0.16 -10.06 -41.97
N GLU B 55 0.79 -9.13 -42.06
CA GLU B 55 1.99 -9.31 -42.84
C GLU B 55 2.96 -10.38 -42.31
N ILE B 56 3.19 -10.42 -41.00
CA ILE B 56 4.15 -11.42 -40.50
C ILE B 56 3.57 -12.80 -40.61
N LYS B 57 2.24 -12.90 -40.49
CA LYS B 57 1.57 -14.17 -40.73
C LYS B 57 1.77 -14.70 -42.16
N LYS B 58 1.86 -13.80 -43.16
CA LYS B 58 2.17 -14.22 -44.53
C LYS B 58 3.58 -14.80 -44.63
N MET B 59 4.47 -14.38 -43.73
CA MET B 59 5.82 -14.92 -43.67
C MET B 59 5.91 -16.20 -42.85
N GLY B 60 4.80 -16.70 -42.32
CA GLY B 60 4.82 -17.86 -41.45
C GLY B 60 5.14 -17.57 -39.97
N VAL B 61 5.21 -16.31 -39.55
CA VAL B 61 5.45 -16.03 -38.13
C VAL B 61 4.17 -16.30 -37.33
N GLU B 62 4.28 -16.95 -36.18
CA GLU B 62 3.11 -17.32 -35.41
C GLU B 62 3.16 -16.60 -34.10
N ASN B 63 1.99 -16.20 -33.59
CA ASN B 63 1.90 -15.46 -32.34
C ASN B 63 1.84 -16.39 -31.16
N SER B 64 2.34 -15.93 -30.02
CA SER B 64 2.38 -16.74 -28.80
C SER B 64 2.26 -15.73 -27.66
N TYR B 65 2.20 -16.23 -26.43
CA TYR B 65 2.27 -15.38 -25.24
C TYR B 65 3.12 -16.03 -24.12
N PHE B 66 4.26 -15.40 -23.82
CA PHE B 66 5.17 -15.81 -22.74
C PHE B 66 4.93 -14.94 -21.49
N PRO B 67 5.24 -15.48 -20.28
CA PRO B 67 4.91 -14.76 -19.04
C PRO B 67 5.59 -13.42 -18.89
N MET B 68 4.95 -12.50 -18.20
CA MET B 68 5.59 -11.23 -17.94
C MET B 68 6.64 -11.34 -16.82
N PHE B 69 6.71 -12.50 -16.15
CA PHE B 69 7.68 -12.66 -15.04
C PHE B 69 8.89 -13.45 -15.42
N VAL B 70 10.03 -13.04 -14.87
CA VAL B 70 11.27 -13.80 -14.99
C VAL B 70 12.00 -13.85 -13.64
N SER B 71 12.44 -15.06 -13.28
CA SER B 71 13.20 -15.28 -12.07
C SER B 71 14.50 -14.47 -12.05
N ARG B 72 14.92 -14.07 -10.87
CA ARG B 72 16.12 -13.26 -10.70
C ARG B 72 17.29 -13.99 -11.36
N HIS B 73 17.41 -15.27 -11.00
CA HIS B 73 18.42 -16.16 -11.50
C HIS B 73 18.50 -16.15 -13.02
N LYS B 74 17.37 -16.37 -13.69
CA LYS B 74 17.32 -16.44 -15.16
C LYS B 74 17.62 -15.11 -15.85
N LEU B 75 17.18 -13.99 -15.26
CA LEU B 75 17.51 -12.67 -15.81
C LEU B 75 19.00 -12.33 -15.72
N GLU B 76 19.62 -12.64 -14.59
CA GLU B 76 21.02 -12.26 -14.34
C GLU B 76 22.08 -13.33 -14.72
N LYS B 77 21.68 -14.36 -15.49
CA LYS B 77 22.60 -15.45 -15.88
C LYS B 77 23.22 -15.21 -17.25
N GLY B 84 24.59 -2.16 -17.44
CA GLY B 84 23.95 -1.07 -18.18
C GLY B 84 22.45 -1.07 -17.94
N PHE B 85 21.86 -2.26 -17.95
CA PHE B 85 20.39 -2.41 -17.88
C PHE B 85 19.79 -2.53 -16.48
N SER B 86 20.59 -2.97 -15.52
CA SER B 86 20.13 -3.23 -14.15
C SER B 86 19.26 -2.18 -13.52
N PRO B 87 19.60 -0.89 -13.66
CA PRO B 87 18.71 0.11 -13.04
C PRO B 87 17.27 0.15 -13.61
N GLU B 88 17.02 -0.45 -14.78
CA GLU B 88 15.73 -0.32 -15.43
C GLU B 88 14.72 -1.42 -15.03
N VAL B 89 15.18 -2.44 -14.32
CA VAL B 89 14.35 -3.60 -14.04
C VAL B 89 13.44 -3.38 -12.84
N ALA B 90 12.14 -3.56 -13.03
CA ALA B 90 11.17 -3.49 -11.93
C ALA B 90 11.08 -4.85 -11.25
N TRP B 91 11.22 -4.84 -9.92
CA TRP B 91 11.20 -6.07 -9.11
C TRP B 91 9.96 -6.20 -8.27
N VAL B 92 9.26 -7.33 -8.46
CA VAL B 92 8.19 -7.75 -7.57
C VAL B 92 8.80 -8.41 -6.34
N THR B 93 8.45 -7.96 -5.15
CA THR B 93 9.06 -8.53 -3.95
C THR B 93 8.08 -9.15 -2.99
N HIS B 94 6.82 -8.75 -3.07
CA HIS B 94 5.84 -9.15 -2.06
C HIS B 94 4.55 -9.59 -2.76
N TYR B 95 3.84 -10.55 -2.16
CA TYR B 95 2.42 -10.79 -2.48
C TYR B 95 1.64 -10.52 -1.23
N GLY B 96 0.68 -9.60 -1.33
CA GLY B 96 0.15 -8.88 -0.18
C GLY B 96 1.27 -8.40 0.73
N ASP B 97 1.18 -8.77 2.01
CA ASP B 97 2.22 -8.41 2.99
C ASP B 97 3.38 -9.39 3.01
N SER B 98 3.24 -10.55 2.35
CA SER B 98 4.29 -11.59 2.40
C SER B 98 5.42 -11.35 1.42
N PRO B 99 6.68 -11.35 1.91
CA PRO B 99 7.82 -11.31 1.00
C PRO B 99 7.89 -12.58 0.19
N LEU B 100 8.21 -12.47 -1.10
CA LEU B 100 8.45 -13.64 -1.94
C LEU B 100 9.75 -14.28 -1.48
N PRO B 101 9.89 -15.63 -1.61
CA PRO B 101 11.21 -16.27 -1.33
C PRO B 101 12.36 -15.66 -2.13
N GLU B 102 12.10 -15.34 -3.40
CA GLU B 102 13.08 -14.63 -4.25
C GLU B 102 12.32 -13.54 -5.06
N LYS B 103 12.88 -12.34 -5.16
CA LYS B 103 12.22 -11.31 -5.95
C LYS B 103 12.11 -11.79 -7.41
N ILE B 104 11.12 -11.25 -8.11
CA ILE B 104 10.84 -11.67 -9.48
C ILE B 104 10.80 -10.42 -10.36
N ALA B 105 11.37 -10.51 -11.55
CA ALA B 105 11.48 -9.32 -12.41
C ALA B 105 10.33 -9.27 -13.39
N ILE B 106 9.83 -8.07 -13.67
CA ILE B 106 8.88 -7.90 -14.75
C ILE B 106 9.69 -7.76 -16.06
N ARG B 107 9.26 -8.43 -17.13
CA ARG B 107 9.99 -8.39 -18.39
C ARG B 107 10.29 -7.06 -19.05
N PRO B 108 11.58 -6.79 -19.24
CA PRO B 108 11.98 -5.61 -20.00
C PRO B 108 12.14 -5.93 -21.49
N THR B 109 12.11 -7.22 -21.80
CA THR B 109 12.37 -7.81 -23.12
C THR B 109 12.43 -9.30 -22.80
N SER B 110 12.18 -10.17 -23.75
CA SER B 110 11.84 -11.56 -23.41
C SER B 110 12.89 -12.64 -23.75
N GLU B 111 14.09 -12.20 -24.13
CA GLU B 111 15.16 -13.15 -24.44
C GLU B 111 15.31 -14.22 -23.36
N THR B 112 15.38 -13.79 -22.10
CA THR B 112 15.66 -14.72 -20.99
C THR B 112 14.45 -15.58 -20.68
N ILE B 113 13.30 -15.20 -21.25
CA ILE B 113 12.05 -15.93 -21.04
C ILE B 113 11.84 -16.91 -22.19
N MET B 114 12.09 -16.48 -23.41
CA MET B 114 11.88 -17.30 -24.58
C MET B 114 13.02 -18.27 -24.88
N TYR B 115 14.27 -17.82 -24.75
CA TYR B 115 15.38 -18.62 -25.27
C TYR B 115 15.56 -20.00 -24.60
N PRO B 116 15.38 -20.11 -23.25
CA PRO B 116 15.40 -21.51 -22.72
C PRO B 116 14.32 -22.42 -23.35
N ALA B 117 13.17 -21.87 -23.71
CA ALA B 117 12.14 -22.71 -24.36
C ALA B 117 12.60 -23.07 -25.78
N TYR B 118 13.25 -22.12 -26.47
CA TYR B 118 13.81 -22.39 -27.79
C TYR B 118 14.82 -23.57 -27.70
N ALA B 119 15.72 -23.52 -26.72
CA ALA B 119 16.73 -24.60 -26.55
C ALA B 119 16.03 -25.97 -26.42
N LYS B 120 14.92 -25.99 -25.68
CA LYS B 120 14.10 -27.21 -25.56
C LYS B 120 13.41 -27.63 -26.86
N TRP B 121 12.81 -26.69 -27.57
CA TRP B 121 11.97 -27.02 -28.74
C TRP B 121 12.76 -27.38 -29.97
N ILE B 122 13.97 -26.85 -30.08
CA ILE B 122 14.78 -27.09 -31.27
C ILE B 122 15.74 -28.29 -31.06
N ARG B 123 15.55 -29.37 -31.82
CA ARG B 123 16.43 -30.58 -31.77
C ARG B 123 17.14 -30.90 -33.09
N SER B 124 16.46 -30.68 -34.22
CA SER B 124 17.05 -30.97 -35.49
C SER B 124 16.63 -29.95 -36.53
N HIS B 125 17.29 -30.00 -37.69
CA HIS B 125 16.98 -29.11 -38.80
C HIS B 125 15.49 -29.08 -39.20
N ARG B 126 14.74 -30.14 -38.88
CA ARG B 126 13.33 -30.16 -39.26
C ARG B 126 12.46 -29.26 -38.37
N ASP B 127 13.02 -28.81 -37.25
CA ASP B 127 12.36 -27.86 -36.35
C ASP B 127 12.56 -26.40 -36.82
N LEU B 128 13.42 -26.19 -37.83
CA LEU B 128 13.76 -24.84 -38.27
C LEU B 128 13.11 -24.51 -39.63
N PRO B 129 12.86 -23.20 -39.91
CA PRO B 129 13.05 -22.08 -38.97
C PRO B 129 11.94 -22.07 -37.92
N LEU B 130 12.25 -21.56 -36.72
CA LEU B 130 11.24 -21.32 -35.70
C LEU B 130 10.98 -19.80 -35.72
N LYS B 131 9.74 -19.39 -36.00
CA LYS B 131 9.41 -17.95 -36.14
C LYS B 131 8.25 -17.56 -35.23
N LEU B 132 8.55 -16.87 -34.13
CA LEU B 132 7.54 -16.50 -33.13
C LEU B 132 7.47 -15.00 -32.90
N ASN B 133 6.28 -14.53 -32.54
CA ASN B 133 6.09 -13.12 -32.25
C ASN B 133 5.24 -13.03 -31.00
N GLN B 134 5.35 -11.94 -30.24
CA GLN B 134 4.24 -11.61 -29.31
C GLN B 134 3.96 -10.11 -29.24
N TRP B 135 2.70 -9.81 -29.07
CA TRP B 135 2.19 -8.50 -28.78
C TRP B 135 2.00 -8.45 -27.27
N CYS B 136 2.69 -7.54 -26.60
CA CYS B 136 2.50 -7.47 -25.14
C CYS B 136 3.00 -6.12 -24.66
N SER B 137 3.00 -5.93 -23.34
CA SER B 137 3.66 -4.72 -22.84
C SER B 137 4.88 -5.12 -22.11
N VAL B 138 5.74 -4.13 -21.96
CA VAL B 138 7.03 -4.32 -21.40
C VAL B 138 7.33 -3.16 -20.44
N VAL B 139 8.12 -3.43 -19.42
CA VAL B 139 8.46 -2.41 -18.42
C VAL B 139 9.94 -2.14 -18.32
N ARG B 140 10.31 -0.87 -18.47
CA ARG B 140 11.66 -0.48 -18.17
C ARG B 140 11.56 0.77 -17.37
N TRP B 141 12.19 0.78 -16.19
CA TRP B 141 12.06 1.91 -15.31
C TRP B 141 13.03 2.97 -15.78
N GLU B 142 12.65 3.70 -16.82
CA GLU B 142 13.60 4.52 -17.56
C GLU B 142 14.11 5.63 -16.62
N PHE B 143 15.43 5.85 -16.65
CA PHE B 143 16.03 7.02 -15.99
C PHE B 143 16.18 8.18 -17.00
N LYS B 144 16.10 7.88 -18.29
CA LYS B 144 16.11 8.92 -19.32
C LYS B 144 14.76 9.61 -19.27
N GLN B 145 14.67 10.80 -19.87
CA GLN B 145 13.46 11.60 -19.87
C GLN B 145 12.27 10.79 -20.47
N PRO B 146 11.19 10.58 -19.71
CA PRO B 146 10.02 9.96 -20.33
C PRO B 146 9.20 10.98 -21.10
N THR B 147 8.55 10.51 -22.15
CA THR B 147 7.77 11.35 -23.04
C THR B 147 6.63 10.48 -23.51
N PRO B 148 5.38 10.95 -23.41
CA PRO B 148 4.30 10.12 -23.92
C PRO B 148 4.59 9.53 -25.30
N PHE B 149 4.24 8.25 -25.45
CA PHE B 149 4.55 7.45 -26.66
C PHE B 149 6.03 7.22 -26.83
N LEU B 150 6.82 8.27 -26.87
CA LEU B 150 8.17 8.10 -27.40
C LEU B 150 9.05 7.31 -26.47
N ARG B 151 8.90 7.55 -25.16
CA ARG B 151 9.70 6.85 -24.18
C ARG B 151 8.93 6.76 -22.89
N THR B 152 8.31 5.60 -22.63
CA THR B 152 7.44 5.44 -21.48
C THR B 152 7.95 4.23 -20.72
N ARG B 153 7.56 4.10 -19.46
CA ARG B 153 8.15 3.09 -18.62
C ARG B 153 7.40 1.78 -18.70
N GLU B 154 6.14 1.84 -19.09
CA GLU B 154 5.45 0.69 -19.64
C GLU B 154 5.12 1.09 -21.08
N PHE B 155 5.42 0.22 -22.04
CA PHE B 155 4.98 0.52 -23.42
C PHE B 155 4.44 -0.75 -24.03
N LEU B 156 3.62 -0.60 -25.06
CA LEU B 156 3.10 -1.71 -25.82
C LEU B 156 4.07 -1.98 -26.98
N TRP B 157 4.35 -3.23 -27.27
CA TRP B 157 5.08 -3.52 -28.47
C TRP B 157 4.71 -4.86 -29.05
N GLN B 158 5.33 -5.23 -30.16
CA GLN B 158 5.47 -6.64 -30.53
C GLN B 158 6.97 -6.91 -30.43
N GLU B 159 7.37 -8.13 -30.06
CA GLU B 159 8.77 -8.54 -30.22
C GLU B 159 8.75 -9.83 -31.00
N GLY B 160 9.47 -9.84 -32.12
CA GLY B 160 9.64 -11.08 -32.91
C GLY B 160 10.97 -11.75 -32.61
N HIS B 161 10.97 -13.08 -32.44
CA HIS B 161 12.22 -13.84 -32.26
C HIS B 161 12.24 -15.11 -33.16
N THR B 162 13.21 -15.20 -34.05
CA THR B 162 13.28 -16.34 -34.92
C THR B 162 14.65 -17.08 -34.82
N ALA B 163 14.65 -18.34 -35.24
CA ALA B 163 15.86 -19.15 -35.26
C ALA B 163 15.93 -19.87 -36.60
N HIS B 164 17.11 -19.84 -37.24
CA HIS B 164 17.26 -20.42 -38.58
C HIS B 164 18.45 -21.36 -38.68
N ALA B 165 18.42 -22.27 -39.66
CA ALA B 165 19.57 -23.17 -39.88
C ALA B 165 20.80 -22.43 -40.42
N THR B 166 20.62 -21.30 -41.08
CA THR B 166 21.75 -20.56 -41.64
C THR B 166 21.67 -19.04 -41.49
N GLU B 167 22.85 -18.40 -41.48
CA GLU B 167 22.94 -16.97 -41.48
C GLU B 167 22.15 -16.30 -42.60
N GLU B 168 22.28 -16.85 -43.82
CA GLU B 168 21.70 -16.27 -45.02
C GLU B 168 20.19 -16.14 -44.85
N GLU B 169 19.52 -17.20 -44.38
CA GLU B 169 18.07 -17.17 -44.12
C GLU B 169 17.65 -16.13 -43.05
N ALA B 170 18.42 -16.06 -41.98
CA ALA B 170 18.16 -15.14 -40.88
C ALA B 170 18.22 -13.72 -41.42
N TRP B 171 19.27 -13.44 -42.19
CA TRP B 171 19.51 -12.11 -42.75
C TRP B 171 18.38 -11.75 -43.70
N GLU B 172 17.98 -12.67 -44.55
CA GLU B 172 16.82 -12.48 -45.41
CA GLU B 172 16.87 -12.38 -45.41
C GLU B 172 15.63 -12.03 -44.55
N LEU B 173 15.41 -12.72 -43.44
CA LEU B 173 14.28 -12.37 -42.56
C LEU B 173 14.45 -11.00 -41.92
N VAL B 174 15.63 -10.70 -41.36
CA VAL B 174 15.93 -9.40 -40.75
C VAL B 174 15.49 -8.29 -41.68
N LEU B 175 15.79 -8.44 -42.99
CA LEU B 175 15.49 -7.39 -43.96
C LEU B 175 14.03 -7.36 -44.36
N ASP B 176 13.39 -8.51 -44.47
CA ASP B 176 11.94 -8.57 -44.74
C ASP B 176 11.17 -7.82 -43.64
N ILE B 177 11.55 -8.09 -42.38
CA ILE B 177 10.95 -7.41 -41.23
C ILE B 177 11.20 -5.91 -41.33
N LEU B 178 12.44 -5.52 -41.62
CA LEU B 178 12.80 -4.11 -41.72
C LEU B 178 11.95 -3.42 -42.76
N GLU B 179 11.64 -4.14 -43.85
CA GLU B 179 10.81 -3.60 -44.90
C GLU B 179 9.34 -3.46 -44.45
N LEU B 180 8.87 -4.39 -43.62
CA LEU B 180 7.55 -4.26 -43.03
C LEU B 180 7.47 -3.04 -42.07
N TYR B 181 8.55 -2.71 -41.38
CA TYR B 181 8.56 -1.55 -40.53
C TYR B 181 8.54 -0.25 -41.34
N ARG B 182 9.30 -0.20 -42.46
CA ARG B 182 9.18 0.91 -43.43
C ARG B 182 7.71 1.11 -43.82
N ARG B 183 7.04 0.00 -44.15
CA ARG B 183 5.64 0.07 -44.56
C ARG B 183 4.72 0.54 -43.39
N TRP B 184 4.92 -0.02 -42.19
CA TRP B 184 4.19 0.43 -40.97
C TRP B 184 4.24 1.98 -40.90
N TYR B 185 5.45 2.53 -40.93
CA TYR B 185 5.57 3.97 -40.91
C TYR B 185 5.09 4.69 -42.20
N GLU B 186 5.62 4.27 -43.34
CA GLU B 186 5.37 4.99 -44.61
C GLU B 186 3.98 4.81 -45.19
N GLU B 187 3.41 3.62 -45.09
CA GLU B 187 2.09 3.37 -45.69
C GLU B 187 0.91 3.59 -44.76
N CYS B 188 1.05 3.22 -43.48
CA CYS B 188 -0.03 3.47 -42.47
C CYS B 188 0.03 4.90 -41.88
N LEU B 189 1.19 5.26 -41.35
CA LEU B 189 1.38 6.52 -40.61
C LEU B 189 1.87 7.69 -41.50
N ALA B 190 2.20 7.40 -42.76
CA ALA B 190 2.69 8.42 -43.70
C ALA B 190 3.88 9.15 -43.15
N VAL B 191 4.78 8.42 -42.46
CA VAL B 191 6.02 8.97 -41.96
C VAL B 191 7.19 8.35 -42.72
N PRO B 192 8.06 9.19 -43.31
CA PRO B 192 9.22 8.71 -44.06
C PRO B 192 10.30 8.31 -43.10
N VAL B 193 10.94 7.19 -43.42
CA VAL B 193 12.02 6.66 -42.59
C VAL B 193 13.24 6.30 -43.47
N ILE B 194 14.40 6.24 -42.84
CA ILE B 194 15.61 5.85 -43.52
C ILE B 194 16.09 4.49 -42.97
N LYS B 195 16.17 3.49 -43.84
CA LYS B 195 16.78 2.19 -43.54
C LYS B 195 18.27 2.32 -43.41
N GLY B 196 18.84 1.62 -42.45
CA GLY B 196 20.24 1.79 -42.17
C GLY B 196 20.70 0.74 -41.22
N GLU B 197 22.00 0.70 -41.01
CA GLU B 197 22.61 -0.24 -40.13
C GLU B 197 23.17 0.64 -39.04
N LYS B 198 23.06 0.20 -37.78
CA LYS B 198 23.60 0.91 -36.64
C LYS B 198 25.10 0.68 -36.55
N SER B 199 25.80 1.62 -35.95
CA SER B 199 27.25 1.51 -35.75
C SER B 199 27.49 0.53 -34.64
N GLU B 200 28.74 0.09 -34.52
CA GLU B 200 29.13 -0.87 -33.47
C GLU B 200 28.83 -0.33 -32.07
N GLY B 201 28.82 0.99 -31.88
CA GLY B 201 28.51 1.61 -30.60
C GLY B 201 27.03 1.70 -30.27
N GLU B 202 26.20 1.67 -31.30
CA GLU B 202 24.77 1.89 -31.15
C GLU B 202 23.95 0.63 -31.33
N LYS B 203 24.60 -0.43 -31.80
CA LYS B 203 23.90 -1.67 -32.07
C LYS B 203 23.60 -2.44 -30.78
N PHE B 204 22.69 -3.39 -30.89
CA PHE B 204 22.39 -4.30 -29.78
C PHE B 204 23.65 -5.13 -29.54
N ALA B 205 24.19 -5.04 -28.32
CA ALA B 205 25.47 -5.66 -28.00
C ALA B 205 25.34 -7.17 -27.94
N GLY B 206 24.13 -7.67 -27.69
CA GLY B 206 23.88 -9.10 -27.77
C GLY B 206 23.86 -9.72 -29.17
N GLY B 207 23.91 -8.88 -30.21
CA GLY B 207 23.84 -9.40 -31.58
C GLY B 207 25.04 -9.09 -32.48
N LYS B 208 24.92 -9.45 -33.75
CA LYS B 208 25.98 -9.26 -34.73
C LYS B 208 25.78 -7.95 -35.48
N LYS B 209 24.59 -7.75 -36.02
CA LYS B 209 24.30 -6.55 -36.79
C LYS B 209 22.87 -6.03 -36.45
N THR B 210 22.75 -4.72 -36.18
CA THR B 210 21.41 -4.13 -35.94
C THR B 210 21.06 -3.22 -37.11
N THR B 211 19.93 -3.51 -37.73
CA THR B 211 19.39 -2.65 -38.75
C THR B 211 18.27 -1.84 -38.11
N THR B 212 17.99 -0.67 -38.66
CA THR B 212 17.13 0.25 -37.97
C THR B 212 16.45 1.06 -39.01
N VAL B 213 15.36 1.71 -38.61
CA VAL B 213 14.56 2.60 -39.43
C VAL B 213 14.57 3.88 -38.61
N GLU B 214 15.01 4.98 -39.21
CA GLU B 214 15.13 6.24 -38.46
C GLU B 214 14.26 7.31 -39.08
N ALA B 215 13.63 8.10 -38.21
CA ALA B 215 12.82 9.26 -38.62
C ALA B 215 13.46 10.55 -38.10
N PHE B 216 12.98 11.70 -38.57
CA PHE B 216 13.57 12.97 -38.18
C PHE B 216 12.47 13.91 -37.70
N ILE B 217 12.69 14.60 -36.59
CA ILE B 217 11.72 15.59 -36.12
C ILE B 217 12.26 16.99 -36.42
N PRO B 218 11.71 17.67 -37.47
CA PRO B 218 12.23 19.02 -37.83
C PRO B 218 12.19 20.05 -36.70
N GLU B 219 11.17 20.01 -35.86
CA GLU B 219 10.96 21.08 -34.86
C GLU B 219 12.02 21.15 -33.76
N ASN B 220 12.81 20.11 -33.61
CA ASN B 220 13.85 20.12 -32.61
C ASN B 220 15.14 19.47 -33.14
N GLY B 221 15.19 19.32 -34.46
CA GLY B 221 16.33 18.72 -35.15
C GLY B 221 16.75 17.32 -34.75
N ARG B 222 15.90 16.58 -34.02
CA ARG B 222 16.33 15.28 -33.51
C ARG B 222 15.96 14.13 -34.42
N GLY B 223 16.89 13.19 -34.62
CA GLY B 223 16.56 11.92 -35.24
C GLY B 223 16.01 10.98 -34.17
N ILE B 224 15.25 9.99 -34.59
CA ILE B 224 14.68 9.01 -33.64
C ILE B 224 14.57 7.60 -34.26
N GLN B 225 15.01 6.60 -33.51
CA GLN B 225 14.94 5.26 -33.98
C GLN B 225 13.49 4.81 -33.96
N ALA B 226 12.98 4.44 -35.10
CA ALA B 226 11.58 4.14 -35.26
C ALA B 226 11.22 2.66 -35.03
N ALA B 227 12.15 1.74 -35.26
CA ALA B 227 11.93 0.29 -35.06
C ALA B 227 13.29 -0.32 -35.29
N THR B 228 13.41 -1.62 -35.04
CA THR B 228 14.73 -2.24 -35.06
C THR B 228 14.65 -3.72 -35.44
N SER B 229 15.66 -4.22 -36.13
CA SER B 229 15.68 -5.60 -36.62
C SER B 229 17.12 -6.08 -36.59
N HIS B 230 17.39 -7.08 -35.74
CA HIS B 230 18.76 -7.50 -35.46
C HIS B 230 19.05 -8.84 -36.09
N LEU B 231 20.21 -8.95 -36.75
CA LEU B 231 20.81 -10.27 -37.06
C LEU B 231 21.58 -10.65 -35.82
N LEU B 232 21.12 -11.69 -35.11
CA LEU B 232 21.79 -11.96 -33.81
C LEU B 232 23.03 -12.86 -33.93
N GLY B 233 23.19 -13.53 -35.08
CA GLY B 233 24.26 -14.52 -35.22
C GLY B 233 23.95 -15.68 -34.30
N THR B 234 25.00 -16.19 -33.65
CA THR B 234 24.87 -17.46 -32.94
C THR B 234 25.23 -17.30 -31.52
N ASN B 235 25.51 -16.09 -31.08
CA ASN B 235 25.87 -15.94 -29.66
C ASN B 235 24.78 -16.28 -28.64
N PHE B 236 23.53 -15.89 -28.90
CA PHE B 236 22.49 -16.27 -27.95
C PHE B 236 22.34 -17.79 -27.96
N ALA B 237 22.52 -18.40 -29.14
CA ALA B 237 22.45 -19.86 -29.25
C ALA B 237 23.57 -20.48 -28.42
N LYS B 238 24.78 -19.88 -28.46
CA LYS B 238 25.85 -20.38 -27.59
C LYS B 238 25.45 -20.24 -26.12
N MET B 239 25.05 -19.02 -25.75
CA MET B 239 24.67 -18.71 -24.37
C MET B 239 23.55 -19.62 -23.83
N PHE B 240 22.52 -19.88 -24.65
CA PHE B 240 21.36 -20.66 -24.20
C PHE B 240 21.42 -22.11 -24.66
N GLU B 241 22.43 -22.44 -25.46
CA GLU B 241 22.59 -23.79 -25.97
C GLU B 241 21.42 -24.20 -26.83
N ILE B 242 21.14 -23.39 -27.84
CA ILE B 242 20.06 -23.66 -28.78
C ILE B 242 20.75 -24.25 -30.01
N GLU B 243 20.70 -25.57 -30.11
CA GLU B 243 21.49 -26.36 -31.07
C GLU B 243 20.62 -27.32 -31.81
N PHE B 244 21.00 -27.68 -33.01
CA PHE B 244 20.27 -28.71 -33.71
C PHE B 244 21.23 -29.66 -34.43
N GLU B 245 20.73 -30.86 -34.72
CA GLU B 245 21.44 -31.72 -35.64
C GLU B 245 21.10 -31.37 -37.08
N ASP B 246 22.12 -31.16 -37.89
CA ASP B 246 21.86 -30.85 -39.28
C ASP B 246 21.58 -32.16 -40.02
N GLU B 247 21.35 -32.08 -41.34
CA GLU B 247 20.97 -33.24 -42.14
C GLU B 247 22.00 -34.39 -42.13
N GLU B 248 23.24 -34.08 -41.72
CA GLU B 248 24.30 -35.07 -41.69
C GLU B 248 24.57 -35.61 -40.28
N GLY B 249 23.90 -35.05 -39.28
CA GLY B 249 24.00 -35.57 -37.92
C GLY B 249 24.94 -34.78 -37.05
N HIS B 250 25.46 -33.68 -37.58
CA HIS B 250 26.37 -32.81 -36.84
C HIS B 250 25.59 -31.75 -36.01
N LYS B 251 26.09 -31.43 -34.82
CA LYS B 251 25.44 -30.44 -33.94
C LYS B 251 25.82 -29.04 -34.35
N ARG B 252 24.82 -28.18 -34.58
CA ARG B 252 25.08 -26.80 -35.01
C ARG B 252 24.27 -25.75 -34.21
N LEU B 253 24.85 -24.56 -34.08
CA LEU B 253 24.16 -23.45 -33.48
C LEU B 253 23.14 -22.84 -34.46
N VAL B 254 21.95 -22.50 -33.95
CA VAL B 254 20.93 -21.77 -34.72
C VAL B 254 21.43 -20.36 -34.97
N HIS B 255 20.94 -19.74 -36.04
CA HIS B 255 21.20 -18.33 -36.32
C HIS B 255 19.90 -17.55 -36.06
N GLN B 256 19.97 -16.54 -35.18
CA GLN B 256 18.75 -15.94 -34.65
C GLN B 256 18.53 -14.50 -35.10
N THR B 257 17.27 -14.08 -35.04
CA THR B 257 16.90 -12.67 -35.21
C THR B 257 15.95 -12.28 -34.09
N SER B 258 15.89 -10.98 -33.84
CA SER B 258 14.83 -10.42 -33.05
C SER B 258 14.53 -9.02 -33.59
N TRP B 259 13.31 -8.58 -33.34
CA TRP B 259 12.87 -7.33 -33.88
C TRP B 259 11.71 -6.76 -33.09
N GLY B 260 11.65 -5.44 -33.04
CA GLY B 260 10.62 -4.78 -32.24
C GLY B 260 10.22 -3.40 -32.67
N CYS B 261 8.95 -3.06 -32.45
CA CYS B 261 8.42 -1.74 -32.72
C CYS B 261 7.33 -1.46 -31.69
N THR B 262 7.27 -0.21 -31.23
CA THR B 262 6.42 0.11 -30.07
C THR B 262 5.40 1.22 -30.38
N THR B 263 4.63 1.57 -29.35
CA THR B 263 3.76 2.73 -29.39
C THR B 263 4.51 4.02 -29.56
N ARG B 264 5.85 3.97 -29.51
CA ARG B 264 6.65 5.09 -30.00
C ARG B 264 6.15 5.58 -31.37
N SER B 265 5.67 4.64 -32.20
CA SER B 265 5.31 4.93 -33.58
C SER B 265 4.19 6.00 -33.66
N LEU B 266 3.28 5.98 -32.70
CA LEU B 266 2.18 6.92 -32.65
C LEU B 266 2.71 8.32 -32.39
N GLY B 267 3.70 8.45 -31.50
CA GLY B 267 4.32 9.77 -31.21
C GLY B 267 4.99 10.38 -32.44
N VAL B 268 5.72 9.55 -33.18
CA VAL B 268 6.41 9.96 -34.39
C VAL B 268 5.38 10.48 -35.38
N MET B 269 4.27 9.78 -35.53
CA MET B 269 3.20 10.23 -36.43
C MET B 269 2.60 11.58 -36.02
N ILE B 270 2.24 11.71 -34.75
CA ILE B 270 1.67 12.91 -34.15
C ILE B 270 2.59 14.07 -34.44
N MET B 271 3.88 13.88 -34.14
CA MET B 271 4.82 14.97 -34.32
C MET B 271 5.04 15.36 -35.77
N THR B 272 5.03 14.35 -36.67
CA THR B 272 5.27 14.56 -38.08
C THR B 272 4.17 15.40 -38.73
N HIS B 273 2.90 15.03 -38.51
CA HIS B 273 1.81 15.68 -39.21
C HIS B 273 1.08 16.83 -38.51
N GLY B 274 1.32 17.03 -37.23
CA GLY B 274 0.55 18.00 -36.46
C GLY B 274 0.86 19.44 -36.92
N ASP B 275 -0.05 20.36 -36.62
CA ASP B 275 0.19 21.76 -36.91
C ASP B 275 -0.36 22.58 -35.74
N ASP B 276 -0.36 23.90 -35.90
CA ASP B 276 -0.81 24.84 -34.88
C ASP B 276 -2.25 24.59 -34.45
N LYS B 277 -3.08 24.05 -35.32
CA LYS B 277 -4.45 23.73 -34.87
C LYS B 277 -4.52 22.42 -34.03
N GLY B 278 -3.46 21.61 -34.05
CA GLY B 278 -3.52 20.33 -33.34
C GLY B 278 -3.10 19.15 -34.20
N LEU B 279 -3.74 18.00 -33.99
CA LEU B 279 -3.29 16.81 -34.69
C LEU B 279 -3.82 16.78 -36.09
N VAL B 280 -3.11 16.04 -36.95
CA VAL B 280 -3.63 15.68 -38.25
C VAL B 280 -3.38 14.16 -38.39
N ILE B 281 -4.45 13.37 -38.48
CA ILE B 281 -4.31 11.92 -38.47
C ILE B 281 -4.51 11.37 -39.90
N PRO B 282 -3.53 10.62 -40.42
CA PRO B 282 -3.62 9.97 -41.76
C PRO B 282 -4.85 9.11 -41.80
N PRO B 283 -5.65 9.23 -42.85
CA PRO B 283 -6.93 8.52 -43.02
C PRO B 283 -6.86 6.99 -42.86
N ARG B 284 -5.74 6.38 -43.26
CA ARG B 284 -5.60 4.93 -43.07
C ARG B 284 -5.64 4.44 -41.65
N VAL B 285 -5.23 5.27 -40.70
CA VAL B 285 -5.26 4.82 -39.30
C VAL B 285 -6.30 5.56 -38.43
N ALA B 286 -6.98 6.55 -39.01
CA ALA B 286 -7.86 7.42 -38.23
C ALA B 286 -9.06 6.64 -37.67
N SER B 287 -9.28 6.76 -36.36
CA SER B 287 -10.48 6.17 -35.75
C SER B 287 -11.76 6.64 -36.49
N VAL B 288 -11.83 7.94 -36.74
CA VAL B 288 -12.92 8.51 -37.54
C VAL B 288 -12.28 9.20 -38.75
N GLN B 289 -12.73 8.85 -39.94
CA GLN B 289 -12.19 9.45 -41.17
C GLN B 289 -13.00 10.66 -41.58
N VAL B 290 -14.31 10.61 -41.32
CA VAL B 290 -15.23 11.68 -41.73
C VAL B 290 -16.13 11.98 -40.57
N VAL B 291 -16.00 13.17 -39.98
CA VAL B 291 -17.00 13.62 -39.01
C VAL B 291 -18.12 14.38 -39.72
N ILE B 292 -19.35 13.98 -39.44
CA ILE B 292 -20.52 14.70 -39.92
C ILE B 292 -21.02 15.64 -38.83
N ILE B 293 -21.03 16.94 -39.14
CA ILE B 293 -21.44 17.98 -38.20
C ILE B 293 -22.71 18.69 -38.69
N PRO B 294 -23.83 18.43 -38.00
CA PRO B 294 -25.11 19.10 -38.31
C PRO B 294 -25.02 20.56 -37.89
N ILE B 295 -25.35 21.48 -38.78
CA ILE B 295 -25.36 22.90 -38.42
C ILE B 295 -26.71 23.18 -37.77
N LEU B 296 -26.71 23.28 -36.45
CA LEU B 296 -27.93 23.71 -35.71
C LEU B 296 -27.54 24.33 -34.37
N PHE B 297 -28.30 25.37 -33.95
CA PHE B 297 -27.97 26.16 -32.75
C PHE B 297 -29.04 26.07 -31.65
N GLY B 303 -36.42 17.95 -36.43
CA GLY B 303 -35.11 17.35 -36.68
C GLY B 303 -34.96 16.68 -38.05
N GLU B 304 -35.16 17.46 -39.12
CA GLU B 304 -35.00 16.99 -40.50
C GLU B 304 -33.53 16.77 -40.89
N ILE B 305 -32.62 17.37 -40.13
CA ILE B 305 -31.20 17.39 -40.48
C ILE B 305 -30.45 16.15 -40.00
N LEU B 306 -30.63 15.81 -38.71
CA LEU B 306 -30.16 14.57 -38.13
C LEU B 306 -30.61 13.36 -38.93
N GLY B 307 -31.82 13.45 -39.51
CA GLY B 307 -32.33 12.44 -40.44
C GLY B 307 -31.39 12.23 -41.62
N LYS B 308 -31.07 13.31 -42.32
CA LYS B 308 -30.19 13.24 -43.48
C LYS B 308 -28.74 12.87 -43.13
N CYS B 309 -28.31 13.27 -41.93
CA CYS B 309 -26.97 12.88 -41.46
C CYS B 309 -26.87 11.35 -41.20
N ARG B 310 -27.95 10.77 -40.67
CA ARG B 310 -28.07 9.31 -40.52
C ARG B 310 -28.02 8.59 -41.86
N GLU B 311 -28.71 9.14 -42.85
CA GLU B 311 -28.73 8.56 -44.18
C GLU B 311 -27.36 8.63 -44.83
N LEU B 312 -26.65 9.72 -44.60
CA LEU B 312 -25.36 9.87 -45.23
C LEU B 312 -24.36 8.94 -44.56
N LYS B 313 -24.50 8.81 -43.23
CA LYS B 313 -23.65 7.91 -42.45
C LYS B 313 -23.80 6.47 -43.00
N THR B 314 -25.05 6.03 -43.13
CA THR B 314 -25.39 4.72 -43.68
C THR B 314 -24.76 4.53 -45.05
N MET B 315 -24.97 5.52 -45.91
CA MET B 315 -24.45 5.48 -47.25
C MET B 315 -22.92 5.39 -47.31
N LEU B 316 -22.23 6.06 -46.39
CA LEU B 316 -20.77 6.09 -46.43
C LEU B 316 -20.13 4.82 -45.87
N GLU B 317 -20.74 4.26 -44.82
CA GLU B 317 -20.26 3.04 -44.20
C GLU B 317 -20.28 1.85 -45.19
N LYS B 318 -21.06 1.99 -46.26
CA LYS B 318 -21.04 1.07 -47.39
C LYS B 318 -19.74 1.14 -48.17
N ALA B 319 -19.07 2.29 -48.12
CA ALA B 319 -17.77 2.44 -48.77
C ALA B 319 -16.62 2.10 -47.82
N ASP B 320 -16.99 1.57 -46.67
CA ASP B 320 -16.04 1.27 -45.58
C ASP B 320 -15.37 2.51 -44.99
N ILE B 321 -16.02 3.66 -45.14
CA ILE B 321 -15.56 4.88 -44.53
C ILE B 321 -15.99 4.89 -43.08
N ARG B 322 -15.05 5.21 -42.19
CA ARG B 322 -15.37 5.30 -40.76
C ARG B 322 -15.95 6.69 -40.38
N VAL B 323 -17.21 6.69 -39.93
CA VAL B 323 -17.99 7.94 -39.79
C VAL B 323 -18.57 8.10 -38.37
N ARG B 324 -18.42 9.28 -37.78
CA ARG B 324 -19.16 9.67 -36.57
C ARG B 324 -20.03 10.92 -36.85
N ILE B 325 -21.28 10.92 -36.39
CA ILE B 325 -22.06 12.15 -36.43
C ILE B 325 -21.97 12.75 -35.06
N ASP B 326 -21.49 14.00 -34.98
CA ASP B 326 -21.41 14.67 -33.68
C ASP B 326 -22.73 15.40 -33.51
N ASP B 327 -23.70 14.72 -32.90
CA ASP B 327 -25.02 15.29 -32.66
C ASP B 327 -25.20 15.85 -31.24
N ARG B 328 -24.09 16.21 -30.60
CA ARG B 328 -24.16 16.63 -29.20
C ARG B 328 -24.89 17.98 -29.01
N SER B 329 -25.65 18.08 -27.92
CA SER B 329 -26.40 19.29 -27.62
C SER B 329 -25.51 20.42 -27.12
N ASN B 330 -25.97 21.65 -27.34
CA ASN B 330 -25.45 22.84 -26.67
C ASN B 330 -23.95 23.08 -26.88
N TYR B 331 -23.41 22.53 -27.97
CA TYR B 331 -22.17 23.03 -28.51
C TYR B 331 -22.53 23.63 -29.85
N THR B 332 -21.91 24.74 -30.20
CA THR B 332 -22.14 25.30 -31.51
C THR B 332 -21.39 24.48 -32.59
N PRO B 333 -21.80 24.63 -33.87
CA PRO B 333 -21.04 23.99 -34.95
C PRO B 333 -19.59 24.44 -34.96
N GLY B 334 -19.35 25.73 -34.72
CA GLY B 334 -18.00 26.24 -34.63
C GLY B 334 -17.15 25.55 -33.57
N TRP B 335 -17.78 25.23 -32.45
CA TRP B 335 -17.13 24.55 -31.35
C TRP B 335 -16.78 23.09 -31.79
N LYS B 336 -17.75 22.40 -32.38
CA LYS B 336 -17.52 21.08 -32.94
C LYS B 336 -16.42 21.08 -34.01
N TYR B 337 -16.40 22.10 -34.88
CA TYR B 337 -15.37 22.16 -35.91
C TYR B 337 -13.98 22.13 -35.28
N ASN B 338 -13.77 23.03 -34.30
CA ASN B 338 -12.48 23.13 -33.62
C ASN B 338 -12.12 21.83 -32.87
N HIS B 339 -13.09 21.23 -32.19
CA HIS B 339 -12.90 20.00 -31.44
C HIS B 339 -12.38 18.87 -32.36
N TRP B 340 -13.01 18.68 -33.51
CA TRP B 340 -12.57 17.66 -34.44
C TRP B 340 -11.27 17.98 -35.15
N GLU B 341 -11.00 19.26 -35.33
CA GLU B 341 -9.73 19.69 -35.87
C GLU B 341 -8.56 19.37 -34.97
N VAL B 342 -8.74 19.60 -33.68
CA VAL B 342 -7.70 19.35 -32.70
C VAL B 342 -7.46 17.84 -32.62
N LYS B 343 -8.50 17.05 -32.77
CA LYS B 343 -8.37 15.60 -32.85
C LYS B 343 -7.72 15.10 -34.17
N GLY B 344 -7.72 15.94 -35.19
CA GLY B 344 -7.09 15.55 -36.42
C GLY B 344 -7.89 14.67 -37.36
N VAL B 345 -9.20 14.68 -37.24
CA VAL B 345 -10.05 13.99 -38.23
C VAL B 345 -9.76 14.56 -39.64
N PRO B 346 -9.40 13.69 -40.60
CA PRO B 346 -8.95 14.17 -41.91
C PRO B 346 -10.01 14.96 -42.67
N LEU B 347 -11.28 14.58 -42.51
CA LEU B 347 -12.35 15.18 -43.27
C LEU B 347 -13.54 15.57 -42.39
N ARG B 348 -14.06 16.78 -42.58
CA ARG B 348 -15.27 17.23 -41.91
C ARG B 348 -16.40 17.43 -42.92
N LEU B 349 -17.59 16.95 -42.61
CA LEU B 349 -18.71 17.10 -43.54
C LEU B 349 -19.82 17.92 -42.88
N GLU B 350 -20.04 19.14 -43.39
CA GLU B 350 -21.03 20.08 -42.83
C GLU B 350 -22.38 19.89 -43.49
N LEU B 351 -23.42 19.70 -42.67
CA LEU B 351 -24.78 19.62 -43.19
C LEU B 351 -25.73 20.59 -42.44
N GLY B 352 -26.12 21.65 -43.16
CA GLY B 352 -27.02 22.66 -42.63
C GLY B 352 -28.27 22.73 -43.49
N PRO B 353 -29.17 23.68 -43.16
CA PRO B 353 -30.43 23.85 -43.87
C PRO B 353 -30.28 24.10 -45.36
N LYS B 354 -29.36 25.00 -45.73
CA LYS B 354 -29.13 25.34 -47.13
C LYS B 354 -28.65 24.11 -47.91
N ASP B 355 -27.76 23.34 -47.30
CA ASP B 355 -27.26 22.10 -47.89
C ASP B 355 -28.38 21.11 -48.05
N LEU B 356 -29.21 20.98 -47.02
CA LEU B 356 -30.34 20.06 -47.11
C LEU B 356 -31.17 20.39 -48.35
N ALA B 357 -31.40 21.68 -48.55
CA ALA B 357 -32.18 22.18 -49.69
C ALA B 357 -31.53 21.96 -51.08
N LYS B 358 -30.20 22.04 -51.15
CA LYS B 358 -29.46 21.98 -52.42
C LYS B 358 -28.96 20.56 -52.80
N GLY B 359 -29.21 19.58 -51.93
CA GLY B 359 -28.72 18.20 -52.14
C GLY B 359 -27.20 18.04 -52.10
N THR B 360 -26.52 18.94 -51.38
CA THR B 360 -25.06 18.93 -51.30
C THR B 360 -24.56 18.94 -49.85
N ALA B 361 -23.24 18.87 -49.71
CA ALA B 361 -22.60 18.98 -48.42
C ALA B 361 -21.30 19.71 -48.67
N ARG B 362 -20.88 20.52 -47.70
CA ARG B 362 -19.54 21.12 -47.72
C ARG B 362 -18.60 20.19 -46.95
N VAL B 363 -17.47 19.83 -47.57
CA VAL B 363 -16.51 18.95 -46.91
C VAL B 363 -15.20 19.70 -46.81
N VAL B 364 -14.62 19.79 -45.61
CA VAL B 364 -13.32 20.45 -45.40
C VAL B 364 -12.27 19.40 -45.05
N ARG B 365 -11.15 19.45 -45.73
CA ARG B 365 -10.03 18.58 -45.41
C ARG B 365 -9.16 19.24 -44.37
N ARG B 366 -8.75 18.44 -43.39
CA ARG B 366 -8.01 18.92 -42.24
C ARG B 366 -6.60 19.40 -42.56
N ASP B 367 -5.94 18.75 -43.50
CA ASP B 367 -4.50 19.03 -43.75
C ASP B 367 -4.25 20.40 -44.38
N THR B 368 -5.08 20.80 -45.34
CA THR B 368 -4.93 22.10 -46.03
C THR B 368 -6.03 23.08 -45.67
N GLY B 369 -7.15 22.56 -45.15
CA GLY B 369 -8.29 23.38 -44.86
C GLY B 369 -9.11 23.73 -46.08
N GLU B 370 -8.78 23.13 -47.22
CA GLU B 370 -9.57 23.33 -48.45
C GLU B 370 -10.98 22.75 -48.38
N ALA B 371 -11.94 23.51 -48.92
CA ALA B 371 -13.38 23.20 -48.87
C ALA B 371 -13.92 22.73 -50.23
N TYR B 372 -14.95 21.87 -50.21
CA TYR B 372 -15.48 21.30 -51.44
C TYR B 372 -16.99 21.22 -51.33
N GLN B 373 -17.68 21.68 -52.37
CA GLN B 373 -19.09 21.33 -52.56
C GLN B 373 -19.16 20.01 -53.30
N ILE B 374 -19.96 19.10 -52.77
CA ILE B 374 -20.11 17.77 -53.32
C ILE B 374 -21.58 17.35 -53.17
N SER B 375 -22.17 16.88 -54.26
CA SER B 375 -23.56 16.41 -54.22
C SER B 375 -23.61 15.11 -53.42
N TRP B 376 -24.77 14.78 -52.87
CA TRP B 376 -24.92 13.60 -52.05
C TRP B 376 -24.57 12.28 -52.76
N ALA B 377 -24.82 12.21 -54.07
CA ALA B 377 -24.60 10.98 -54.84
C ALA B 377 -23.11 10.76 -55.07
N ASP B 378 -22.37 11.86 -55.23
CA ASP B 378 -20.93 11.83 -55.39
C ASP B 378 -20.13 11.65 -54.10
N LEU B 379 -20.78 11.60 -52.93
CA LEU B 379 -20.02 11.72 -51.67
C LEU B 379 -19.03 10.59 -51.44
N ALA B 380 -19.51 9.35 -51.50
CA ALA B 380 -18.66 8.20 -51.26
C ALA B 380 -17.42 8.12 -52.19
N PRO B 381 -17.59 8.16 -53.54
CA PRO B 381 -16.35 8.13 -54.36
C PRO B 381 -15.45 9.35 -54.21
N LYS B 382 -16.01 10.51 -53.86
CA LYS B 382 -15.16 11.70 -53.75
C LYS B 382 -14.39 11.73 -52.42
N LEU B 383 -15.04 11.32 -51.33
CA LEU B 383 -14.35 11.20 -50.06
C LEU B 383 -13.21 10.16 -50.13
N LEU B 384 -13.43 9.05 -50.84
CA LEU B 384 -12.36 8.01 -51.01
C LEU B 384 -11.12 8.55 -51.69
N GLU B 385 -11.33 9.31 -52.77
CA GLU B 385 -10.28 9.97 -53.51
C GLU B 385 -9.59 11.06 -52.67
N LEU B 386 -10.36 11.86 -51.93
CA LEU B 386 -9.75 12.88 -51.07
C LEU B 386 -8.86 12.28 -49.96
N MET B 387 -9.27 11.14 -49.39
CA MET B 387 -8.50 10.48 -48.31
C MET B 387 -7.18 9.98 -48.83
N GLU B 388 -7.22 9.32 -49.99
CA GLU B 388 -6.00 8.88 -50.68
C GLU B 388 -5.15 10.08 -50.95
N GLY B 389 -5.80 11.19 -51.32
CA GLY B 389 -5.05 12.43 -51.62
C GLY B 389 -4.43 13.03 -50.36
N ILE B 390 -5.19 13.02 -49.27
CA ILE B 390 -4.66 13.54 -48.02
C ILE B 390 -3.49 12.67 -47.53
N GLN B 391 -3.71 11.35 -47.60
CA GLN B 391 -2.71 10.36 -47.17
C GLN B 391 -1.40 10.54 -47.93
N ARG B 392 -1.43 10.61 -49.26
CA ARG B 392 -0.21 10.76 -50.05
C ARG B 392 0.51 12.08 -49.78
N SER B 393 -0.26 13.16 -49.74
CA SER B 393 0.27 14.48 -49.48
C SER B 393 0.90 14.62 -48.06
N LEU B 394 0.29 14.02 -47.04
CA LEU B 394 0.95 14.02 -45.72
C LEU B 394 2.35 13.41 -45.88
N PHE B 395 2.42 12.29 -46.58
CA PHE B 395 3.72 11.63 -46.79
C PHE B 395 4.69 12.48 -47.60
N GLU B 396 4.24 12.91 -48.80
CA GLU B 396 5.10 13.71 -49.72
C GLU B 396 5.73 14.91 -49.03
N LYS B 397 4.93 15.66 -48.25
CA LYS B 397 5.44 16.85 -47.56
C LYS B 397 6.38 16.51 -46.42
N ALA B 398 6.18 15.33 -45.84
CA ALA B 398 7.02 14.88 -44.72
C ALA B 398 8.38 14.49 -45.26
N LYS B 399 8.39 13.78 -46.40
CA LYS B 399 9.63 13.36 -47.04
C LYS B 399 10.45 14.57 -47.53
N ALA B 400 9.77 15.56 -48.11
CA ALA B 400 10.41 16.82 -48.48
C ALA B 400 11.02 17.50 -47.26
N ARG B 401 10.30 17.58 -46.13
CA ARG B 401 10.90 18.16 -44.91
C ARG B 401 12.09 17.34 -44.41
N LEU B 402 12.04 16.02 -44.65
CA LEU B 402 13.13 15.12 -44.27
C LEU B 402 14.41 15.40 -45.08
N HIS B 403 14.30 15.51 -46.41
CA HIS B 403 15.47 15.86 -47.22
C HIS B 403 15.99 17.26 -46.92
N GLU B 404 15.08 18.20 -46.68
CA GLU B 404 15.45 19.56 -46.27
C GLU B 404 16.20 19.63 -44.94
N GLY B 405 16.19 18.53 -44.18
CA GLY B 405 16.83 18.47 -42.86
C GLY B 405 18.14 17.70 -42.80
N ILE B 406 18.59 17.18 -43.94
CA ILE B 406 19.85 16.46 -44.03
C ILE B 406 20.86 17.25 -44.88
N GLU B 407 21.94 17.72 -44.24
CA GLU B 407 23.06 18.34 -44.94
C GLU B 407 24.23 17.37 -45.10
N LYS B 408 24.56 17.06 -46.35
CA LYS B 408 25.79 16.37 -46.72
C LYS B 408 27.01 17.22 -46.28
N ILE B 409 28.00 16.64 -45.62
CA ILE B 409 29.17 17.42 -45.17
C ILE B 409 30.53 16.77 -45.41
N SER B 410 31.60 17.45 -44.97
CA SER B 410 32.99 17.02 -45.24
C SER B 410 33.93 17.06 -44.03
N THR B 411 33.79 18.08 -43.20
CA THR B 411 34.79 18.34 -42.16
C THR B 411 34.09 18.62 -40.84
N PHE B 412 34.77 18.34 -39.74
CA PHE B 412 34.13 18.51 -38.44
C PHE B 412 33.70 19.95 -38.12
N ASP B 413 34.30 20.91 -38.85
CA ASP B 413 33.94 22.32 -38.76
C ASP B 413 32.45 22.56 -39.04
N GLU B 414 31.86 21.79 -39.93
CA GLU B 414 30.43 21.91 -40.26
C GLU B 414 29.39 21.42 -39.24
N VAL B 415 29.76 20.53 -38.33
CA VAL B 415 28.79 19.97 -37.43
C VAL B 415 28.05 20.86 -36.47
N MET B 416 28.72 21.71 -35.70
CA MET B 416 28.01 22.52 -34.75
C MET B 416 27.07 23.49 -35.43
N PRO B 417 27.47 24.06 -36.55
CA PRO B 417 26.56 24.98 -37.25
C PRO B 417 25.23 24.34 -37.68
N ALA B 418 25.34 23.23 -38.43
CA ALA B 418 24.20 22.43 -38.88
C ALA B 418 23.36 21.97 -37.69
N LEU B 419 24.00 21.45 -36.65
CA LEU B 419 23.27 21.20 -35.41
C LEU B 419 22.39 22.41 -35.04
N ASN B 420 22.99 23.60 -35.02
CA ASN B 420 22.29 24.83 -34.62
C ASN B 420 21.17 25.23 -35.58
N ARG B 421 21.30 24.79 -36.84
CA ARG B 421 20.21 24.92 -37.81
C ARG B 421 19.15 23.81 -37.61
N LYS B 422 19.18 23.13 -36.46
CA LYS B 422 18.35 21.94 -36.17
C LYS B 422 18.28 20.99 -37.37
N HIS B 423 19.44 20.54 -37.81
CA HIS B 423 19.54 19.63 -38.94
C HIS B 423 20.40 18.40 -38.60
N LEU B 424 20.32 17.40 -39.46
CA LEU B 424 21.13 16.19 -39.34
C LEU B 424 22.25 16.26 -40.36
N VAL B 425 23.28 15.43 -40.16
CA VAL B 425 24.43 15.48 -41.06
C VAL B 425 24.75 14.11 -41.65
N LEU B 426 24.89 14.08 -42.99
CA LEU B 426 25.36 12.85 -43.64
C LEU B 426 26.84 13.05 -43.99
N ALA B 427 27.72 12.37 -43.24
CA ALA B 427 29.16 12.57 -43.34
C ALA B 427 29.93 11.29 -43.68
N PRO B 428 31.08 11.41 -44.40
CA PRO B 428 31.93 10.25 -44.66
C PRO B 428 32.65 9.86 -43.36
N TRP B 429 32.68 8.56 -43.03
CA TRP B 429 33.13 8.13 -41.70
C TRP B 429 33.98 6.86 -41.75
N CYS B 430 35.02 6.78 -40.91
CA CYS B 430 35.90 5.59 -40.85
C CYS B 430 35.29 4.40 -40.11
N GLU B 431 34.26 4.70 -39.29
CA GLU B 431 33.50 3.71 -38.51
C GLU B 431 34.32 3.05 -37.41
N ASP B 432 35.26 3.80 -36.86
CA ASP B 432 35.93 3.36 -35.66
C ASP B 432 35.10 3.68 -34.39
N PRO B 433 34.86 2.66 -33.53
CA PRO B 433 34.02 2.84 -32.33
C PRO B 433 34.44 3.98 -31.37
N GLU B 434 35.74 4.12 -31.13
CA GLU B 434 36.25 5.16 -30.22
C GLU B 434 35.98 6.58 -30.73
N SER B 435 35.97 6.77 -32.05
CA SER B 435 35.69 8.10 -32.61
C SER B 435 34.27 8.63 -32.32
N GLU B 436 33.26 7.73 -32.34
CA GLU B 436 31.87 8.09 -31.99
C GLU B 436 31.76 8.54 -30.52
N GLU B 437 32.42 7.83 -29.62
CA GLU B 437 32.38 8.20 -28.20
C GLU B 437 33.09 9.54 -28.00
N GLN B 438 34.09 9.83 -28.84
CA GLN B 438 34.78 11.13 -28.82
C GLN B 438 33.90 12.24 -29.38
N ILE B 439 33.27 11.97 -30.51
CA ILE B 439 32.36 12.95 -31.13
C ILE B 439 31.16 13.31 -30.24
N LYS B 440 30.61 12.34 -29.52
CA LYS B 440 29.51 12.67 -28.60
C LYS B 440 30.03 13.51 -27.41
N LYS B 441 31.22 13.17 -26.87
CA LYS B 441 31.82 13.97 -25.78
C LYS B 441 32.05 15.42 -26.20
N GLU B 442 32.60 15.59 -27.42
CA GLU B 442 32.90 16.91 -27.96
C GLU B 442 31.67 17.79 -28.19
N THR B 443 30.72 17.29 -28.97
CA THR B 443 29.52 18.05 -29.36
C THR B 443 28.65 18.45 -28.16
N GLN B 444 28.67 17.63 -27.11
CA GLN B 444 27.95 17.90 -25.86
C GLN B 444 28.44 19.18 -25.21
N LYS B 445 29.75 19.24 -24.94
CA LYS B 445 30.42 20.41 -24.38
C LYS B 445 30.11 21.69 -25.17
N LEU B 446 30.13 21.59 -26.49
CA LEU B 446 29.88 22.74 -27.38
C LEU B 446 28.42 23.23 -27.37
N GLY B 463 22.24 17.36 -25.81
CA GLY B 463 23.33 18.10 -26.46
C GLY B 463 24.13 17.28 -27.45
N ALA B 464 24.53 16.06 -27.05
CA ALA B 464 25.44 15.22 -27.86
C ALA B 464 24.85 14.84 -29.22
N MET B 465 25.70 14.86 -30.24
CA MET B 465 25.34 14.30 -31.53
C MET B 465 25.83 12.86 -31.57
N LYS B 466 25.02 11.94 -32.09
CA LYS B 466 25.48 10.55 -32.26
C LYS B 466 25.17 10.00 -33.64
N THR B 467 25.64 8.81 -33.95
CA THR B 467 25.20 8.18 -35.18
C THR B 467 23.72 7.82 -35.08
N LEU B 468 23.01 8.03 -36.17
CA LEU B 468 21.66 7.55 -36.30
C LEU B 468 21.69 6.20 -37.02
N CYS B 469 22.18 6.20 -38.26
CA CYS B 469 22.46 4.95 -38.93
C CYS B 469 23.44 5.16 -40.08
N ILE B 470 23.99 4.05 -40.55
CA ILE B 470 24.74 4.00 -41.78
C ILE B 470 23.72 3.54 -42.81
N PRO B 471 23.24 4.47 -43.68
CA PRO B 471 22.16 4.17 -44.62
C PRO B 471 22.45 3.05 -45.59
N PHE B 472 21.42 2.27 -45.90
CA PHE B 472 21.46 1.28 -46.99
C PHE B 472 21.74 1.98 -48.32
N ASP B 473 21.08 3.11 -48.52
CA ASP B 473 21.19 3.93 -49.73
C ASP B 473 22.44 4.85 -49.64
N GLN B 474 23.56 4.32 -50.13
CA GLN B 474 24.88 4.96 -50.01
C GLN B 474 25.19 5.85 -51.24
N PRO B 475 25.41 7.16 -51.00
CA PRO B 475 25.91 8.03 -52.06
C PRO B 475 27.30 7.57 -52.50
N PRO B 476 27.64 7.79 -53.79
CA PRO B 476 28.99 7.53 -54.32
C PRO B 476 30.10 8.01 -53.38
N MET B 477 31.06 7.13 -53.12
CA MET B 477 32.19 7.46 -52.26
C MET B 477 33.44 7.58 -53.14
N PRO B 478 33.86 8.83 -53.46
CA PRO B 478 35.08 9.06 -54.23
C PRO B 478 36.29 8.43 -53.53
N GLU B 479 36.98 7.53 -54.22
CA GLU B 479 38.21 6.89 -53.71
C GLU B 479 39.15 7.95 -53.13
N GLY B 480 39.58 7.72 -51.88
CA GLY B 480 40.50 8.62 -51.18
C GLY B 480 39.86 9.69 -50.31
N THR B 481 38.53 9.61 -50.14
CA THR B 481 37.81 10.55 -49.27
C THR B 481 38.21 10.32 -47.81
N LYS B 482 38.39 11.43 -47.09
CA LYS B 482 38.88 11.40 -45.72
C LYS B 482 37.75 11.45 -44.66
N CYS B 483 37.84 10.59 -43.65
CA CYS B 483 36.87 10.60 -42.55
C CYS B 483 36.69 12.01 -42.02
N PHE B 484 35.44 12.45 -42.01
CA PHE B 484 35.08 13.84 -41.71
C PHE B 484 35.63 14.34 -40.39
N TYR B 485 36.20 13.44 -39.60
CA TYR B 485 36.64 13.77 -38.25
C TYR B 485 38.06 13.38 -37.92
N THR B 486 38.44 12.15 -38.29
CA THR B 486 39.77 11.63 -37.96
C THR B 486 40.80 12.00 -39.05
N GLY B 487 40.34 12.13 -40.29
CA GLY B 487 41.24 12.36 -41.42
C GLY B 487 41.69 11.04 -42.04
N LYS B 488 41.53 9.95 -41.29
CA LYS B 488 41.79 8.58 -41.77
C LYS B 488 40.91 8.22 -43.02
N PRO B 489 41.14 7.04 -43.63
CA PRO B 489 40.33 6.77 -44.83
C PRO B 489 38.86 6.50 -44.47
N ALA B 490 37.96 7.34 -44.99
CA ALA B 490 36.52 7.17 -44.75
C ALA B 490 36.01 5.88 -45.42
N LYS B 491 35.11 5.17 -44.72
CA LYS B 491 34.52 3.92 -45.21
C LYS B 491 33.16 4.12 -45.88
N ARG B 492 32.18 4.61 -45.13
CA ARG B 492 30.83 4.86 -45.67
C ARG B 492 30.24 6.17 -45.18
N TRP B 493 29.19 6.62 -45.87
CA TRP B 493 28.41 7.77 -45.44
C TRP B 493 27.53 7.39 -44.24
N THR B 494 27.56 8.23 -43.23
CA THR B 494 26.87 8.00 -41.99
C THR B 494 26.07 9.23 -41.63
N LEU B 495 24.86 8.99 -41.11
CA LEU B 495 23.93 10.02 -40.73
C LEU B 495 24.04 10.24 -39.22
N TRP B 496 24.25 11.50 -38.81
CA TRP B 496 24.45 11.84 -37.41
C TRP B 496 23.46 12.91 -37.06
N GLY B 497 23.14 13.01 -35.77
CA GLY B 497 22.35 14.14 -35.28
C GLY B 497 22.17 14.06 -33.77
N ARG B 498 21.53 15.08 -33.23
CA ARG B 498 20.98 14.95 -31.91
C ARG B 498 19.82 13.96 -32.05
N SER B 499 19.48 13.27 -30.96
CA SER B 499 18.48 12.23 -31.07
C SER B 499 17.66 12.06 -29.82
N TYR B 500 16.63 11.23 -29.97
CA TYR B 500 15.87 10.75 -28.85
C TYR B 500 16.47 9.45 -28.26
N MET C 3 11.24 -22.74 34.06
CA MET C 3 10.04 -22.82 34.94
C MET C 3 10.38 -22.36 36.36
N VAL C 4 9.36 -21.96 37.14
CA VAL C 4 9.53 -21.48 38.52
C VAL C 4 9.70 -22.69 39.46
N THR C 5 10.73 -22.66 40.31
CA THR C 5 11.03 -23.77 41.23
C THR C 5 11.00 -23.34 42.69
N ALA C 6 11.12 -22.05 42.98
CA ALA C 6 10.99 -21.64 44.37
C ALA C 6 9.49 -21.64 44.68
N LYS C 7 9.13 -21.84 45.94
CA LYS C 7 7.75 -21.98 46.32
C LYS C 7 7.30 -20.70 46.98
N LYS C 8 6.16 -20.17 46.53
CA LYS C 8 5.65 -18.88 47.00
C LYS C 8 5.55 -18.79 48.53
N ASP C 9 5.16 -19.89 49.18
CA ASP C 9 5.06 -19.92 50.63
C ASP C 9 6.37 -20.08 51.39
N GLU C 10 7.45 -20.47 50.73
CA GLU C 10 8.72 -20.61 51.39
C GLU C 10 9.52 -19.32 51.23
N ASN C 11 10.54 -19.30 50.41
CA ASN C 11 11.28 -18.06 50.20
C ASN C 11 10.52 -17.12 49.23
N PHE C 12 9.86 -16.12 49.79
CA PHE C 12 8.96 -15.28 49.02
C PHE C 12 9.74 -14.42 48.05
N SER C 13 10.77 -13.76 48.56
CA SER C 13 11.57 -12.87 47.74
C SER C 13 12.19 -13.62 46.56
N GLU C 14 12.67 -14.85 46.78
CA GLU C 14 13.22 -15.65 45.70
C GLU C 14 12.14 -16.10 44.72
N TRP C 15 10.97 -16.45 45.25
CA TRP C 15 9.82 -16.72 44.36
C TRP C 15 9.50 -15.51 43.45
N TYR C 16 9.49 -14.29 43.99
CA TYR C 16 9.09 -13.10 43.26
C TYR C 16 10.07 -12.81 42.14
N THR C 17 11.36 -12.79 42.48
CA THR C 17 12.46 -12.71 41.52
C THR C 17 12.35 -13.74 40.40
N GLN C 18 12.08 -14.98 40.74
CA GLN C 18 11.93 -15.98 39.70
C GLN C 18 10.72 -15.72 38.86
N ALA C 19 9.61 -15.31 39.49
CA ALA C 19 8.38 -15.17 38.73
C ALA C 19 8.58 -14.04 37.67
N ILE C 20 9.17 -12.95 38.08
CA ILE C 20 9.26 -11.80 37.17
C ILE C 20 10.35 -12.01 36.12
N VAL C 21 11.40 -12.81 36.41
CA VAL C 21 12.46 -13.01 35.41
C VAL C 21 12.02 -14.06 34.41
N ARG C 22 11.52 -15.17 34.90
CA ARG C 22 11.23 -16.30 34.03
C ARG C 22 9.98 -16.08 33.17
N SER C 23 9.08 -15.19 33.60
CA SER C 23 7.91 -14.80 32.77
C SER C 23 8.33 -13.73 31.77
N GLU C 24 9.60 -13.29 31.88
CA GLU C 24 10.16 -12.24 31.01
C GLU C 24 9.50 -10.86 31.22
N MET C 25 9.24 -10.50 32.46
CA MET C 25 8.73 -9.20 32.77
C MET C 25 9.83 -8.18 33.02
N ILE C 26 10.91 -8.65 33.61
CA ILE C 26 11.94 -7.77 34.12
C ILE C 26 13.28 -8.31 33.71
N GLU C 27 14.24 -7.42 33.47
CA GLU C 27 15.62 -7.80 33.19
C GLU C 27 16.45 -6.94 34.10
N TYR C 28 17.46 -7.54 34.76
CA TYR C 28 18.20 -6.78 35.79
C TYR C 28 19.19 -5.86 35.09
N TYR C 29 19.71 -4.89 35.84
CA TYR C 29 20.43 -3.81 35.22
C TYR C 29 21.58 -3.42 36.12
N ASP C 30 22.62 -2.82 35.57
CA ASP C 30 23.81 -2.58 36.38
C ASP C 30 23.66 -1.37 37.33
N ILE C 31 22.77 -0.43 37.02
CA ILE C 31 22.52 0.65 37.95
C ILE C 31 21.49 0.27 38.99
N SER C 32 21.93 0.27 40.24
CA SER C 32 21.16 -0.26 41.36
C SER C 32 19.78 0.39 41.55
N GLY C 33 18.75 -0.41 41.80
CA GLY C 33 17.40 0.10 42.00
C GLY C 33 16.68 0.39 40.68
N CYS C 34 17.34 0.11 39.55
CA CYS C 34 16.72 0.28 38.23
C CYS C 34 16.58 -1.07 37.49
N TYR C 35 15.48 -1.24 36.76
CA TYR C 35 15.23 -2.51 36.06
C TYR C 35 14.59 -2.19 34.72
N ILE C 36 14.84 -3.07 33.77
CA ILE C 36 14.27 -3.01 32.45
C ILE C 36 12.87 -3.64 32.52
N MET C 37 11.85 -2.89 32.08
CA MET C 37 10.51 -3.48 31.86
C MET C 37 10.42 -4.04 30.45
N ARG C 38 10.34 -5.36 30.35
CA ARG C 38 10.27 -6.01 29.04
C ARG C 38 8.80 -5.93 28.60
N PRO C 39 8.48 -6.24 27.32
CA PRO C 39 7.11 -6.12 26.82
C PRO C 39 6.04 -6.83 27.59
N TRP C 40 6.36 -8.02 28.12
CA TRP C 40 5.33 -8.74 28.86
C TRP C 40 4.83 -7.91 30.04
N ALA C 41 5.70 -7.18 30.73
CA ALA C 41 5.24 -6.30 31.84
C ALA C 41 4.69 -5.02 31.23
N PHE C 42 5.40 -4.49 30.23
CA PHE C 42 5.00 -3.20 29.72
C PHE C 42 3.57 -3.19 29.16
N HIS C 43 3.13 -4.23 28.46
CA HIS C 43 1.80 -4.19 27.93
CA HIS C 43 1.75 -4.12 27.96
C HIS C 43 0.68 -4.20 29.02
N ILE C 44 1.00 -4.76 30.19
CA ILE C 44 0.08 -4.64 31.35
C ILE C 44 -0.02 -3.19 31.85
N TRP C 45 1.12 -2.49 31.95
CA TRP C 45 1.12 -1.06 32.26
C TRP C 45 0.30 -0.26 31.25
N GLU C 46 0.39 -0.62 29.97
CA GLU C 46 -0.42 0.02 28.93
C GLU C 46 -1.92 -0.15 29.16
N LYS C 47 -2.34 -1.32 29.58
CA LYS C 47 -3.74 -1.58 29.91
C LYS C 47 -4.27 -0.67 31.03
N VAL C 48 -3.56 -0.60 32.16
CA VAL C 48 -4.04 0.18 33.27
C VAL C 48 -3.89 1.67 32.99
N GLN C 49 -2.84 2.02 32.23
CA GLN C 49 -2.62 3.40 31.81
C GLN C 49 -3.79 3.89 30.97
N ARG C 50 -4.20 3.09 29.99
CA ARG C 50 -5.30 3.43 29.10
C ARG C 50 -6.62 3.55 29.88
N PHE C 51 -6.89 2.59 30.77
CA PHE C 51 -8.02 2.70 31.67
C PHE C 51 -8.08 4.01 32.47
N PHE C 52 -7.02 4.31 33.24
CA PHE C 52 -7.00 5.53 34.09
C PHE C 52 -7.07 6.78 33.24
N ASP C 53 -6.32 6.77 32.14
CA ASP C 53 -6.26 7.94 31.31
C ASP C 53 -7.66 8.22 30.69
N ASP C 54 -8.32 7.21 30.13
CA ASP C 54 -9.71 7.37 29.64
C ASP C 54 -10.61 7.96 30.76
N GLU C 55 -10.48 7.41 31.97
CA GLU C 55 -11.35 7.83 33.05
C GLU C 55 -11.10 9.28 33.46
N ILE C 56 -9.84 9.69 33.56
CA ILE C 56 -9.61 11.09 33.95
C ILE C 56 -9.99 12.11 32.86
N LYS C 57 -9.83 11.73 31.60
CA LYS C 57 -10.38 12.52 30.49
C LYS C 57 -11.88 12.83 30.66
N LYS C 58 -12.72 11.82 30.96
CA LYS C 58 -14.15 12.06 31.25
C LYS C 58 -14.36 13.08 32.37
N MET C 59 -13.38 13.25 33.24
CA MET C 59 -13.50 14.25 34.28
C MET C 59 -13.04 15.62 33.83
N GLY C 60 -12.65 15.77 32.56
CA GLY C 60 -12.04 17.05 32.14
C GLY C 60 -10.54 17.23 32.48
N VAL C 61 -9.85 16.20 32.98
CA VAL C 61 -8.42 16.34 33.18
C VAL C 61 -7.69 16.24 31.84
N GLU C 62 -6.75 17.15 31.64
CA GLU C 62 -5.92 17.13 30.42
C GLU C 62 -4.46 16.78 30.67
N ASN C 63 -3.90 15.97 29.76
CA ASN C 63 -2.49 15.67 29.77
C ASN C 63 -1.59 16.80 29.27
N SER C 64 -0.41 16.85 29.86
CA SER C 64 0.61 17.82 29.52
C SER C 64 1.93 17.14 29.68
N TYR C 65 3.00 17.85 29.35
CA TYR C 65 4.33 17.39 29.72
C TYR C 65 5.22 18.54 30.21
N PHE C 66 5.58 18.49 31.50
CA PHE C 66 6.52 19.45 32.10
C PHE C 66 7.96 18.87 32.15
N PRO C 67 8.99 19.75 32.14
CA PRO C 67 10.37 19.25 32.10
C PRO C 67 10.76 18.34 33.27
N MET C 68 11.69 17.42 33.00
CA MET C 68 12.25 16.55 34.02
C MET C 68 13.31 17.26 34.90
N PHE C 69 13.69 18.48 34.54
CA PHE C 69 14.68 19.24 35.34
C PHE C 69 14.05 20.38 36.12
N VAL C 70 14.55 20.57 37.33
CA VAL C 70 14.22 21.75 38.10
C VAL C 70 15.52 22.37 38.68
N SER C 71 15.61 23.69 38.55
CA SER C 71 16.74 24.45 39.07
CA SER C 71 16.74 24.45 39.07
C SER C 71 16.89 24.28 40.57
N ARG C 72 18.14 24.29 41.03
CA ARG C 72 18.47 24.17 42.46
C ARG C 72 17.60 25.10 43.32
N HIS C 73 17.58 26.38 42.97
CA HIS C 73 16.94 27.32 43.89
C HIS C 73 15.42 27.16 43.94
N LYS C 74 14.80 26.71 42.85
CA LYS C 74 13.35 26.43 42.81
C LYS C 74 13.03 25.20 43.62
N LEU C 75 13.85 24.17 43.46
CA LEU C 75 13.62 22.97 44.22
C LEU C 75 13.84 23.22 45.70
N GLU C 76 14.82 24.06 46.04
CA GLU C 76 15.19 24.28 47.45
C GLU C 76 14.49 25.50 48.08
N LYS C 77 13.15 25.51 47.97
CA LYS C 77 12.28 26.55 48.56
C LYS C 77 11.62 26.05 49.86
N GLY C 84 13.99 16.49 54.62
CA GLY C 84 13.70 15.06 54.79
C GLY C 84 13.75 14.26 53.50
N PHE C 85 13.57 14.96 52.38
CA PHE C 85 13.58 14.36 51.04
C PHE C 85 14.88 14.66 50.30
N SER C 86 15.58 15.69 50.77
CA SER C 86 16.89 16.07 50.28
C SER C 86 17.82 14.92 49.89
N PRO C 87 18.01 13.90 50.75
CA PRO C 87 18.91 12.80 50.39
C PRO C 87 18.56 12.03 49.10
N GLU C 88 17.30 12.14 48.63
CA GLU C 88 16.80 11.34 47.50
C GLU C 88 17.00 11.97 46.13
N VAL C 89 17.37 13.25 46.10
CA VAL C 89 17.36 14.01 44.85
C VAL C 89 18.59 13.73 43.99
N ALA C 90 18.38 13.37 42.72
CA ALA C 90 19.53 13.19 41.84
C ALA C 90 19.92 14.52 41.20
N TRP C 91 21.19 14.86 41.31
CA TRP C 91 21.73 16.09 40.75
C TRP C 91 22.62 15.92 39.52
N VAL C 92 22.23 16.65 38.47
CA VAL C 92 23.01 16.80 37.28
C VAL C 92 23.93 17.98 37.51
N THR C 93 25.23 17.80 37.31
CA THR C 93 26.21 18.84 37.63
C THR C 93 27.10 19.20 36.45
N HIS C 94 27.12 18.32 35.42
CA HIS C 94 28.01 18.48 34.25
C HIS C 94 27.32 18.18 32.92
N TYR C 95 27.81 18.80 31.85
CA TYR C 95 27.41 18.39 30.50
C TYR C 95 28.72 18.18 29.80
N GLY C 96 28.98 16.95 29.39
CA GLY C 96 30.32 16.56 28.97
C GLY C 96 31.27 16.76 30.13
N ASP C 97 32.42 17.37 29.85
CA ASP C 97 33.40 17.73 30.89
C ASP C 97 33.09 19.08 31.53
N SER C 98 32.10 19.81 31.04
CA SER C 98 31.87 21.16 31.53
C SER C 98 30.94 21.16 32.72
N PRO C 99 31.29 21.92 33.78
CA PRO C 99 30.40 22.03 34.92
C PRO C 99 29.24 22.97 34.58
N LEU C 100 28.03 22.61 34.96
CA LEU C 100 26.92 23.53 34.79
C LEU C 100 27.20 24.81 35.60
N PRO C 101 26.82 26.01 35.10
CA PRO C 101 26.94 27.20 35.99
C PRO C 101 26.28 26.93 37.35
N GLU C 102 25.10 26.32 37.31
CA GLU C 102 24.46 25.82 38.52
C GLU C 102 23.90 24.41 38.32
N LYS C 103 23.99 23.57 39.33
CA LYS C 103 23.57 22.19 39.23
C LYS C 103 22.03 22.15 39.09
N ILE C 104 21.52 21.05 38.55
CA ILE C 104 20.10 20.97 38.24
C ILE C 104 19.59 19.63 38.75
N ALA C 105 18.37 19.59 39.27
CA ALA C 105 17.85 18.31 39.77
C ALA C 105 16.91 17.61 38.78
N ILE C 106 17.00 16.29 38.76
CA ILE C 106 15.97 15.50 38.08
C ILE C 106 14.73 15.41 38.97
N ARG C 107 13.56 15.58 38.38
CA ARG C 107 12.34 15.59 39.16
C ARG C 107 11.99 14.38 40.02
N PRO C 108 11.90 14.58 41.33
CA PRO C 108 11.41 13.49 42.18
C PRO C 108 9.87 13.49 42.25
N THR C 109 9.27 14.61 41.86
CA THR C 109 7.86 14.91 41.88
C THR C 109 7.85 16.35 41.32
N SER C 110 6.73 16.82 40.80
CA SER C 110 6.76 18.02 39.95
C SER C 110 6.09 19.29 40.52
N GLU C 111 5.77 19.29 41.82
CA GLU C 111 5.21 20.50 42.44
C GLU C 111 6.02 21.75 42.12
N THR C 112 7.34 21.71 42.23
CA THR C 112 8.14 22.94 42.09
C THR C 112 8.32 23.34 40.63
N ILE C 113 7.95 22.44 39.73
CA ILE C 113 8.04 22.67 38.29
C ILE C 113 6.69 23.18 37.79
N MET C 114 5.60 22.62 38.33
CA MET C 114 4.26 22.97 37.85
C MET C 114 3.68 24.24 38.47
N TYR C 115 3.89 24.43 39.78
CA TYR C 115 3.13 25.46 40.53
C TYR C 115 3.46 26.91 40.18
N PRO C 116 4.74 27.23 39.87
CA PRO C 116 5.02 28.57 39.29
C PRO C 116 4.22 28.85 38.02
N ALA C 117 4.05 27.86 37.14
CA ALA C 117 3.18 28.07 35.95
C ALA C 117 1.71 28.23 36.33
N TYR C 118 1.29 27.46 37.31
CA TYR C 118 -0.07 27.61 37.86
C TYR C 118 -0.34 29.06 38.34
N ALA C 119 0.63 29.63 39.06
CA ALA C 119 0.52 31.03 39.54
C ALA C 119 0.34 31.98 38.37
N LYS C 120 1.14 31.80 37.33
CA LYS C 120 1.00 32.58 36.10
C LYS C 120 -0.33 32.41 35.34
N TRP C 121 -0.81 31.17 35.20
CA TRP C 121 -1.97 30.85 34.37
C TRP C 121 -3.30 31.19 35.00
N ILE C 122 -3.37 31.15 36.33
CA ILE C 122 -4.61 31.41 37.05
C ILE C 122 -4.76 32.90 37.44
N ARG C 123 -5.75 33.55 36.85
CA ARG C 123 -6.05 34.98 37.14
C ARG C 123 -7.43 35.20 37.77
N SER C 124 -8.45 34.51 37.25
CA SER C 124 -9.82 34.65 37.75
C SER C 124 -10.59 33.33 37.79
N HIS C 125 -11.72 33.33 38.50
CA HIS C 125 -12.63 32.18 38.56
C HIS C 125 -12.86 31.54 37.19
N ARG C 126 -12.67 32.31 36.13
CA ARG C 126 -12.82 31.82 34.76
C ARG C 126 -11.79 30.72 34.40
N ASP C 127 -10.63 30.77 35.04
CA ASP C 127 -9.51 29.84 34.80
C ASP C 127 -9.60 28.53 35.60
N LEU C 128 -10.59 28.43 36.48
CA LEU C 128 -10.76 27.30 37.37
C LEU C 128 -12.02 26.52 37.03
N PRO C 129 -12.05 25.21 37.36
CA PRO C 129 -10.91 24.41 37.84
C PRO C 129 -9.82 24.24 36.74
N LEU C 130 -8.55 24.28 37.15
CA LEU C 130 -7.45 23.83 36.28
C LEU C 130 -7.08 22.39 36.65
N LYS C 131 -7.14 21.50 35.65
CA LYS C 131 -6.97 20.08 35.85
C LYS C 131 -5.95 19.48 34.87
N LEU C 132 -4.77 19.17 35.39
CA LEU C 132 -3.70 18.59 34.56
C LEU C 132 -3.14 17.31 35.13
N ASN C 133 -2.62 16.49 34.23
CA ASN C 133 -1.96 15.25 34.58
C ASN C 133 -0.74 15.09 33.70
N GLN C 134 0.24 14.32 34.16
CA GLN C 134 1.25 13.85 33.24
C GLN C 134 1.69 12.42 33.50
N TRP C 135 1.97 11.70 32.41
CA TRP C 135 2.54 10.34 32.46
C TRP C 135 4.02 10.58 32.25
N CYS C 136 4.85 10.13 33.18
CA CYS C 136 6.29 10.37 33.03
C CYS C 136 7.02 9.45 33.95
N SER C 137 8.34 9.57 34.00
CA SER C 137 9.07 8.90 35.07
C SER C 137 9.66 9.91 36.02
N VAL C 138 9.92 9.45 37.25
CA VAL C 138 10.59 10.27 38.29
C VAL C 138 11.71 9.48 38.88
N VAL C 139 12.65 10.21 39.50
CA VAL C 139 13.83 9.62 40.06
C VAL C 139 13.89 10.01 41.53
N ARG C 140 14.02 8.99 42.37
CA ARG C 140 14.25 9.18 43.79
C ARG C 140 15.36 8.21 44.23
N TRP C 141 16.45 8.70 44.83
CA TRP C 141 17.51 7.78 45.27
C TRP C 141 17.08 7.11 46.57
N GLU C 142 16.20 6.12 46.44
CA GLU C 142 15.62 5.41 47.56
C GLU C 142 16.68 4.81 48.49
N PHE C 143 16.51 5.03 49.79
CA PHE C 143 17.41 4.42 50.75
C PHE C 143 16.99 3.02 51.12
N LYS C 144 15.69 2.75 51.11
CA LYS C 144 15.23 1.38 51.34
C LYS C 144 15.71 0.44 50.24
N GLN C 145 15.83 -0.82 50.62
CA GLN C 145 16.13 -1.89 49.68
C GLN C 145 15.22 -1.82 48.44
N PRO C 146 15.81 -1.80 47.22
CA PRO C 146 14.95 -1.72 46.05
C PRO C 146 14.27 -3.06 45.78
N THR C 147 13.11 -3.02 45.11
CA THR C 147 12.42 -4.22 44.63
C THR C 147 11.85 -3.85 43.26
N PRO C 148 12.03 -4.71 42.24
CA PRO C 148 11.34 -4.41 40.98
C PRO C 148 9.83 -4.09 41.16
N PHE C 149 9.37 -3.10 40.40
CA PHE C 149 8.02 -2.51 40.53
C PHE C 149 7.73 -1.74 41.81
N LEU C 150 7.92 -2.40 42.96
CA LEU C 150 7.39 -1.91 44.26
C LEU C 150 8.14 -0.73 44.79
N ARG C 151 9.48 -0.76 44.66
CA ARG C 151 10.30 0.39 45.09
C ARG C 151 11.55 0.51 44.23
N THR C 152 11.54 1.42 43.27
CA THR C 152 12.63 1.50 42.30
C THR C 152 13.15 2.94 42.31
N ARG C 153 14.38 3.17 41.85
CA ARG C 153 14.94 4.53 41.86
C ARG C 153 14.49 5.44 40.73
N GLU C 154 14.16 4.84 39.60
CA GLU C 154 13.37 5.48 38.56
C GLU C 154 12.07 4.67 38.47
N PHE C 155 10.94 5.34 38.53
CA PHE C 155 9.69 4.64 38.29
C PHE C 155 8.78 5.42 37.32
N LEU C 156 7.94 4.70 36.59
CA LEU C 156 6.91 5.32 35.79
C LEU C 156 5.67 5.59 36.65
N TRP C 157 5.05 6.73 36.43
CA TRP C 157 3.79 7.06 37.09
C TRP C 157 2.95 8.01 36.26
N GLN C 158 1.76 8.35 36.77
CA GLN C 158 1.15 9.65 36.43
C GLN C 158 1.07 10.44 37.72
N GLU C 159 1.12 11.75 37.58
CA GLU C 159 0.85 12.67 38.67
C GLU C 159 -0.16 13.67 38.12
N GLY C 160 -1.26 13.82 38.84
CA GLY C 160 -2.32 14.76 38.49
C GLY C 160 -2.28 15.88 39.49
N HIS C 161 -2.48 17.11 39.06
CA HIS C 161 -2.44 18.26 39.93
C HIS C 161 -3.57 19.19 39.46
N THR C 162 -4.50 19.48 40.35
CA THR C 162 -5.64 20.32 40.03
C THR C 162 -5.74 21.47 41.01
N ALA C 163 -6.43 22.53 40.60
CA ALA C 163 -6.62 23.72 41.39
C ALA C 163 -8.07 24.12 41.24
N HIS C 164 -8.73 24.39 42.36
CA HIS C 164 -10.16 24.74 42.34
C HIS C 164 -10.49 26.01 43.10
N ALA C 165 -11.64 26.58 42.77
CA ALA C 165 -12.19 27.75 43.46
C ALA C 165 -12.54 27.48 44.93
N THR C 166 -12.95 26.26 45.26
CA THR C 166 -13.44 25.93 46.63
C THR C 166 -12.93 24.59 47.12
N GLU C 167 -12.77 24.49 48.45
CA GLU C 167 -12.42 23.24 49.11
C GLU C 167 -13.39 22.09 48.76
N GLU C 168 -14.67 22.37 48.79
CA GLU C 168 -15.69 21.38 48.47
C GLU C 168 -15.44 20.71 47.10
N GLU C 169 -15.18 21.53 46.08
CA GLU C 169 -14.95 21.00 44.74
C GLU C 169 -13.65 20.16 44.68
N ALA C 170 -12.60 20.68 45.34
CA ALA C 170 -11.30 20.01 45.36
C ALA C 170 -11.46 18.66 46.02
N TRP C 171 -12.09 18.66 47.19
CA TRP C 171 -12.27 17.43 47.95
C TRP C 171 -13.11 16.43 47.15
N GLU C 172 -14.11 16.90 46.43
CA GLU C 172 -14.91 15.98 45.59
C GLU C 172 -14.00 15.33 44.51
N LEU C 173 -13.07 16.10 43.95
CA LEU C 173 -12.13 15.52 42.97
C LEU C 173 -11.16 14.52 43.65
N VAL C 174 -10.65 14.85 44.83
CA VAL C 174 -9.84 13.92 45.60
C VAL C 174 -10.49 12.54 45.67
N LEU C 175 -11.78 12.53 46.00
CA LEU C 175 -12.48 11.27 46.24
C LEU C 175 -12.80 10.57 44.97
N ASP C 176 -13.11 11.34 43.93
CA ASP C 176 -13.26 10.79 42.58
C ASP C 176 -12.00 10.01 42.09
N ILE C 177 -10.85 10.69 42.14
CA ILE C 177 -9.59 10.07 41.74
C ILE C 177 -9.40 8.83 42.59
N LEU C 178 -9.60 8.96 43.90
CA LEU C 178 -9.42 7.81 44.80
C LEU C 178 -10.24 6.60 44.37
N GLU C 179 -11.47 6.86 43.95
CA GLU C 179 -12.35 5.81 43.48
C GLU C 179 -11.77 5.18 42.19
N LEU C 180 -11.15 6.01 41.34
CA LEU C 180 -10.47 5.54 40.14
C LEU C 180 -9.29 4.62 40.45
N TYR C 181 -8.54 4.95 41.50
CA TYR C 181 -7.47 4.04 41.91
C TYR C 181 -8.04 2.73 42.44
N ARG C 182 -9.17 2.79 43.18
CA ARG C 182 -9.81 1.54 43.64
C ARG C 182 -10.14 0.72 42.42
N ARG C 183 -10.68 1.37 41.40
CA ARG C 183 -11.02 0.67 40.17
C ARG C 183 -9.80 0.08 39.38
N TRP C 184 -8.72 0.86 39.32
CA TRP C 184 -7.42 0.42 38.74
C TRP C 184 -7.02 -0.90 39.40
N TYR C 185 -6.98 -0.94 40.73
CA TYR C 185 -6.59 -2.17 41.41
C TYR C 185 -7.65 -3.28 41.40
N GLU C 186 -8.87 -2.91 41.76
CA GLU C 186 -9.92 -3.89 41.99
C GLU C 186 -10.53 -4.42 40.72
N GLU C 187 -10.84 -3.51 39.80
CA GLU C 187 -11.50 -3.87 38.54
C GLU C 187 -10.54 -4.29 37.43
N CYS C 188 -9.38 -3.64 37.32
CA CYS C 188 -8.39 -4.12 36.34
C CYS C 188 -7.50 -5.25 36.87
N LEU C 189 -6.90 -5.04 38.04
CA LEU C 189 -5.88 -5.97 38.53
C LEU C 189 -6.42 -7.04 39.52
N ALA C 190 -7.71 -7.00 39.84
CA ALA C 190 -8.33 -7.97 40.78
C ALA C 190 -7.62 -7.97 42.09
N VAL C 191 -7.12 -6.80 42.49
CA VAL C 191 -6.44 -6.65 43.75
C VAL C 191 -7.31 -5.78 44.69
N PRO C 192 -7.70 -6.35 45.85
CA PRO C 192 -8.51 -5.62 46.81
C PRO C 192 -7.70 -4.60 47.59
N VAL C 193 -8.32 -3.46 47.85
CA VAL C 193 -7.66 -2.37 48.55
C VAL C 193 -8.64 -1.74 49.50
N ILE C 194 -8.11 -1.07 50.50
CA ILE C 194 -8.93 -0.39 51.49
C ILE C 194 -8.75 1.12 51.35
N LYS C 195 -9.83 1.84 51.07
CA LYS C 195 -9.77 3.30 51.09
C LYS C 195 -9.58 3.79 52.50
N GLY C 196 -8.85 4.87 52.64
CA GLY C 196 -8.56 5.39 53.94
C GLY C 196 -7.87 6.74 53.93
N GLU C 197 -7.70 7.27 55.13
CA GLU C 197 -7.11 8.56 55.37
C GLU C 197 -5.80 8.29 56.06
N LYS C 198 -4.77 9.05 55.74
CA LYS C 198 -3.49 8.86 56.41
C LYS C 198 -3.48 9.58 57.76
N SER C 199 -2.81 9.01 58.75
CA SER C 199 -2.61 9.71 60.04
C SER C 199 -1.83 10.98 59.83
N GLU C 200 -1.91 11.86 60.82
CA GLU C 200 -1.17 13.11 60.78
C GLU C 200 0.36 12.90 60.54
N GLY C 201 0.91 11.77 61.00
CA GLY C 201 2.33 11.47 60.78
C GLY C 201 2.75 10.80 59.47
N GLU C 202 1.78 10.23 58.76
CA GLU C 202 2.04 9.60 57.48
C GLU C 202 1.63 10.45 56.28
N LYS C 203 0.84 11.49 56.50
CA LYS C 203 0.30 12.23 55.39
C LYS C 203 1.40 13.07 54.75
N PHE C 204 1.14 13.53 53.53
CA PHE C 204 1.98 14.48 52.84
C PHE C 204 1.95 15.80 53.64
N ALA C 205 3.09 16.12 54.26
CA ALA C 205 3.26 17.35 55.05
C ALA C 205 2.90 18.67 54.29
N GLY C 206 3.00 18.67 52.97
CA GLY C 206 2.53 19.82 52.18
C GLY C 206 1.02 19.94 51.97
N GLY C 207 0.24 19.04 52.58
CA GLY C 207 -1.22 18.99 52.36
C GLY C 207 -2.06 19.00 53.64
N LYS C 208 -3.36 19.17 53.48
CA LYS C 208 -4.32 19.22 54.59
C LYS C 208 -4.80 17.82 54.93
N LYS C 209 -5.04 17.00 53.90
CA LYS C 209 -5.48 15.62 54.09
C LYS C 209 -4.94 14.72 52.98
N THR C 210 -4.36 13.58 53.35
CA THR C 210 -3.98 12.59 52.36
C THR C 210 -4.90 11.37 52.41
N THR C 211 -5.58 11.07 51.31
CA THR C 211 -6.29 9.80 51.16
C THR C 211 -5.42 8.78 50.40
N THR C 212 -5.71 7.52 50.66
CA THR C 212 -4.93 6.41 50.13
C THR C 212 -5.81 5.20 49.92
N VAL C 213 -5.33 4.25 49.10
CA VAL C 213 -5.91 2.91 49.02
C VAL C 213 -4.76 2.01 49.41
N GLU C 214 -5.04 1.03 50.27
CA GLU C 214 -3.95 0.20 50.80
C GLU C 214 -4.17 -1.25 50.42
N ALA C 215 -3.08 -1.94 50.08
CA ALA C 215 -3.13 -3.37 49.81
C ALA C 215 -2.34 -4.13 50.88
N PHE C 216 -2.34 -5.46 50.78
CA PHE C 216 -1.74 -6.35 51.79
C PHE C 216 -1.05 -7.52 51.14
N ILE C 217 0.18 -7.80 51.55
CA ILE C 217 0.91 -9.00 51.08
C ILE C 217 0.99 -10.06 52.19
N PRO C 218 0.12 -11.08 52.09
CA PRO C 218 0.01 -12.12 53.13
C PRO C 218 1.34 -12.83 53.38
N GLU C 219 2.18 -13.03 52.35
CA GLU C 219 3.40 -13.82 52.52
C GLU C 219 4.46 -13.20 53.40
N ASN C 220 4.47 -11.88 53.50
CA ASN C 220 5.40 -11.25 54.45
C ASN C 220 4.68 -10.34 55.44
N GLY C 221 3.35 -10.35 55.42
CA GLY C 221 2.57 -9.54 56.37
C GLY C 221 2.65 -8.03 56.22
N ARG C 222 3.10 -7.57 55.05
CA ARG C 222 3.27 -6.13 54.86
C ARG C 222 2.05 -5.50 54.19
N GLY C 223 1.62 -4.37 54.75
CA GLY C 223 0.72 -3.49 54.04
C GLY C 223 1.56 -2.71 53.02
N ILE C 224 0.92 -2.20 51.98
CA ILE C 224 1.60 -1.41 50.96
C ILE C 224 0.65 -0.34 50.42
N GLN C 225 1.11 0.90 50.41
CA GLN C 225 0.29 1.96 49.83
C GLN C 225 0.22 1.80 48.30
N ALA C 226 -1.00 1.62 47.81
CA ALA C 226 -1.25 1.30 46.41
C ALA C 226 -1.36 2.53 45.51
N ALA C 227 -1.78 3.67 46.08
CA ALA C 227 -1.91 4.93 45.37
C ALA C 227 -2.22 5.98 46.42
N THR C 228 -2.34 7.24 46.00
CA THR C 228 -2.52 8.31 46.94
C THR C 228 -3.21 9.50 46.27
N SER C 229 -3.95 10.27 47.07
CA SER C 229 -4.75 11.37 46.57
C SER C 229 -4.92 12.39 47.68
N HIS C 230 -4.38 13.59 47.43
CA HIS C 230 -4.26 14.62 48.47
C HIS C 230 -5.22 15.75 48.25
N LEU C 231 -5.87 16.16 49.33
CA LEU C 231 -6.49 17.47 49.40
C LEU C 231 -5.38 18.35 49.92
N LEU C 232 -4.93 19.29 49.10
CA LEU C 232 -3.75 20.06 49.46
C LEU C 232 -4.14 21.27 50.30
N GLY C 233 -5.41 21.65 50.25
CA GLY C 233 -5.82 22.88 50.90
C GLY C 233 -5.28 24.07 50.13
N THR C 234 -4.81 25.06 50.88
CA THR C 234 -4.35 26.29 50.27
C THR C 234 -2.87 26.51 50.53
N ASN C 235 -2.21 25.59 51.22
CA ASN C 235 -0.82 25.82 51.58
C ASN C 235 0.14 26.04 50.38
N PHE C 236 -0.10 25.34 49.27
CA PHE C 236 0.74 25.53 48.12
C PHE C 236 0.39 26.81 47.40
N ALA C 237 -0.90 27.14 47.41
CA ALA C 237 -1.38 28.40 46.84
C ALA C 237 -0.74 29.62 47.50
N LYS C 238 -0.52 29.58 48.81
CA LYS C 238 0.13 30.69 49.52
C LYS C 238 1.61 30.75 49.18
N MET C 239 2.26 29.59 49.16
CA MET C 239 3.69 29.51 48.86
C MET C 239 4.04 29.92 47.41
N PHE C 240 3.16 29.66 46.46
CA PHE C 240 3.48 29.90 45.04
C PHE C 240 2.72 31.11 44.51
N GLU C 241 1.89 31.66 45.40
CA GLU C 241 1.02 32.80 45.09
C GLU C 241 0.12 32.43 43.95
N ILE C 242 -0.60 31.32 44.11
CA ILE C 242 -1.64 30.97 43.15
C ILE C 242 -2.94 31.56 43.67
N GLU C 243 -3.32 32.71 43.11
CA GLU C 243 -4.52 33.44 43.55
C GLU C 243 -5.42 33.73 42.38
N PHE C 244 -6.70 33.93 42.68
CA PHE C 244 -7.64 34.32 41.65
C PHE C 244 -8.61 35.34 42.19
N GLU C 245 -9.35 35.97 41.27
CA GLU C 245 -10.40 36.90 41.63
C GLU C 245 -11.76 36.26 41.50
N ASP C 246 -12.48 36.23 42.63
CA ASP C 246 -13.83 35.68 42.73
C ASP C 246 -14.86 36.38 41.82
N GLU C 247 -16.09 35.89 41.84
CA GLU C 247 -17.19 36.52 41.11
C GLU C 247 -17.61 37.86 41.76
N GLU C 248 -16.80 38.32 42.74
CA GLU C 248 -17.01 39.62 43.41
C GLU C 248 -15.96 40.65 42.99
N GLY C 249 -14.68 40.29 43.11
CA GLY C 249 -13.58 41.20 42.79
C GLY C 249 -12.38 41.02 43.71
N HIS C 250 -12.54 40.16 44.72
CA HIS C 250 -11.50 39.90 45.74
C HIS C 250 -10.54 38.73 45.42
N LYS C 251 -9.30 38.86 45.89
CA LYS C 251 -8.24 37.89 45.71
C LYS C 251 -8.34 36.65 46.66
N ARG C 252 -8.67 35.50 46.07
CA ARG C 252 -8.79 34.25 46.82
C ARG C 252 -7.65 33.29 46.46
N LEU C 253 -7.13 32.56 47.45
CA LEU C 253 -6.22 31.43 47.21
C LEU C 253 -6.97 30.28 46.55
N VAL C 254 -6.28 29.46 45.75
CA VAL C 254 -6.95 28.30 45.13
C VAL C 254 -6.85 27.13 46.08
N HIS C 255 -7.73 26.14 45.91
CA HIS C 255 -7.66 24.91 46.71
C HIS C 255 -7.19 23.79 45.77
N GLN C 256 -6.13 23.09 46.16
CA GLN C 256 -5.44 22.19 45.25
C GLN C 256 -5.58 20.70 45.59
N THR C 257 -5.33 19.84 44.61
CA THR C 257 -5.18 18.40 44.84
C THR C 257 -3.97 17.90 44.05
N SER C 258 -3.34 16.80 44.49
CA SER C 258 -2.43 16.04 43.65
C SER C 258 -2.62 14.58 43.96
N TRP C 259 -2.20 13.72 43.04
CA TRP C 259 -2.51 12.32 43.11
C TRP C 259 -1.57 11.58 42.18
N GLY C 260 -1.17 10.37 42.57
CA GLY C 260 -0.26 9.61 41.73
C GLY C 260 -0.33 8.14 42.05
N CYS C 261 0.08 7.34 41.08
CA CYS C 261 0.05 5.89 41.20
C CYS C 261 1.11 5.40 40.21
N THR C 262 1.77 4.28 40.51
CA THR C 262 2.97 3.92 39.76
C THR C 262 2.94 2.49 39.26
N THR C 263 4.03 2.10 38.61
CA THR C 263 4.24 0.70 38.22
C THR C 263 4.30 -0.20 39.45
N ARG C 264 4.39 0.34 40.65
CA ARG C 264 4.16 -0.49 41.86
C ARG C 264 2.93 -1.39 41.72
N SER C 265 1.91 -0.88 41.04
CA SER C 265 0.64 -1.57 40.93
C SER C 265 0.87 -2.91 40.22
N LEU C 266 1.85 -2.97 39.33
CA LEU C 266 2.08 -4.25 38.68
C LEU C 266 2.70 -5.24 39.67
N GLY C 267 3.59 -4.78 40.53
CA GLY C 267 4.20 -5.67 41.49
C GLY C 267 3.17 -6.22 42.46
N VAL C 268 2.27 -5.34 42.90
CA VAL C 268 1.17 -5.76 43.75
C VAL C 268 0.32 -6.84 43.08
N MET C 269 0.04 -6.66 41.79
CA MET C 269 -0.74 -7.65 41.06
C MET C 269 -0.05 -9.01 41.03
N ILE C 270 1.26 -8.98 40.72
CA ILE C 270 2.06 -10.20 40.58
C ILE C 270 2.08 -10.96 41.90
N MET C 271 2.34 -10.25 43.00
CA MET C 271 2.37 -10.87 44.31
C MET C 271 1.02 -11.42 44.75
N THR C 272 -0.05 -10.81 44.25
CA THR C 272 -1.37 -11.15 44.73
C THR C 272 -1.84 -12.46 44.14
N HIS C 273 -1.79 -12.56 42.81
CA HIS C 273 -2.33 -13.72 42.11
C HIS C 273 -1.33 -14.80 41.76
N GLY C 274 -0.03 -14.50 41.84
CA GLY C 274 0.94 -15.51 41.39
C GLY C 274 0.94 -16.76 42.27
N ASP C 275 1.31 -17.87 41.66
CA ASP C 275 1.35 -19.15 42.37
C ASP C 275 2.71 -19.80 42.18
N ASP C 276 2.80 -21.11 42.44
CA ASP C 276 4.08 -21.80 42.42
C ASP C 276 4.51 -22.03 40.99
N LYS C 277 3.59 -21.95 40.04
CA LYS C 277 3.98 -22.07 38.64
C LYS C 277 4.35 -20.71 37.99
N GLY C 278 4.21 -19.62 38.72
CA GLY C 278 4.62 -18.31 38.21
C GLY C 278 3.46 -17.35 38.20
N LEU C 279 3.30 -16.65 37.08
CA LEU C 279 2.35 -15.54 36.96
C LEU C 279 0.98 -16.05 36.77
N VAL C 280 0.01 -15.30 37.30
CA VAL C 280 -1.37 -15.42 36.89
C VAL C 280 -1.90 -14.01 36.55
N ILE C 281 -2.23 -13.78 35.28
CA ILE C 281 -2.66 -12.47 34.82
C ILE C 281 -4.20 -12.45 34.72
N PRO C 282 -4.84 -11.52 35.46
CA PRO C 282 -6.27 -11.23 35.32
C PRO C 282 -6.58 -10.96 33.85
N PRO C 283 -7.60 -11.64 33.33
CA PRO C 283 -8.06 -11.45 31.96
C PRO C 283 -8.21 -9.99 31.48
N ARG C 284 -8.70 -9.11 32.36
CA ARG C 284 -8.89 -7.73 31.98
C ARG C 284 -7.64 -6.99 31.54
N VAL C 285 -6.47 -7.33 32.10
CA VAL C 285 -5.23 -6.67 31.69
C VAL C 285 -4.26 -7.61 30.95
N ALA C 286 -4.70 -8.80 30.59
CA ALA C 286 -3.83 -9.75 29.90
C ALA C 286 -3.78 -9.36 28.43
N SER C 287 -2.57 -9.18 27.91
CA SER C 287 -2.44 -8.82 26.50
CA SER C 287 -2.35 -8.85 26.51
C SER C 287 -2.81 -10.01 25.63
N VAL C 288 -2.53 -11.23 26.11
CA VAL C 288 -2.98 -12.49 25.50
C VAL C 288 -3.92 -13.14 26.52
N GLN C 289 -5.20 -13.14 26.21
CA GLN C 289 -6.19 -13.82 27.04
C GLN C 289 -6.22 -15.32 26.73
N VAL C 290 -6.10 -15.68 25.46
CA VAL C 290 -6.16 -17.07 25.12
C VAL C 290 -4.99 -17.35 24.21
N VAL C 291 -4.21 -18.36 24.55
CA VAL C 291 -3.21 -18.82 23.62
C VAL C 291 -3.66 -20.14 22.97
N ILE C 292 -3.56 -20.18 21.65
CA ILE C 292 -3.85 -21.40 20.91
C ILE C 292 -2.58 -22.18 20.57
N ILE C 293 -2.52 -23.43 21.03
CA ILE C 293 -1.37 -24.28 20.76
C ILE C 293 -1.73 -25.49 19.89
N PRO C 294 -1.27 -25.50 18.61
CA PRO C 294 -1.40 -26.69 17.75
C PRO C 294 -0.52 -27.81 18.25
N ILE C 295 -1.06 -29.02 18.35
CA ILE C 295 -0.26 -30.15 18.79
C ILE C 295 0.20 -30.94 17.56
N LEU C 296 1.51 -30.87 17.35
CA LEU C 296 2.15 -31.38 16.15
C LEU C 296 3.22 -32.38 16.56
N PHE C 297 3.09 -33.59 16.06
CA PHE C 297 4.02 -34.70 16.35
C PHE C 297 3.94 -35.75 15.21
N LYS C 298 5.12 -36.18 14.75
CA LYS C 298 5.30 -37.23 13.71
C LYS C 298 4.51 -36.93 12.41
N ASP C 299 4.31 -35.64 12.13
CA ASP C 299 3.58 -35.11 10.95
C ASP C 299 2.06 -35.47 10.86
N GLU C 300 1.43 -35.64 12.02
CA GLU C 300 0.00 -36.01 12.10
C GLU C 300 -0.92 -34.83 11.77
N ASN C 301 -1.39 -34.78 10.51
CA ASN C 301 -2.38 -33.79 10.05
C ASN C 301 -1.98 -32.31 10.18
N THR C 302 -0.67 -32.06 10.09
CA THR C 302 -0.07 -30.73 10.34
C THR C 302 -0.82 -29.55 9.69
N GLY C 303 -1.36 -29.76 8.48
CA GLY C 303 -2.03 -28.69 7.73
C GLY C 303 -3.41 -28.33 8.24
N GLU C 304 -4.24 -29.34 8.49
CA GLU C 304 -5.63 -29.14 8.96
C GLU C 304 -5.66 -28.49 10.36
N ILE C 305 -4.82 -29.01 11.27
CA ILE C 305 -4.65 -28.44 12.61
C ILE C 305 -4.42 -26.93 12.55
N LEU C 306 -3.39 -26.51 11.81
CA LEU C 306 -3.05 -25.09 11.67
C LEU C 306 -4.20 -24.30 11.06
N GLY C 307 -4.95 -24.93 10.15
CA GLY C 307 -6.09 -24.29 9.51
C GLY C 307 -7.19 -23.94 10.49
N LYS C 308 -7.54 -24.90 11.36
CA LYS C 308 -8.64 -24.69 12.30
C LYS C 308 -8.24 -23.68 13.38
N CYS C 309 -6.98 -23.73 13.81
CA CYS C 309 -6.46 -22.71 14.72
C CYS C 309 -6.73 -21.29 14.21
N ARG C 310 -6.33 -21.01 12.97
CA ARG C 310 -6.57 -19.69 12.37
C ARG C 310 -8.06 -19.38 12.29
N GLU C 311 -8.87 -20.38 12.00
CA GLU C 311 -10.32 -20.16 11.96
C GLU C 311 -10.92 -19.85 13.35
N LEU C 312 -10.42 -20.54 14.37
CA LEU C 312 -10.86 -20.32 15.75
C LEU C 312 -10.48 -18.91 16.24
N LYS C 313 -9.25 -18.49 15.94
CA LYS C 313 -8.77 -17.15 16.29
C LYS C 313 -9.74 -16.05 15.84
N THR C 314 -10.04 -16.00 14.54
CA THR C 314 -10.95 -14.99 13.96
C THR C 314 -12.33 -15.03 14.61
N MET C 315 -12.83 -16.23 14.89
CA MET C 315 -14.13 -16.36 15.54
C MET C 315 -14.12 -15.72 16.93
N LEU C 316 -13.11 -16.09 17.71
CA LEU C 316 -12.89 -15.54 19.03
C LEU C 316 -12.69 -14.01 19.04
N GLU C 317 -12.01 -13.47 18.05
CA GLU C 317 -11.82 -12.00 17.94
C GLU C 317 -13.10 -11.19 17.73
N LYS C 318 -14.08 -11.79 17.04
CA LYS C 318 -15.39 -11.17 16.82
C LYS C 318 -16.03 -10.87 18.19
N ALA C 319 -15.69 -11.67 19.20
CA ALA C 319 -16.09 -11.41 20.60
C ALA C 319 -15.10 -10.54 21.39
N ASP C 320 -14.14 -9.91 20.71
CA ASP C 320 -13.12 -9.05 21.35
C ASP C 320 -12.22 -9.81 22.33
N ILE C 321 -12.10 -11.11 22.15
CA ILE C 321 -11.16 -11.91 22.93
C ILE C 321 -9.76 -11.75 22.33
N ARG C 322 -8.74 -11.52 23.17
CA ARG C 322 -7.34 -11.33 22.67
C ARG C 322 -6.60 -12.68 22.58
N VAL C 323 -6.35 -13.08 21.35
CA VAL C 323 -5.89 -14.42 21.07
C VAL C 323 -4.54 -14.42 20.36
N ARG C 324 -3.63 -15.27 20.80
CA ARG C 324 -2.37 -15.55 20.11
CA ARG C 324 -2.46 -15.55 20.00
C ARG C 324 -2.34 -17.03 19.67
N ILE C 325 -2.00 -17.30 18.43
CA ILE C 325 -1.70 -18.67 18.05
C ILE C 325 -0.19 -18.87 18.21
N ASP C 326 0.25 -19.73 19.13
CA ASP C 326 1.68 -20.05 19.16
C ASP C 326 1.96 -21.16 18.15
N ASP C 327 2.24 -20.77 16.92
CA ASP C 327 2.51 -21.74 15.85
C ASP C 327 4.01 -21.80 15.49
N ARG C 328 4.85 -21.41 16.44
CA ARG C 328 6.29 -21.40 16.25
C ARG C 328 6.74 -22.86 16.13
N SER C 329 7.44 -23.18 15.04
CA SER C 329 7.83 -24.59 14.79
C SER C 329 9.03 -25.04 15.64
N ASN C 330 9.81 -24.10 16.15
CA ASN C 330 11.07 -24.45 16.81
C ASN C 330 10.93 -24.70 18.27
N TYR C 331 9.71 -25.04 18.68
CA TYR C 331 9.41 -25.31 20.08
C TYR C 331 8.39 -26.42 20.17
N THR C 332 8.55 -27.31 21.15
CA THR C 332 7.59 -28.37 21.44
C THR C 332 6.28 -27.83 22.03
N PRO C 333 5.17 -28.56 21.79
CA PRO C 333 3.93 -28.22 22.49
C PRO C 333 4.12 -28.13 24.01
N GLY C 334 4.84 -29.07 24.57
CA GLY C 334 5.04 -29.07 26.01
C GLY C 334 5.83 -27.86 26.42
N TRP C 335 6.79 -27.47 25.59
CA TRP C 335 7.54 -26.25 25.89
C TRP C 335 6.56 -25.03 25.94
N LYS C 336 5.63 -25.00 25.00
CA LYS C 336 4.62 -23.93 24.91
C LYS C 336 3.73 -23.89 26.15
N TYR C 337 3.36 -25.05 26.68
CA TYR C 337 2.50 -25.12 27.85
C TYR C 337 3.20 -24.45 29.01
N ASN C 338 4.45 -24.83 29.24
CA ASN C 338 5.20 -24.27 30.34
CA ASN C 338 5.19 -24.28 30.35
C ASN C 338 5.35 -22.77 30.17
N HIS C 339 5.72 -22.35 28.96
CA HIS C 339 5.99 -20.94 28.61
C HIS C 339 4.80 -19.98 28.91
N TRP C 340 3.65 -20.29 28.32
CA TRP C 340 2.45 -19.45 28.51
C TRP C 340 1.91 -19.57 29.95
N GLU C 341 2.15 -20.71 30.58
CA GLU C 341 1.80 -20.90 31.97
C GLU C 341 2.66 -20.02 32.89
N VAL C 342 3.97 -19.97 32.68
CA VAL C 342 4.83 -19.19 33.56
C VAL C 342 4.48 -17.70 33.35
N LYS C 343 4.06 -17.39 32.14
CA LYS C 343 3.71 -16.05 31.75
C LYS C 343 2.31 -15.62 32.21
N GLY C 344 1.50 -16.58 32.68
CA GLY C 344 0.25 -16.26 33.32
C GLY C 344 -0.94 -16.02 32.41
N VAL C 345 -0.86 -16.51 31.18
CA VAL C 345 -1.98 -16.40 30.24
C VAL C 345 -3.18 -17.17 30.78
N PRO C 346 -4.36 -16.49 30.92
CA PRO C 346 -5.53 -17.04 31.63
C PRO C 346 -6.05 -18.38 31.09
N LEU C 347 -6.08 -18.53 29.77
CA LEU C 347 -6.63 -19.70 29.11
C LEU C 347 -5.69 -20.24 28.03
N ARG C 348 -5.41 -21.53 28.12
CA ARG C 348 -4.72 -22.20 27.04
C ARG C 348 -5.71 -23.08 26.29
N LEU C 349 -5.74 -22.95 24.98
CA LEU C 349 -6.55 -23.80 24.13
C LEU C 349 -5.63 -24.74 23.33
N GLU C 350 -5.78 -26.04 23.57
CA GLU C 350 -4.97 -27.07 22.93
C GLU C 350 -5.74 -27.75 21.83
N LEU C 351 -5.05 -28.08 20.76
CA LEU C 351 -5.69 -28.69 19.60
C LEU C 351 -4.76 -29.68 18.91
N GLY C 352 -5.09 -30.96 19.03
CA GLY C 352 -4.35 -32.04 18.38
C GLY C 352 -5.17 -32.76 17.31
N PRO C 353 -4.75 -33.97 16.90
CA PRO C 353 -5.54 -34.75 15.94
C PRO C 353 -6.89 -35.22 16.50
N LYS C 354 -6.87 -35.84 17.70
CA LYS C 354 -8.07 -36.34 18.38
C LYS C 354 -9.17 -35.28 18.47
N ASP C 355 -8.81 -34.08 18.90
CA ASP C 355 -9.75 -32.96 19.05
C ASP C 355 -10.28 -32.46 17.73
N LEU C 356 -9.47 -32.58 16.68
CA LEU C 356 -9.82 -32.10 15.34
C LEU C 356 -10.95 -32.92 14.74
N ALA C 357 -10.95 -34.22 15.03
CA ALA C 357 -12.01 -35.11 14.59
C ALA C 357 -13.33 -34.78 15.29
N LYS C 358 -13.24 -34.44 16.57
CA LYS C 358 -14.40 -34.32 17.47
C LYS C 358 -15.19 -32.98 17.40
N GLY C 359 -14.67 -31.98 16.69
CA GLY C 359 -15.30 -30.64 16.70
C GLY C 359 -15.23 -29.95 18.06
N THR C 360 -14.21 -30.34 18.85
CA THR C 360 -13.96 -29.78 20.17
C THR C 360 -12.52 -29.28 20.30
N ALA C 361 -12.22 -28.76 21.49
CA ALA C 361 -10.88 -28.28 21.89
C ALA C 361 -10.78 -28.42 23.39
N ARG C 362 -9.59 -28.77 23.90
CA ARG C 362 -9.34 -28.79 25.34
C ARG C 362 -8.81 -27.41 25.80
N VAL C 363 -9.41 -26.89 26.86
CA VAL C 363 -9.07 -25.57 27.36
C VAL C 363 -8.72 -25.69 28.84
N VAL C 364 -7.59 -25.09 29.23
CA VAL C 364 -7.15 -25.12 30.61
C VAL C 364 -7.05 -23.71 31.17
N ARG C 365 -7.71 -23.48 32.31
CA ARG C 365 -7.67 -22.20 32.95
C ARG C 365 -6.48 -22.16 33.88
N ARG C 366 -5.77 -21.03 33.84
CA ARG C 366 -4.47 -20.95 34.48
C ARG C 366 -4.60 -20.91 35.98
N ASP C 367 -5.65 -20.28 36.50
CA ASP C 367 -5.77 -20.09 37.95
C ASP C 367 -5.91 -21.36 38.78
N THR C 368 -6.70 -22.33 38.28
CA THR C 368 -7.02 -23.55 39.04
C THR C 368 -6.58 -24.81 38.34
N GLY C 369 -6.25 -24.71 37.06
CA GLY C 369 -5.74 -25.86 36.32
C GLY C 369 -6.86 -26.69 35.73
N GLU C 370 -8.11 -26.28 35.96
CA GLU C 370 -9.26 -27.02 35.48
C GLU C 370 -9.33 -27.05 33.96
N ALA C 371 -9.58 -28.25 33.43
CA ALA C 371 -9.72 -28.49 32.01
C ALA C 371 -11.18 -28.63 31.60
N TYR C 372 -11.47 -28.30 30.34
CA TYR C 372 -12.82 -28.35 29.77
C TYR C 372 -12.72 -28.86 28.34
N GLN C 373 -13.59 -29.81 27.96
CA GLN C 373 -13.85 -30.11 26.54
C GLN C 373 -14.98 -29.22 26.09
N ILE C 374 -14.76 -28.48 25.00
CA ILE C 374 -15.73 -27.48 24.53
C ILE C 374 -15.88 -27.53 23.03
N SER C 375 -17.12 -27.49 22.56
CA SER C 375 -17.38 -27.55 21.13
C SER C 375 -17.04 -26.23 20.46
N TRP C 376 -16.46 -26.30 19.27
CA TRP C 376 -16.13 -25.11 18.49
C TRP C 376 -17.21 -24.04 18.54
N ALA C 377 -18.47 -24.45 18.44
CA ALA C 377 -19.56 -23.49 18.38
C ALA C 377 -19.80 -22.76 19.72
N ASP C 378 -19.45 -23.41 20.83
CA ASP C 378 -19.68 -22.81 22.16
C ASP C 378 -18.47 -22.04 22.69
N LEU C 379 -17.38 -21.96 21.90
CA LEU C 379 -16.11 -21.46 22.41
C LEU C 379 -16.23 -20.04 22.89
N ALA C 380 -16.66 -19.16 22.00
CA ALA C 380 -16.75 -17.72 22.31
C ALA C 380 -17.51 -17.46 23.63
N PRO C 381 -18.78 -17.89 23.73
CA PRO C 381 -19.47 -17.58 24.99
C PRO C 381 -18.91 -18.34 26.20
N LYS C 382 -18.45 -19.58 26.03
CA LYS C 382 -17.82 -20.31 27.15
C LYS C 382 -16.51 -19.65 27.66
N LEU C 383 -15.63 -19.28 26.75
CA LEU C 383 -14.40 -18.55 27.10
C LEU C 383 -14.68 -17.20 27.78
N LEU C 384 -15.67 -16.46 27.28
CA LEU C 384 -16.08 -15.24 27.97
C LEU C 384 -16.54 -15.55 29.39
N GLU C 385 -17.33 -16.61 29.54
CA GLU C 385 -17.78 -16.99 30.89
C GLU C 385 -16.59 -17.37 31.76
N LEU C 386 -15.64 -18.11 31.19
CA LEU C 386 -14.48 -18.51 31.98
C LEU C 386 -13.65 -17.29 32.38
N MET C 387 -13.56 -16.32 31.47
CA MET C 387 -12.80 -15.11 31.76
C MET C 387 -13.33 -14.23 32.88
N GLU C 388 -14.64 -13.94 32.85
CA GLU C 388 -15.30 -13.25 33.97
C GLU C 388 -15.14 -14.09 35.25
N GLY C 389 -15.18 -15.42 35.09
CA GLY C 389 -15.04 -16.31 36.23
C GLY C 389 -13.65 -16.21 36.84
N ILE C 390 -12.63 -16.25 35.98
CA ILE C 390 -11.25 -16.16 36.43
C ILE C 390 -11.09 -14.84 37.15
N GLN C 391 -11.49 -13.77 36.48
CA GLN C 391 -11.34 -12.41 36.99
C GLN C 391 -12.01 -12.21 38.33
N ARG C 392 -13.27 -12.65 38.42
CA ARG C 392 -14.04 -12.54 39.68
C ARG C 392 -13.42 -13.44 40.75
N SER C 393 -13.09 -14.67 40.38
CA SER C 393 -12.47 -15.60 41.28
C SER C 393 -11.12 -15.12 41.88
N LEU C 394 -10.23 -14.58 41.03
CA LEU C 394 -8.96 -13.98 41.50
C LEU C 394 -9.21 -12.92 42.55
N PHE C 395 -10.19 -12.07 42.28
CA PHE C 395 -10.46 -10.98 43.20
C PHE C 395 -11.00 -11.54 44.53
N GLU C 396 -12.03 -12.35 44.44
CA GLU C 396 -12.68 -12.79 45.68
CA GLU C 396 -12.71 -12.94 45.61
C GLU C 396 -11.75 -13.65 46.56
N LYS C 397 -10.86 -14.46 45.97
CA LYS C 397 -9.87 -15.17 46.78
C LYS C 397 -8.89 -14.20 47.41
N ALA C 398 -8.52 -13.15 46.69
CA ALA C 398 -7.61 -12.17 47.26
C ALA C 398 -8.29 -11.43 48.39
N LYS C 399 -9.57 -11.10 48.19
CA LYS C 399 -10.35 -10.38 49.22
C LYS C 399 -10.47 -11.17 50.53
N ALA C 400 -10.72 -12.47 50.41
CA ALA C 400 -10.77 -13.35 51.59
C ALA C 400 -9.42 -13.41 52.29
N ARG C 401 -8.33 -13.50 51.52
CA ARG C 401 -6.99 -13.52 52.13
C ARG C 401 -6.70 -12.20 52.81
N LEU C 402 -7.14 -11.11 52.20
CA LEU C 402 -7.01 -9.81 52.84
C LEU C 402 -7.76 -9.81 54.19
N HIS C 403 -9.00 -10.31 54.18
CA HIS C 403 -9.79 -10.29 55.43
C HIS C 403 -9.30 -11.27 56.49
N GLU C 404 -8.86 -12.47 56.09
CA GLU C 404 -8.15 -13.36 57.01
C GLU C 404 -6.89 -12.72 57.66
N GLY C 405 -6.29 -11.75 56.97
CA GLY C 405 -5.02 -11.17 57.39
C GLY C 405 -5.13 -9.94 58.27
N ILE C 406 -6.35 -9.48 58.53
CA ILE C 406 -6.56 -8.32 59.42
C ILE C 406 -7.21 -8.76 60.73
N GLU C 407 -6.62 -8.37 61.86
CA GLU C 407 -7.17 -8.77 63.16
C GLU C 407 -7.73 -7.57 63.93
N LYS C 408 -9.02 -7.62 64.28
CA LYS C 408 -9.62 -6.65 65.22
C LYS C 408 -9.09 -6.87 66.62
N ILE C 409 -8.63 -5.80 67.27
CA ILE C 409 -7.98 -5.89 68.58
C ILE C 409 -8.32 -4.68 69.48
N SER C 410 -8.05 -4.83 70.77
CA SER C 410 -8.44 -3.83 71.77
C SER C 410 -7.28 -3.32 72.57
N THR C 411 -6.24 -4.13 72.78
CA THR C 411 -5.08 -3.68 73.56
C THR C 411 -3.71 -3.97 72.94
N PHE C 412 -2.73 -3.16 73.34
CA PHE C 412 -1.37 -3.27 72.86
C PHE C 412 -0.73 -4.66 73.00
N ASP C 413 -1.24 -5.45 73.96
CA ASP C 413 -0.72 -6.81 74.20
C ASP C 413 -1.13 -7.76 73.08
N GLU C 414 -2.12 -7.35 72.30
CA GLU C 414 -2.53 -8.15 71.16
C GLU C 414 -1.64 -7.90 69.91
N VAL C 415 -0.89 -6.79 69.90
CA VAL C 415 -0.11 -6.34 68.73
C VAL C 415 0.97 -7.35 68.32
N MET C 416 1.98 -7.46 69.17
CA MET C 416 3.14 -8.29 68.86
C MET C 416 2.78 -9.70 68.45
N PRO C 417 1.76 -10.30 69.08
CA PRO C 417 1.39 -11.62 68.60
C PRO C 417 0.81 -11.63 67.19
N ALA C 418 0.04 -10.61 66.82
CA ALA C 418 -0.62 -10.59 65.51
C ALA C 418 0.37 -10.29 64.37
N LEU C 419 1.36 -9.45 64.67
CA LEU C 419 2.50 -9.22 63.78
C LEU C 419 3.28 -10.50 63.50
N ASN C 420 3.40 -11.39 64.49
CA ASN C 420 4.08 -12.69 64.29
C ASN C 420 3.29 -13.63 63.41
N ARG C 421 1.98 -13.53 63.47
CA ARG C 421 1.12 -14.23 62.52
C ARG C 421 1.11 -13.54 61.14
N LYS C 422 1.84 -12.42 60.99
CA LYS C 422 1.95 -11.69 59.71
C LYS C 422 0.59 -11.12 59.30
N HIS C 423 0.00 -10.35 60.22
CA HIS C 423 -1.32 -9.79 60.05
C HIS C 423 -1.19 -8.34 60.38
N LEU C 424 -2.21 -7.58 60.03
CA LEU C 424 -2.29 -6.16 60.33
C LEU C 424 -3.23 -6.06 61.51
N VAL C 425 -3.22 -4.94 62.21
CA VAL C 425 -4.22 -4.78 63.25
C VAL C 425 -5.16 -3.61 63.02
N LEU C 426 -6.44 -3.85 63.27
CA LEU C 426 -7.42 -2.79 63.33
C LEU C 426 -7.75 -2.53 64.80
N ALA C 427 -7.36 -1.36 65.29
CA ALA C 427 -7.32 -1.10 66.72
C ALA C 427 -7.78 0.33 66.98
N PRO C 428 -8.54 0.57 68.09
CA PRO C 428 -9.07 1.92 68.30
C PRO C 428 -7.97 2.82 68.84
N TRP C 429 -7.95 4.08 68.40
CA TRP C 429 -6.77 4.92 68.57
C TRP C 429 -7.18 6.36 68.80
N CYS C 430 -6.46 7.06 69.66
CA CYS C 430 -6.76 8.46 70.02
C CYS C 430 -6.28 9.48 68.99
N GLU C 431 -5.36 9.08 68.12
CA GLU C 431 -4.88 9.88 66.97
C GLU C 431 -4.07 11.12 67.38
N ASP C 432 -3.32 11.00 68.48
CA ASP C 432 -2.47 12.10 68.92
C ASP C 432 -1.08 11.91 68.31
N PRO C 433 -0.32 13.01 68.15
CA PRO C 433 0.96 12.97 67.44
C PRO C 433 1.91 11.90 67.97
N GLU C 434 2.32 12.06 69.24
CA GLU C 434 3.39 11.27 69.86
C GLU C 434 3.17 9.75 69.91
N SER C 435 1.92 9.29 70.00
CA SER C 435 1.69 7.84 70.13
C SER C 435 2.23 7.01 68.98
N GLU C 436 2.03 7.47 67.74
CA GLU C 436 2.52 6.73 66.56
C GLU C 436 4.03 6.47 66.58
N GLU C 437 4.83 7.52 66.80
CA GLU C 437 6.28 7.36 66.96
C GLU C 437 6.64 6.42 68.16
N GLN C 438 5.92 6.57 69.28
CA GLN C 438 6.13 5.69 70.45
C GLN C 438 5.85 4.24 70.10
N ILE C 439 4.75 4.02 69.38
CA ILE C 439 4.37 2.69 68.94
C ILE C 439 5.38 2.13 67.97
N LYS C 440 5.85 2.97 67.03
CA LYS C 440 6.85 2.54 66.04
C LYS C 440 8.10 2.10 66.79
N LYS C 441 8.55 2.94 67.71
CA LYS C 441 9.78 2.67 68.46
C LYS C 441 9.65 1.42 69.33
N GLU C 442 8.57 1.36 70.12
CA GLU C 442 8.27 0.20 70.95
C GLU C 442 8.23 -1.09 70.15
N THR C 443 7.48 -1.10 69.03
CA THR C 443 7.38 -2.32 68.18
C THR C 443 8.71 -2.66 67.49
N GLN C 444 9.44 -1.61 67.08
CA GLN C 444 10.83 -1.73 66.67
C GLN C 444 11.64 -2.52 67.72
N LYS C 445 11.65 -2.02 68.96
CA LYS C 445 12.43 -2.65 70.03
C LYS C 445 12.04 -4.12 70.25
N LEU C 446 10.74 -4.38 70.37
CA LEU C 446 10.24 -5.74 70.65
C LEU C 446 10.49 -6.72 69.51
N SER C 447 10.48 -6.20 68.28
CA SER C 447 10.63 -7.04 67.10
C SER C 447 12.03 -7.66 67.08
N GLU C 448 13.06 -6.81 67.16
CA GLU C 448 14.44 -7.27 67.18
C GLU C 448 14.78 -7.99 68.50
N ILE C 449 14.40 -9.26 68.60
CA ILE C 449 14.69 -10.10 69.78
C ILE C 449 14.64 -11.62 69.46
N GLY C 463 10.75 -5.35 61.31
CA GLY C 463 10.61 -4.54 62.50
C GLY C 463 9.32 -3.73 62.69
N ALA C 464 9.43 -2.41 62.55
CA ALA C 464 8.41 -1.47 63.06
C ALA C 464 6.99 -1.59 62.50
N MET C 465 6.02 -1.22 63.32
CA MET C 465 4.63 -1.20 62.91
C MET C 465 4.26 0.27 62.81
N LYS C 466 3.50 0.63 61.77
CA LYS C 466 2.98 2.00 61.66
C LYS C 466 1.54 2.01 61.23
N THR C 467 0.91 3.18 61.28
CA THR C 467 -0.43 3.33 60.73
C THR C 467 -0.34 3.14 59.21
N LEU C 468 -1.28 2.36 58.69
CA LEU C 468 -1.44 2.20 57.26
C LEU C 468 -2.44 3.23 56.78
N CYS C 469 -3.67 3.17 57.31
CA CYS C 469 -4.66 4.23 57.15
C CYS C 469 -5.76 4.16 58.24
N ILE C 470 -6.54 5.21 58.29
CA ILE C 470 -7.78 5.22 59.04
C ILE C 470 -8.89 4.97 58.01
N PRO C 471 -9.41 3.73 57.94
CA PRO C 471 -10.34 3.40 56.84
C PRO C 471 -11.56 4.29 56.82
N PHE C 472 -12.07 4.55 55.63
CA PHE C 472 -13.30 5.31 55.45
C PHE C 472 -14.44 4.51 56.07
N ASP C 473 -14.33 3.20 55.95
CA ASP C 473 -15.30 2.26 56.45
C ASP C 473 -15.00 1.97 57.92
N GLN C 474 -15.69 2.70 58.80
CA GLN C 474 -15.45 2.64 60.24
C GLN C 474 -16.42 1.69 60.95
N PRO C 475 -15.92 0.58 61.53
CA PRO C 475 -16.74 -0.20 62.45
C PRO C 475 -17.33 0.70 63.55
N PRO C 476 -18.46 0.26 64.14
CA PRO C 476 -19.01 1.01 65.29
C PRO C 476 -17.99 1.13 66.43
N MET C 477 -17.95 2.32 67.06
CA MET C 477 -17.09 2.59 68.21
C MET C 477 -17.93 2.77 69.50
N PRO C 478 -18.13 1.69 70.28
CA PRO C 478 -19.03 1.75 71.46
C PRO C 478 -18.58 2.79 72.49
N GLU C 479 -19.52 3.56 73.03
CA GLU C 479 -19.22 4.64 73.99
C GLU C 479 -18.19 4.20 75.04
N GLY C 480 -17.17 5.02 75.26
CA GLY C 480 -16.19 4.80 76.33
C GLY C 480 -15.02 3.88 76.00
N THR C 481 -14.95 3.36 74.78
CA THR C 481 -13.83 2.50 74.34
C THR C 481 -12.51 3.26 74.41
N LYS C 482 -11.46 2.57 74.84
CA LYS C 482 -10.17 3.21 75.06
C LYS C 482 -9.14 2.94 73.94
N CYS C 483 -8.30 3.93 73.69
CA CYS C 483 -7.28 3.79 72.68
C CYS C 483 -6.42 2.67 73.18
N PHE C 484 -6.04 1.78 72.28
CA PHE C 484 -5.27 0.57 72.56
C PHE C 484 -3.89 0.76 73.14
N TYR C 485 -3.28 1.91 72.96
CA TYR C 485 -1.98 2.17 73.51
C TYR C 485 -1.91 3.16 74.63
N THR C 486 -2.59 4.28 74.51
CA THR C 486 -2.47 5.31 75.55
C THR C 486 -3.42 5.01 76.70
N GLY C 487 -4.63 4.57 76.37
CA GLY C 487 -5.66 4.30 77.37
C GLY C 487 -6.70 5.41 77.36
N LYS C 488 -6.40 6.48 76.63
CA LYS C 488 -7.30 7.64 76.53
C LYS C 488 -8.58 7.32 75.73
N PRO C 489 -9.46 8.31 75.51
CA PRO C 489 -10.63 7.95 74.71
C PRO C 489 -10.26 7.75 73.24
N ALA C 490 -10.77 6.66 72.66
CA ALA C 490 -10.52 6.35 71.26
C ALA C 490 -11.42 7.18 70.35
N LYS C 491 -10.86 7.70 69.26
CA LYS C 491 -11.66 8.40 68.23
C LYS C 491 -12.17 7.41 67.18
N ARG C 492 -11.25 6.79 66.44
CA ARG C 492 -11.61 5.97 65.29
C ARG C 492 -10.80 4.68 65.26
N TRP C 493 -11.21 3.76 64.41
CA TRP C 493 -10.43 2.54 64.16
C TRP C 493 -9.33 2.82 63.13
N THR C 494 -8.13 2.30 63.39
CA THR C 494 -6.96 2.55 62.58
C THR C 494 -6.29 1.24 62.22
N LEU C 495 -5.93 1.10 60.94
CA LEU C 495 -5.26 -0.09 60.45
C LEU C 495 -3.75 0.15 60.56
N TRP C 496 -3.07 -0.83 61.17
CA TRP C 496 -1.65 -0.80 61.51
C TRP C 496 -0.99 -2.07 61.01
N GLY C 497 0.31 -2.00 60.80
CA GLY C 497 1.08 -3.18 60.41
C GLY C 497 2.50 -2.81 60.02
N ARG C 498 3.26 -3.85 59.71
CA ARG C 498 4.51 -3.71 58.98
C ARG C 498 4.15 -3.35 57.53
N SER C 499 5.03 -2.60 56.88
CA SER C 499 4.73 -2.09 55.54
C SER C 499 5.95 -1.93 54.69
N TYR C 500 5.72 -1.81 53.39
CA TYR C 500 6.76 -1.42 52.44
C TYR C 500 7.12 0.07 52.61
N ALA D 2 4.47 -37.56 -30.62
CA ALA D 2 4.07 -38.05 -29.26
C ALA D 2 2.55 -37.99 -29.09
N MET D 3 1.94 -39.09 -28.64
CA MET D 3 0.47 -39.20 -28.53
C MET D 3 -0.11 -39.37 -27.11
N VAL D 4 -1.42 -39.18 -27.01
CA VAL D 4 -2.10 -39.28 -25.74
C VAL D 4 -2.29 -40.76 -25.32
N THR D 5 -1.87 -41.08 -24.09
CA THR D 5 -2.02 -42.43 -23.52
C THR D 5 -2.95 -42.48 -22.30
N ALA D 6 -3.04 -41.39 -21.53
CA ALA D 6 -3.96 -41.39 -20.38
C ALA D 6 -5.36 -41.33 -20.92
N LYS D 7 -6.30 -41.90 -20.18
CA LYS D 7 -7.66 -41.95 -20.65
C LYS D 7 -8.52 -40.91 -19.96
N LYS D 8 -9.37 -40.26 -20.77
CA LYS D 8 -10.14 -39.13 -20.30
C LYS D 8 -11.06 -39.54 -19.16
N ASP D 9 -11.61 -40.72 -19.22
CA ASP D 9 -12.49 -41.18 -18.17
C ASP D 9 -11.81 -41.87 -17.00
N GLU D 10 -10.51 -41.97 -17.03
CA GLU D 10 -9.74 -42.57 -15.97
C GLU D 10 -9.15 -41.43 -15.18
N ASN D 11 -7.88 -41.12 -15.36
CA ASN D 11 -7.30 -40.00 -14.64
C ASN D 11 -7.49 -38.72 -15.49
N PHE D 12 -8.49 -37.91 -15.14
CA PHE D 12 -8.85 -36.71 -15.88
C PHE D 12 -7.72 -35.68 -15.86
N SER D 13 -7.25 -35.37 -14.65
CA SER D 13 -6.12 -34.49 -14.45
C SER D 13 -4.90 -34.78 -15.35
N GLU D 14 -4.50 -36.05 -15.45
CA GLU D 14 -3.34 -36.41 -16.24
C GLU D 14 -3.68 -36.44 -17.75
N TRP D 15 -4.89 -36.85 -18.08
CA TRP D 15 -5.34 -36.70 -19.47
C TRP D 15 -5.21 -35.19 -19.94
N TYR D 16 -5.69 -34.26 -19.12
CA TYR D 16 -5.75 -32.82 -19.46
C TYR D 16 -4.36 -32.32 -19.75
N THR D 17 -3.42 -32.64 -18.84
CA THR D 17 -1.97 -32.37 -19.00
C THR D 17 -1.41 -32.91 -20.29
N GLN D 18 -1.60 -34.19 -20.53
CA GLN D 18 -1.07 -34.76 -21.78
C GLN D 18 -1.68 -34.05 -23.01
N ALA D 19 -2.97 -33.79 -22.95
CA ALA D 19 -3.68 -33.18 -24.08
C ALA D 19 -3.04 -31.85 -24.40
N ILE D 20 -2.75 -31.06 -23.39
CA ILE D 20 -2.30 -29.69 -23.64
C ILE D 20 -0.79 -29.61 -23.89
N VAL D 21 -0.03 -30.54 -23.32
CA VAL D 21 1.42 -30.64 -23.61
C VAL D 21 1.67 -31.25 -24.98
N ARG D 22 1.07 -32.40 -25.28
CA ARG D 22 1.45 -33.11 -26.52
C ARG D 22 0.87 -32.49 -27.78
N SER D 23 -0.19 -31.69 -27.60
CA SER D 23 -0.69 -30.87 -28.70
C SER D 23 0.19 -29.63 -28.93
N GLU D 24 1.20 -29.41 -28.09
CA GLU D 24 2.01 -28.18 -28.17
C GLU D 24 1.20 -26.89 -27.93
N MET D 25 0.22 -26.93 -27.02
CA MET D 25 -0.54 -25.75 -26.62
C MET D 25 0.19 -24.98 -25.56
N ILE D 26 0.84 -25.71 -24.67
CA ILE D 26 1.36 -25.18 -23.43
C ILE D 26 2.81 -25.61 -23.27
N GLU D 27 3.64 -24.74 -22.74
CA GLU D 27 4.95 -25.15 -22.23
C GLU D 27 5.12 -24.76 -20.76
N TYR D 28 5.89 -25.57 -20.02
CA TYR D 28 6.14 -25.34 -18.59
C TYR D 28 7.09 -24.20 -18.30
N TYR D 29 6.99 -23.67 -17.10
CA TYR D 29 7.73 -22.47 -16.77
C TYR D 29 8.04 -22.54 -15.30
N ASP D 30 9.12 -21.88 -14.89
CA ASP D 30 9.59 -22.01 -13.51
C ASP D 30 8.89 -21.06 -12.53
N ILE D 31 8.01 -20.16 -12.99
CA ILE D 31 7.28 -19.34 -12.03
C ILE D 31 5.91 -19.98 -11.86
N SER D 32 5.60 -20.35 -10.62
CA SER D 32 4.45 -21.14 -10.30
C SER D 32 3.14 -20.48 -10.77
N GLY D 33 2.30 -21.28 -11.42
CA GLY D 33 1.02 -20.74 -11.91
C GLY D 33 1.13 -19.87 -13.17
N CYS D 34 2.28 -19.86 -13.84
CA CYS D 34 2.45 -19.20 -15.13
C CYS D 34 2.87 -20.25 -16.13
N TYR D 35 2.27 -20.22 -17.32
CA TYR D 35 2.59 -21.16 -18.37
C TYR D 35 2.79 -20.41 -19.68
N ILE D 36 3.61 -20.98 -20.56
CA ILE D 36 3.84 -20.41 -21.88
C ILE D 36 2.70 -20.90 -22.77
N MET D 37 2.00 -19.95 -23.42
CA MET D 37 1.02 -20.22 -24.46
C MET D 37 1.72 -20.28 -25.82
N ARG D 38 1.84 -21.49 -26.35
CA ARG D 38 2.44 -21.70 -27.66
C ARG D 38 1.41 -21.35 -28.75
N PRO D 39 1.88 -21.15 -30.01
CA PRO D 39 0.98 -20.76 -31.10
C PRO D 39 -0.29 -21.60 -31.25
N TRP D 40 -0.22 -22.92 -31.04
CA TRP D 40 -1.43 -23.73 -31.23
C TRP D 40 -2.57 -23.26 -30.33
N ALA D 41 -2.25 -22.88 -29.09
CA ALA D 41 -3.31 -22.35 -28.21
C ALA D 41 -3.58 -20.90 -28.53
N PHE D 42 -2.50 -20.16 -28.74
CA PHE D 42 -2.67 -18.71 -28.86
C PHE D 42 -3.54 -18.34 -30.06
N HIS D 43 -3.45 -19.14 -31.12
CA HIS D 43 -4.25 -18.89 -32.31
C HIS D 43 -5.75 -19.05 -32.09
N ILE D 44 -6.11 -19.88 -31.12
CA ILE D 44 -7.51 -20.03 -30.74
C ILE D 44 -7.96 -18.82 -29.92
N TRP D 45 -7.09 -18.33 -29.06
CA TRP D 45 -7.40 -17.10 -28.35
C TRP D 45 -7.62 -15.92 -29.34
N GLU D 46 -6.73 -15.76 -30.32
CA GLU D 46 -6.92 -14.73 -31.39
C GLU D 46 -8.32 -14.78 -32.04
N LYS D 47 -8.83 -15.97 -32.23
CA LYS D 47 -10.11 -16.16 -32.88
C LYS D 47 -11.25 -15.69 -32.00
N VAL D 48 -11.33 -16.19 -30.77
CA VAL D 48 -12.40 -15.76 -29.87
C VAL D 48 -12.25 -14.27 -29.51
N GLN D 49 -11.01 -13.81 -29.41
CA GLN D 49 -10.75 -12.40 -29.14
C GLN D 49 -11.32 -11.54 -30.29
N ARG D 50 -11.07 -11.94 -31.53
CA ARG D 50 -11.54 -11.17 -32.70
C ARG D 50 -13.07 -11.20 -32.77
N PHE D 51 -13.65 -12.37 -32.53
CA PHE D 51 -15.10 -12.43 -32.47
C PHE D 51 -15.71 -11.48 -31.44
N PHE D 52 -15.18 -11.50 -30.22
CA PHE D 52 -15.80 -10.73 -29.14
C PHE D 52 -15.57 -9.26 -29.42
N ASP D 53 -14.37 -8.95 -29.91
CA ASP D 53 -14.00 -7.59 -30.18
C ASP D 53 -14.88 -6.95 -31.29
N ASP D 54 -15.11 -7.70 -32.36
CA ASP D 54 -15.95 -7.23 -33.48
C ASP D 54 -17.33 -6.99 -32.94
N GLU D 55 -17.77 -7.86 -32.02
CA GLU D 55 -19.14 -7.68 -31.54
C GLU D 55 -19.31 -6.48 -30.61
N ILE D 56 -18.33 -6.23 -29.75
CA ILE D 56 -18.49 -5.09 -28.85
C ILE D 56 -18.26 -3.81 -29.62
N LYS D 57 -17.38 -3.83 -30.63
CA LYS D 57 -17.29 -2.65 -31.54
C LYS D 57 -18.67 -2.29 -32.14
N LYS D 58 -19.51 -3.28 -32.46
CA LYS D 58 -20.86 -3.00 -33.01
C LYS D 58 -21.74 -2.31 -31.98
N MET D 59 -21.48 -2.55 -30.70
CA MET D 59 -22.26 -1.90 -29.64
C MET D 59 -21.72 -0.51 -29.32
N GLY D 60 -20.70 -0.04 -30.06
CA GLY D 60 -20.06 1.24 -29.68
C GLY D 60 -18.98 1.18 -28.57
N VAL D 61 -18.55 -0.01 -28.16
CA VAL D 61 -17.52 -0.08 -27.12
C VAL D 61 -16.18 0.23 -27.78
N GLU D 62 -15.34 1.07 -27.15
CA GLU D 62 -14.00 1.33 -27.72
C GLU D 62 -12.86 0.81 -26.88
N ASN D 63 -11.84 0.26 -27.54
CA ASN D 63 -10.67 -0.24 -26.82
C ASN D 63 -9.73 0.86 -26.34
N SER D 64 -9.03 0.58 -25.25
CA SER D 64 -8.16 1.56 -24.64
C SER D 64 -7.03 0.76 -24.03
N TYR D 65 -5.99 1.45 -23.55
CA TYR D 65 -5.00 0.77 -22.71
C TYR D 65 -4.58 1.62 -21.51
N PHE D 66 -4.91 1.12 -20.31
CA PHE D 66 -4.53 1.72 -19.04
C PHE D 66 -3.33 0.95 -18.50
N PRO D 67 -2.48 1.61 -17.66
CA PRO D 67 -1.24 0.99 -17.21
C PRO D 67 -1.46 -0.23 -16.36
N MET D 68 -0.47 -1.10 -16.38
CA MET D 68 -0.50 -2.29 -15.56
C MET D 68 -0.16 -1.98 -14.09
N PHE D 69 0.33 -0.77 -13.81
CA PHE D 69 0.78 -0.41 -12.45
C PHE D 69 -0.22 0.49 -11.79
N VAL D 70 -0.58 0.15 -10.54
CA VAL D 70 -1.50 1.01 -9.79
C VAL D 70 -0.79 1.32 -8.48
N SER D 71 -0.79 2.61 -8.15
CA SER D 71 -0.06 3.05 -6.93
C SER D 71 -0.83 2.55 -5.71
N ARG D 72 -0.12 2.44 -4.59
CA ARG D 72 -0.71 1.91 -3.34
C ARG D 72 -1.95 2.69 -2.93
N HIS D 73 -1.84 4.00 -2.93
CA HIS D 73 -2.96 4.80 -2.43
C HIS D 73 -4.19 4.73 -3.38
N LYS D 74 -3.96 4.50 -4.67
CA LYS D 74 -5.08 4.30 -5.59
C LYS D 74 -5.74 2.95 -5.42
N LEU D 75 -4.92 1.89 -5.32
CA LEU D 75 -5.45 0.55 -5.14
C LEU D 75 -6.21 0.42 -3.80
N GLU D 76 -5.70 1.07 -2.76
CA GLU D 76 -6.23 0.88 -1.40
C GLU D 76 -7.21 1.99 -0.96
N LYS D 77 -7.88 2.62 -1.91
CA LYS D 77 -8.81 3.73 -1.66
C LYS D 77 -9.86 3.51 -0.54
N GLY D 84 -10.80 -8.91 1.30
CA GLY D 84 -10.26 -10.28 1.26
C GLY D 84 -9.36 -10.58 0.07
N PHE D 85 -9.10 -9.56 -0.76
CA PHE D 85 -8.27 -9.67 -1.98
C PHE D 85 -6.80 -9.38 -1.78
N SER D 86 -6.49 -8.62 -0.72
CA SER D 86 -5.14 -8.22 -0.33
C SER D 86 -4.02 -9.23 -0.54
N PRO D 87 -4.21 -10.49 -0.12
CA PRO D 87 -3.07 -11.41 -0.29
C PRO D 87 -2.74 -11.77 -1.74
N GLU D 88 -3.61 -11.42 -2.69
CA GLU D 88 -3.34 -11.80 -4.08
C GLU D 88 -2.59 -10.73 -4.85
N VAL D 89 -2.46 -9.54 -4.27
CA VAL D 89 -1.81 -8.44 -4.95
C VAL D 89 -0.28 -8.58 -5.04
N ALA D 90 0.24 -8.55 -6.26
CA ALA D 90 1.71 -8.57 -6.45
C ALA D 90 2.25 -7.12 -6.40
N TRP D 91 3.22 -6.90 -5.50
CA TRP D 91 3.78 -5.54 -5.24
C TRP D 91 5.22 -5.38 -5.74
N VAL D 92 5.47 -4.28 -6.45
CA VAL D 92 6.81 -3.89 -6.90
C VAL D 92 7.28 -2.86 -5.90
N THR D 93 8.46 -3.07 -5.32
CA THR D 93 9.00 -2.15 -4.28
C THR D 93 10.34 -1.49 -4.65
N HIS D 94 11.01 -2.02 -5.69
CA HIS D 94 12.35 -1.56 -6.10
C HIS D 94 12.52 -1.50 -7.62
N TYR D 95 13.24 -0.51 -8.09
CA TYR D 95 13.77 -0.54 -9.45
C TYR D 95 15.29 -0.67 -9.34
N GLY D 96 15.87 -1.60 -10.10
CA GLY D 96 17.29 -1.95 -9.91
C GLY D 96 17.47 -2.31 -8.44
N ASP D 97 18.40 -1.63 -7.77
CA ASP D 97 18.62 -1.81 -6.33
CA ASP D 97 18.58 -1.81 -6.33
C ASP D 97 18.02 -0.65 -5.50
N SER D 98 17.16 0.17 -6.09
CA SER D 98 16.65 1.37 -5.42
C SER D 98 15.19 1.26 -4.98
N PRO D 99 14.89 1.70 -3.76
CA PRO D 99 13.51 1.59 -3.32
C PRO D 99 12.64 2.65 -4.02
N LEU D 100 11.41 2.27 -4.33
CA LEU D 100 10.40 3.20 -4.87
C LEU D 100 9.94 4.09 -3.70
N PRO D 101 9.63 5.38 -3.95
CA PRO D 101 9.07 6.19 -2.83
C PRO D 101 7.77 5.61 -2.22
N GLU D 102 6.97 4.98 -3.10
CA GLU D 102 5.75 4.32 -2.73
CA GLU D 102 5.65 4.37 -2.84
C GLU D 102 5.61 3.03 -3.60
N LYS D 103 5.25 1.94 -2.97
CA LYS D 103 5.18 0.66 -3.67
C LYS D 103 4.01 0.70 -4.69
N ILE D 104 4.12 -0.08 -5.76
CA ILE D 104 3.10 -0.08 -6.79
C ILE D 104 2.70 -1.51 -7.07
N ALA D 105 1.41 -1.72 -7.33
CA ALA D 105 0.88 -3.07 -7.57
C ALA D 105 0.73 -3.34 -9.10
N ILE D 106 0.91 -4.58 -9.51
CA ILE D 106 0.44 -5.00 -10.79
C ILE D 106 -1.10 -5.19 -10.74
N ARG D 107 -1.78 -4.65 -11.73
CA ARG D 107 -3.23 -4.72 -11.83
C ARG D 107 -3.88 -6.09 -11.70
N PRO D 108 -4.57 -6.37 -10.59
CA PRO D 108 -5.32 -7.64 -10.61
C PRO D 108 -6.68 -7.50 -11.30
N THR D 109 -7.06 -6.25 -11.56
CA THR D 109 -8.32 -5.85 -12.22
C THR D 109 -8.17 -4.34 -12.17
N SER D 110 -8.90 -3.60 -13.00
CA SER D 110 -8.54 -2.21 -13.30
C SER D 110 -9.44 -1.09 -12.78
N GLU D 111 -10.42 -1.43 -11.95
CA GLU D 111 -11.31 -0.43 -11.33
C GLU D 111 -10.61 0.79 -10.72
N THR D 112 -9.56 0.55 -9.92
CA THR D 112 -8.94 1.67 -9.17
C THR D 112 -8.00 2.49 -10.07
N ILE D 113 -7.71 1.90 -11.22
CA ILE D 113 -6.95 2.59 -12.29
C ILE D 113 -7.86 3.37 -13.21
N MET D 114 -8.98 2.78 -13.61
CA MET D 114 -9.87 3.41 -14.57
C MET D 114 -10.87 4.39 -13.95
N TYR D 115 -11.45 4.03 -12.81
CA TYR D 115 -12.55 4.88 -12.27
C TYR D 115 -12.15 6.33 -11.90
N PRO D 116 -10.89 6.56 -11.41
CA PRO D 116 -10.53 7.99 -11.21
C PRO D 116 -10.46 8.75 -12.50
N ALA D 117 -10.11 8.08 -13.60
CA ALA D 117 -10.17 8.75 -14.89
C ALA D 117 -11.61 8.98 -15.35
N TYR D 118 -12.51 8.04 -15.11
CA TYR D 118 -13.94 8.20 -15.49
C TYR D 118 -14.54 9.45 -14.80
N ALA D 119 -14.16 9.64 -13.52
CA ALA D 119 -14.57 10.80 -12.71
C ALA D 119 -14.17 12.15 -13.27
N LYS D 120 -12.99 12.21 -13.88
CA LYS D 120 -12.55 13.43 -14.51
C LYS D 120 -13.19 13.62 -15.91
N TRP D 121 -13.32 12.53 -16.70
CA TRP D 121 -13.89 12.61 -18.04
C TRP D 121 -15.38 12.84 -18.10
N ILE D 122 -16.12 12.33 -17.12
CA ILE D 122 -17.57 12.47 -17.17
C ILE D 122 -18.04 13.75 -16.43
N ARG D 123 -18.65 14.65 -17.19
CA ARG D 123 -19.14 15.95 -16.71
C ARG D 123 -20.64 16.08 -16.89
N SER D 124 -21.13 15.62 -18.03
CA SER D 124 -22.49 15.88 -18.47
C SER D 124 -23.09 14.69 -19.21
N HIS D 125 -24.43 14.65 -19.27
CA HIS D 125 -25.18 13.63 -20.02
C HIS D 125 -24.59 13.48 -21.44
N ARG D 126 -24.04 14.57 -21.98
CA ARG D 126 -23.40 14.57 -23.30
C ARG D 126 -22.21 13.65 -23.36
N ASP D 127 -21.64 13.29 -22.20
CA ASP D 127 -20.43 12.43 -22.13
C ASP D 127 -20.82 10.96 -22.09
N LEU D 128 -22.12 10.67 -21.86
CA LEU D 128 -22.63 9.31 -21.66
C LEU D 128 -23.47 8.76 -22.82
N PRO D 129 -23.43 7.42 -23.03
CA PRO D 129 -22.68 6.45 -22.22
C PRO D 129 -21.16 6.45 -22.51
N LEU D 130 -20.37 6.10 -21.49
CA LEU D 130 -18.93 5.83 -21.70
C LEU D 130 -18.72 4.32 -21.68
N LYS D 131 -18.14 3.80 -22.74
CA LYS D 131 -18.04 2.37 -22.97
C LYS D 131 -16.64 2.02 -23.40
N LEU D 132 -15.85 1.49 -22.49
CA LEU D 132 -14.43 1.18 -22.74
C LEU D 132 -14.14 -0.27 -22.49
N ASN D 133 -13.13 -0.80 -23.18
CA ASN D 133 -12.72 -2.18 -22.99
C ASN D 133 -11.23 -2.19 -23.12
N GLN D 134 -10.58 -3.17 -22.49
CA GLN D 134 -9.20 -3.37 -22.80
C GLN D 134 -8.81 -4.84 -22.79
N TRP D 135 -7.96 -5.22 -23.73
CA TRP D 135 -7.40 -6.54 -23.75
C TRP D 135 -6.03 -6.44 -23.06
N CYS D 136 -5.78 -7.27 -22.06
CA CYS D 136 -4.49 -7.21 -21.34
C CYS D 136 -4.26 -8.45 -20.53
N SER D 137 -3.18 -8.44 -19.74
CA SER D 137 -3.02 -9.48 -18.73
C SER D 137 -3.23 -8.88 -17.36
N VAL D 138 -3.53 -9.78 -16.44
CA VAL D 138 -3.87 -9.47 -15.09
C VAL D 138 -3.07 -10.47 -14.25
N VAL D 139 -2.63 -10.03 -13.07
CA VAL D 139 -1.84 -10.89 -12.17
C VAL D 139 -2.55 -10.98 -10.84
N ARG D 140 -2.74 -12.21 -10.35
CA ARG D 140 -3.30 -12.46 -9.02
C ARG D 140 -2.54 -13.65 -8.44
N TRP D 141 -2.03 -13.50 -7.22
CA TRP D 141 -1.25 -14.57 -6.62
C TRP D 141 -2.22 -15.57 -6.01
N GLU D 142 -2.77 -16.43 -6.87
CA GLU D 142 -3.86 -17.32 -6.53
C GLU D 142 -3.40 -18.28 -5.43
N PHE D 143 -4.22 -18.49 -4.40
CA PHE D 143 -3.90 -19.50 -3.40
C PHE D 143 -4.19 -20.93 -3.89
N LYS D 144 -5.26 -21.12 -4.66
CA LYS D 144 -5.66 -22.46 -5.12
C LYS D 144 -4.58 -22.99 -6.05
N GLN D 145 -4.48 -24.30 -6.15
CA GLN D 145 -3.47 -24.96 -6.98
C GLN D 145 -3.65 -24.48 -8.41
N PRO D 146 -2.54 -24.18 -9.09
CA PRO D 146 -2.75 -23.62 -10.43
C PRO D 146 -3.11 -24.69 -11.48
N THR D 147 -3.92 -24.29 -12.46
CA THR D 147 -4.26 -25.17 -13.57
C THR D 147 -4.12 -24.40 -14.88
N PRO D 148 -3.36 -24.94 -15.85
CA PRO D 148 -3.24 -24.27 -17.14
C PRO D 148 -4.61 -23.82 -17.69
N PHE D 149 -4.67 -22.54 -18.12
CA PHE D 149 -5.90 -21.86 -18.56
C PHE D 149 -6.92 -21.55 -17.48
N LEU D 150 -7.35 -22.57 -16.74
CA LEU D 150 -8.48 -22.43 -15.81
C LEU D 150 -8.17 -21.49 -14.64
N ARG D 151 -6.96 -21.61 -14.07
CA ARG D 151 -6.59 -20.81 -12.89
C ARG D 151 -5.09 -20.56 -12.84
N THR D 152 -4.67 -19.38 -13.29
CA THR D 152 -3.26 -19.08 -13.50
C THR D 152 -2.98 -17.77 -12.78
N ARG D 153 -1.72 -17.53 -12.43
CA ARG D 153 -1.35 -16.32 -11.65
C ARG D 153 -1.24 -15.09 -12.54
N GLU D 154 -0.88 -15.33 -13.80
CA GLU D 154 -1.02 -14.36 -14.85
C GLU D 154 -2.01 -14.93 -15.86
N PHE D 155 -3.02 -14.15 -16.21
CA PHE D 155 -3.93 -14.61 -17.26
C PHE D 155 -4.27 -13.47 -18.22
N LEU D 156 -4.59 -13.84 -19.47
CA LEU D 156 -5.05 -12.89 -20.48
C LEU D 156 -6.54 -12.77 -20.33
N TRP D 157 -7.06 -11.57 -20.59
CA TRP D 157 -8.51 -11.37 -20.53
C TRP D 157 -8.90 -10.13 -21.32
N GLN D 158 -10.19 -9.83 -21.37
CA GLN D 158 -10.61 -8.46 -21.61
C GLN D 158 -11.41 -8.04 -20.39
N GLU D 159 -11.41 -6.74 -20.09
CA GLU D 159 -12.29 -6.22 -19.04
C GLU D 159 -12.98 -5.04 -19.66
N GLY D 160 -14.31 -5.02 -19.58
CA GLY D 160 -15.08 -3.87 -20.07
C GLY D 160 -15.68 -3.13 -18.91
N HIS D 161 -15.79 -1.82 -19.02
CA HIS D 161 -16.25 -0.98 -17.92
C HIS D 161 -17.01 0.13 -18.54
N THR D 162 -18.29 0.24 -18.25
CA THR D 162 -19.09 1.26 -18.93
C THR D 162 -19.79 2.10 -17.89
N ALA D 163 -20.17 3.33 -18.24
CA ALA D 163 -20.98 4.16 -17.34
C ALA D 163 -22.14 4.74 -18.13
N HIS D 164 -23.31 4.84 -17.48
CA HIS D 164 -24.57 5.19 -18.16
C HIS D 164 -25.40 6.14 -17.33
N ALA D 165 -26.20 6.96 -18.00
CA ALA D 165 -27.13 7.91 -17.36
C ALA D 165 -28.19 7.24 -16.50
N THR D 166 -28.59 6.03 -16.86
CA THR D 166 -29.68 5.35 -16.18
C THR D 166 -29.35 3.90 -15.91
N GLU D 167 -29.96 3.35 -14.85
CA GLU D 167 -29.84 1.94 -14.52
C GLU D 167 -30.33 1.05 -15.63
N GLU D 168 -31.49 1.39 -16.19
CA GLU D 168 -32.03 0.58 -17.27
C GLU D 168 -31.08 0.36 -18.43
N GLU D 169 -30.45 1.43 -18.89
CA GLU D 169 -29.54 1.33 -20.01
C GLU D 169 -28.28 0.48 -19.68
N ALA D 170 -27.77 0.62 -18.44
CA ALA D 170 -26.65 -0.17 -17.93
C ALA D 170 -27.01 -1.66 -17.95
N TRP D 171 -28.22 -1.96 -17.43
CA TRP D 171 -28.71 -3.34 -17.34
C TRP D 171 -28.92 -3.97 -18.72
N GLU D 172 -29.51 -3.21 -19.62
CA GLU D 172 -29.55 -3.61 -21.01
C GLU D 172 -28.13 -4.01 -21.48
N LEU D 173 -27.10 -3.17 -21.19
CA LEU D 173 -25.72 -3.51 -21.57
C LEU D 173 -25.23 -4.82 -20.90
N VAL D 174 -25.44 -4.92 -19.59
CA VAL D 174 -25.07 -6.12 -18.86
C VAL D 174 -25.53 -7.40 -19.63
N LEU D 175 -26.80 -7.42 -20.05
CA LEU D 175 -27.39 -8.61 -20.67
C LEU D 175 -26.93 -8.81 -22.11
N ASP D 176 -26.72 -7.72 -22.83
CA ASP D 176 -26.05 -7.77 -24.10
C ASP D 176 -24.64 -8.42 -24.05
N ILE D 177 -23.86 -8.05 -23.04
CA ILE D 177 -22.50 -8.62 -22.87
C ILE D 177 -22.65 -10.09 -22.57
N LEU D 178 -23.57 -10.40 -21.66
CA LEU D 178 -23.72 -11.77 -21.24
C LEU D 178 -24.16 -12.65 -22.43
N GLU D 179 -25.00 -12.09 -23.32
CA GLU D 179 -25.36 -12.83 -24.55
C GLU D 179 -24.10 -13.00 -25.47
N LEU D 180 -23.23 -12.00 -25.54
CA LEU D 180 -21.96 -12.19 -26.22
C LEU D 180 -21.10 -13.29 -25.60
N TYR D 181 -21.13 -13.40 -24.28
CA TYR D 181 -20.41 -14.48 -23.62
C TYR D 181 -21.00 -15.85 -23.93
N ARG D 182 -22.33 -15.93 -23.99
CA ARG D 182 -22.96 -17.18 -24.43
C ARG D 182 -22.49 -17.52 -25.83
N ARG D 183 -22.35 -16.51 -26.69
CA ARG D 183 -21.90 -16.75 -28.09
C ARG D 183 -20.44 -17.19 -28.15
N TRP D 184 -19.58 -16.49 -27.40
CA TRP D 184 -18.18 -16.87 -27.24
C TRP D 184 -18.08 -18.37 -26.96
N TYR D 185 -18.78 -18.82 -25.91
CA TYR D 185 -18.80 -20.26 -25.55
C TYR D 185 -19.58 -21.18 -26.55
N GLU D 186 -20.85 -20.89 -26.77
CA GLU D 186 -21.72 -21.81 -27.55
C GLU D 186 -21.47 -21.70 -29.03
N GLU D 187 -21.37 -20.50 -29.54
CA GLU D 187 -21.24 -20.33 -30.96
C GLU D 187 -19.79 -20.59 -31.47
N CYS D 188 -18.80 -20.13 -30.71
CA CYS D 188 -17.42 -20.30 -31.13
C CYS D 188 -16.85 -21.61 -30.61
N LEU D 189 -16.95 -21.85 -29.31
CA LEU D 189 -16.23 -22.94 -28.69
C LEU D 189 -17.08 -24.17 -28.59
N ALA D 190 -18.35 -24.07 -29.00
CA ALA D 190 -19.31 -25.20 -28.95
C ALA D 190 -19.45 -25.79 -27.54
N VAL D 191 -19.40 -24.93 -26.53
CA VAL D 191 -19.51 -25.37 -25.12
C VAL D 191 -20.82 -24.77 -24.61
N PRO D 192 -21.80 -25.61 -24.19
CA PRO D 192 -23.06 -25.05 -23.66
C PRO D 192 -22.86 -24.40 -22.30
N VAL D 193 -23.62 -23.35 -22.03
CA VAL D 193 -23.53 -22.66 -20.75
C VAL D 193 -24.90 -22.26 -20.24
N ILE D 194 -24.99 -21.97 -18.95
CA ILE D 194 -26.24 -21.54 -18.36
C ILE D 194 -26.08 -20.12 -17.85
N LYS D 195 -26.93 -19.25 -18.37
CA LYS D 195 -27.03 -17.91 -17.85
C LYS D 195 -27.75 -17.91 -16.55
N GLY D 196 -27.33 -17.00 -15.69
CA GLY D 196 -27.84 -16.95 -14.35
C GLY D 196 -27.40 -15.75 -13.55
N GLU D 197 -28.00 -15.61 -12.39
CA GLU D 197 -27.70 -14.58 -11.46
C GLU D 197 -26.93 -15.25 -10.32
N LYS D 198 -25.86 -14.59 -9.84
CA LYS D 198 -25.10 -15.08 -8.69
C LYS D 198 -25.87 -14.80 -7.43
N SER D 199 -25.76 -15.69 -6.45
CA SER D 199 -26.34 -15.46 -5.11
C SER D 199 -25.69 -14.25 -4.47
N GLU D 200 -26.30 -13.74 -3.41
CA GLU D 200 -25.70 -12.63 -2.65
C GLU D 200 -24.28 -12.99 -2.12
N GLY D 201 -24.08 -14.23 -1.70
CA GLY D 201 -22.77 -14.70 -1.27
C GLY D 201 -21.71 -14.75 -2.36
N GLU D 202 -22.13 -15.03 -3.60
CA GLU D 202 -21.19 -15.25 -4.69
C GLU D 202 -20.99 -14.04 -5.60
N LYS D 203 -21.85 -13.04 -5.47
CA LYS D 203 -21.71 -11.90 -6.36
C LYS D 203 -20.45 -11.08 -6.03
N PHE D 204 -20.06 -10.20 -6.95
CA PHE D 204 -19.08 -9.17 -6.68
C PHE D 204 -19.67 -8.15 -5.69
N ALA D 205 -19.02 -8.01 -4.53
CA ALA D 205 -19.49 -7.17 -3.42
C ALA D 205 -19.53 -5.69 -3.76
N GLY D 206 -18.63 -5.23 -4.62
CA GLY D 206 -18.73 -3.85 -5.09
C GLY D 206 -19.86 -3.60 -6.09
N GLY D 207 -20.62 -4.65 -6.43
CA GLY D 207 -21.70 -4.50 -7.40
C GLY D 207 -23.09 -4.75 -6.84
N LYS D 208 -24.09 -4.43 -7.63
CA LYS D 208 -25.49 -4.61 -7.27
C LYS D 208 -26.04 -6.00 -7.63
N LYS D 209 -25.79 -6.43 -8.88
CA LYS D 209 -26.15 -7.76 -9.34
C LYS D 209 -25.03 -8.29 -10.21
N THR D 210 -24.71 -9.57 -10.06
CA THR D 210 -23.72 -10.17 -10.92
C THR D 210 -24.39 -11.27 -11.75
N THR D 211 -24.25 -11.20 -13.09
CA THR D 211 -24.78 -12.25 -13.95
C THR D 211 -23.59 -13.07 -14.41
N THR D 212 -23.86 -14.30 -14.79
CA THR D 212 -22.82 -15.22 -15.09
C THR D 212 -23.25 -16.19 -16.17
N VAL D 213 -22.28 -16.78 -16.84
CA VAL D 213 -22.53 -17.96 -17.61
C VAL D 213 -21.68 -19.03 -16.98
N GLU D 214 -22.30 -20.18 -16.71
CA GLU D 214 -21.68 -21.30 -15.97
C GLU D 214 -21.61 -22.52 -16.87
N ALA D 215 -20.45 -23.18 -16.85
CA ALA D 215 -20.24 -24.42 -17.56
C ALA D 215 -20.11 -25.57 -16.55
N PHE D 216 -20.05 -26.79 -17.06
CA PHE D 216 -19.99 -28.01 -16.23
C PHE D 216 -18.99 -29.03 -16.83
N ILE D 217 -18.11 -29.55 -15.98
CA ILE D 217 -17.12 -30.54 -16.37
C ILE D 217 -17.54 -31.93 -15.80
N PRO D 218 -18.12 -32.79 -16.67
CA PRO D 218 -18.61 -34.13 -16.30
C PRO D 218 -17.55 -34.99 -15.56
N GLU D 219 -16.31 -34.99 -16.04
CA GLU D 219 -15.35 -35.95 -15.52
C GLU D 219 -15.05 -35.79 -14.06
N ASN D 220 -15.23 -34.59 -13.51
CA ASN D 220 -15.04 -34.36 -12.08
C ASN D 220 -16.27 -33.76 -11.36
N GLY D 221 -17.41 -33.65 -12.05
CA GLY D 221 -18.61 -33.10 -11.45
C GLY D 221 -18.61 -31.62 -11.08
N ARG D 222 -17.67 -30.84 -11.60
CA ARG D 222 -17.55 -29.44 -11.16
C ARG D 222 -18.19 -28.45 -12.10
N GLY D 223 -18.93 -27.51 -11.52
CA GLY D 223 -19.33 -26.29 -12.24
C GLY D 223 -18.19 -25.29 -12.36
N ILE D 224 -18.17 -24.52 -13.44
CA ILE D 224 -17.09 -23.59 -13.62
C ILE D 224 -17.59 -22.30 -14.24
N GLN D 225 -17.34 -21.18 -13.56
CA GLN D 225 -17.79 -19.93 -14.02
C GLN D 225 -17.02 -19.57 -15.30
N ALA D 226 -17.77 -19.35 -16.37
CA ALA D 226 -17.22 -19.15 -17.71
C ALA D 226 -16.96 -17.69 -18.03
N ALA D 227 -17.68 -16.79 -17.38
CA ALA D 227 -17.55 -15.37 -17.65
C ALA D 227 -18.50 -14.63 -16.74
N THR D 228 -18.40 -13.31 -16.65
CA THR D 228 -19.21 -12.60 -15.69
C THR D 228 -19.54 -11.21 -16.21
N SER D 229 -20.71 -10.72 -15.85
CA SER D 229 -21.16 -9.41 -16.30
C SER D 229 -21.96 -8.80 -15.15
N HIS D 230 -21.49 -7.66 -14.64
CA HIS D 230 -22.05 -7.08 -13.39
C HIS D 230 -22.83 -5.84 -13.65
N LEU D 231 -23.96 -5.74 -12.94
CA LEU D 231 -24.62 -4.44 -12.83
C LEU D 231 -24.06 -3.84 -11.56
N LEU D 232 -23.31 -2.75 -11.69
CA LEU D 232 -22.60 -2.20 -10.54
C LEU D 232 -23.44 -1.16 -9.79
N GLY D 233 -24.42 -0.58 -10.47
CA GLY D 233 -25.23 0.43 -9.84
C GLY D 233 -24.43 1.69 -9.70
N THR D 234 -24.60 2.38 -8.58
CA THR D 234 -24.01 3.69 -8.39
C THR D 234 -22.96 3.66 -7.29
N ASN D 235 -22.71 2.49 -6.72
CA ASN D 235 -21.77 2.45 -5.61
C ASN D 235 -20.34 2.87 -5.97
N PHE D 236 -19.84 2.39 -7.09
CA PHE D 236 -18.50 2.84 -7.52
C PHE D 236 -18.54 4.33 -7.82
N ALA D 237 -19.67 4.78 -8.36
CA ALA D 237 -19.84 6.21 -8.66
C ALA D 237 -19.76 7.12 -7.40
N LYS D 238 -20.34 6.66 -6.28
CA LYS D 238 -20.22 7.32 -4.97
C LYS D 238 -18.76 7.38 -4.54
N MET D 239 -18.15 6.20 -4.44
CA MET D 239 -16.79 6.04 -4.00
C MET D 239 -15.84 6.94 -4.80
N PHE D 240 -15.97 6.94 -6.14
CA PHE D 240 -15.02 7.69 -7.00
C PHE D 240 -15.49 9.05 -7.42
N GLU D 241 -16.72 9.40 -7.05
CA GLU D 241 -17.33 10.67 -7.45
C GLU D 241 -17.50 10.79 -8.95
N ILE D 242 -18.07 9.74 -9.54
CA ILE D 242 -18.38 9.80 -10.96
C ILE D 242 -19.80 10.38 -11.15
N GLU D 243 -19.88 11.66 -11.50
CA GLU D 243 -21.14 12.41 -11.46
C GLU D 243 -21.35 13.22 -12.73
N PHE D 244 -22.60 13.35 -13.15
CA PHE D 244 -22.89 14.11 -14.36
C PHE D 244 -24.08 15.05 -14.15
N GLU D 245 -24.10 16.11 -14.94
CA GLU D 245 -25.21 17.05 -15.03
C GLU D 245 -26.23 16.52 -16.00
N ASP D 246 -27.48 16.31 -15.56
CA ASP D 246 -28.51 15.91 -16.51
C ASP D 246 -29.06 17.08 -17.35
N GLU D 247 -30.16 16.83 -18.07
CA GLU D 247 -30.72 17.82 -19.00
C GLU D 247 -31.13 19.09 -18.27
N GLU D 248 -31.67 18.93 -17.06
CA GLU D 248 -32.23 20.03 -16.27
C GLU D 248 -31.26 20.60 -15.25
N GLY D 249 -29.97 20.40 -15.50
CA GLY D 249 -28.90 20.94 -14.65
C GLY D 249 -28.56 20.20 -13.37
N HIS D 250 -29.26 19.09 -13.09
CA HIS D 250 -29.05 18.36 -11.82
C HIS D 250 -27.85 17.39 -11.86
N LYS D 251 -27.17 17.27 -10.71
CA LYS D 251 -26.05 16.35 -10.51
C LYS D 251 -26.55 14.95 -10.15
N ARG D 252 -26.10 13.97 -10.91
CA ARG D 252 -26.54 12.58 -10.74
C ARG D 252 -25.34 11.65 -10.82
N LEU D 253 -25.40 10.57 -10.06
CA LEU D 253 -24.44 9.50 -10.17
C LEU D 253 -24.60 8.70 -11.50
N VAL D 254 -23.47 8.26 -12.09
CA VAL D 254 -23.56 7.31 -13.21
C VAL D 254 -23.88 5.92 -12.69
N HIS D 255 -24.44 5.10 -13.59
CA HIS D 255 -24.77 3.68 -13.37
C HIS D 255 -23.78 2.85 -14.20
N GLN D 256 -23.06 1.94 -13.56
CA GLN D 256 -21.90 1.33 -14.21
C GLN D 256 -22.09 -0.16 -14.41
N THR D 257 -21.35 -0.70 -15.36
CA THR D 257 -21.21 -2.14 -15.56
C THR D 257 -19.72 -2.44 -15.70
N SER D 258 -19.34 -3.65 -15.35
CA SER D 258 -18.07 -4.20 -15.81
C SER D 258 -18.24 -5.68 -16.12
N TRP D 259 -17.32 -6.25 -16.88
CA TRP D 259 -17.50 -7.61 -17.40
C TRP D 259 -16.15 -8.11 -17.87
N GLY D 260 -15.92 -9.41 -17.75
CA GLY D 260 -14.61 -9.97 -18.12
C GLY D 260 -14.70 -11.43 -18.47
N CYS D 261 -13.76 -11.91 -19.29
CA CYS D 261 -13.69 -13.32 -19.70
C CYS D 261 -12.22 -13.58 -20.05
N THR D 262 -11.72 -14.78 -19.78
CA THR D 262 -10.26 -14.99 -19.87
C THR D 262 -9.96 -16.22 -20.69
N THR D 263 -8.66 -16.48 -20.85
CA THR D 263 -8.16 -17.72 -21.48
C THR D 263 -8.65 -18.97 -20.74
N ARG D 264 -9.31 -18.83 -19.59
CA ARG D 264 -10.04 -20.00 -19.01
C ARG D 264 -10.92 -20.65 -20.07
N SER D 265 -11.49 -19.84 -20.93
CA SER D 265 -12.45 -20.34 -21.93
C SER D 265 -11.79 -21.41 -22.81
N LEU D 266 -10.51 -21.23 -23.13
CA LEU D 266 -9.79 -22.26 -23.89
C LEU D 266 -9.72 -23.58 -23.10
N GLY D 267 -9.48 -23.50 -21.78
CA GLY D 267 -9.40 -24.68 -20.91
C GLY D 267 -10.70 -25.44 -20.91
N VAL D 268 -11.80 -24.72 -20.79
CA VAL D 268 -13.15 -25.31 -20.83
C VAL D 268 -13.41 -26.01 -22.20
N MET D 269 -13.02 -25.39 -23.29
CA MET D 269 -13.16 -26.02 -24.59
C MET D 269 -12.35 -27.32 -24.69
N ILE D 270 -11.11 -27.33 -24.15
CA ILE D 270 -10.27 -28.51 -24.26
C ILE D 270 -10.96 -29.64 -23.51
N MET D 271 -11.45 -29.32 -22.32
CA MET D 271 -12.05 -30.30 -21.44
C MET D 271 -13.36 -30.84 -22.00
N THR D 272 -14.14 -29.98 -22.63
CA THR D 272 -15.43 -30.38 -23.16
C THR D 272 -15.32 -31.36 -24.33
N HIS D 273 -14.51 -31.01 -25.32
CA HIS D 273 -14.47 -31.79 -26.55
C HIS D 273 -13.30 -32.79 -26.67
N GLY D 274 -12.27 -32.69 -25.85
CA GLY D 274 -11.11 -33.57 -26.04
C GLY D 274 -11.51 -35.06 -25.88
N ASP D 275 -10.74 -35.98 -26.44
CA ASP D 275 -11.05 -37.37 -26.25
C ASP D 275 -9.74 -38.13 -25.98
N ASP D 276 -9.79 -39.46 -25.95
CA ASP D 276 -8.58 -40.28 -25.64
C ASP D 276 -7.44 -40.02 -26.60
N LYS D 277 -7.72 -39.56 -27.81
CA LYS D 277 -6.64 -39.25 -28.77
C LYS D 277 -6.07 -37.82 -28.64
N GLY D 278 -6.65 -37.01 -27.77
CA GLY D 278 -6.19 -35.63 -27.60
C GLY D 278 -7.25 -34.57 -27.86
N LEU D 279 -6.83 -33.47 -28.48
CA LEU D 279 -7.74 -32.31 -28.74
C LEU D 279 -8.73 -32.57 -29.86
N VAL D 280 -9.92 -31.99 -29.69
CA VAL D 280 -10.84 -31.81 -30.82
C VAL D 280 -11.21 -30.33 -30.84
N ILE D 281 -10.80 -29.62 -31.89
CA ILE D 281 -11.01 -28.19 -31.97
C ILE D 281 -12.27 -27.88 -32.80
N PRO D 282 -13.29 -27.23 -32.22
CA PRO D 282 -14.44 -26.85 -33.08
C PRO D 282 -13.98 -26.08 -34.33
N PRO D 283 -14.57 -26.40 -35.50
CA PRO D 283 -14.13 -25.74 -36.72
C PRO D 283 -14.24 -24.23 -36.67
N ARG D 284 -15.18 -23.66 -35.91
CA ARG D 284 -15.27 -22.20 -35.89
C ARG D 284 -14.02 -21.52 -35.32
N VAL D 285 -13.27 -22.21 -34.46
CA VAL D 285 -12.09 -21.56 -33.87
C VAL D 285 -10.77 -22.20 -34.27
N ALA D 286 -10.81 -23.20 -35.15
CA ALA D 286 -9.57 -23.87 -35.61
C ALA D 286 -8.80 -22.99 -36.58
N SER D 287 -7.52 -22.75 -36.32
CA SER D 287 -6.68 -22.01 -37.29
C SER D 287 -6.42 -22.88 -38.51
N VAL D 288 -6.35 -24.20 -38.31
CA VAL D 288 -6.30 -25.14 -39.44
C VAL D 288 -7.59 -25.93 -39.35
N GLN D 289 -8.49 -25.71 -40.30
CA GLN D 289 -9.73 -26.48 -40.36
C GLN D 289 -9.46 -27.76 -41.14
N VAL D 290 -8.60 -27.67 -42.15
CA VAL D 290 -8.36 -28.81 -43.02
C VAL D 290 -6.87 -28.90 -43.20
N VAL D 291 -6.25 -30.04 -42.86
CA VAL D 291 -4.84 -30.23 -43.16
C VAL D 291 -4.75 -31.16 -44.35
N ILE D 292 -4.00 -30.77 -45.37
CA ILE D 292 -3.82 -31.59 -46.55
C ILE D 292 -2.49 -32.34 -46.46
N ILE D 293 -2.56 -33.67 -46.56
CA ILE D 293 -1.37 -34.51 -46.44
C ILE D 293 -1.09 -35.28 -47.73
N PRO D 294 -0.06 -34.87 -48.49
CA PRO D 294 0.45 -35.61 -49.66
C PRO D 294 1.03 -36.95 -49.20
N THR D 302 6.38 -36.44 -57.59
CA THR D 302 6.32 -35.69 -56.34
C THR D 302 5.81 -34.28 -56.61
N GLY D 303 6.32 -33.67 -57.67
CA GLY D 303 5.94 -32.33 -58.09
C GLY D 303 4.54 -32.27 -58.66
N GLU D 304 4.01 -33.41 -59.10
CA GLU D 304 2.65 -33.42 -59.63
C GLU D 304 1.61 -33.31 -58.51
N ILE D 305 1.72 -34.17 -57.49
CA ILE D 305 0.75 -34.19 -56.37
C ILE D 305 0.82 -32.93 -55.52
N LEU D 306 2.03 -32.49 -55.21
CA LEU D 306 2.26 -31.23 -54.51
C LEU D 306 1.61 -30.04 -55.21
N GLY D 307 1.65 -30.03 -56.54
CA GLY D 307 0.99 -28.99 -57.32
C GLY D 307 -0.52 -29.07 -57.20
N LYS D 308 -1.07 -30.29 -57.29
CA LYS D 308 -2.50 -30.48 -57.11
C LYS D 308 -2.93 -30.20 -55.66
N CYS D 309 -2.06 -30.45 -54.69
CA CYS D 309 -2.34 -30.04 -53.32
C CYS D 309 -2.51 -28.53 -53.24
N ARG D 310 -1.61 -27.80 -53.90
CA ARG D 310 -1.65 -26.34 -53.88
C ARG D 310 -2.92 -25.83 -54.54
N GLU D 311 -3.35 -26.52 -55.59
CA GLU D 311 -4.56 -26.14 -56.32
C GLU D 311 -5.79 -26.37 -55.44
N LEU D 312 -5.83 -27.53 -54.78
CA LEU D 312 -6.94 -27.83 -53.84
C LEU D 312 -7.04 -26.80 -52.73
N LYS D 313 -5.91 -26.43 -52.16
CA LYS D 313 -5.87 -25.47 -51.08
C LYS D 313 -6.45 -24.10 -51.51
N THR D 314 -5.99 -23.62 -52.66
CA THR D 314 -6.48 -22.38 -53.28
C THR D 314 -7.99 -22.42 -53.47
N MET D 315 -8.48 -23.53 -54.02
CA MET D 315 -9.90 -23.68 -54.26
C MET D 315 -10.66 -23.61 -52.94
N LEU D 316 -10.21 -24.37 -51.93
CA LEU D 316 -10.91 -24.38 -50.64
C LEU D 316 -10.87 -23.01 -49.96
N GLU D 317 -9.75 -22.30 -50.05
CA GLU D 317 -9.77 -20.97 -49.43
C GLU D 317 -10.57 -19.93 -50.21
N LYS D 318 -10.78 -20.19 -51.51
CA LYS D 318 -11.82 -19.48 -52.26
C LYS D 318 -13.13 -19.56 -51.45
N ALA D 319 -13.33 -20.66 -50.71
CA ALA D 319 -14.55 -20.85 -49.88
C ALA D 319 -14.47 -20.38 -48.40
N ASP D 320 -13.36 -19.71 -48.04
CA ASP D 320 -13.08 -19.29 -46.63
C ASP D 320 -12.69 -20.43 -45.66
N ILE D 321 -12.38 -21.60 -46.20
CA ILE D 321 -11.85 -22.73 -45.42
C ILE D 321 -10.36 -22.51 -45.16
N ARG D 322 -9.96 -22.64 -43.90
CA ARG D 322 -8.56 -22.44 -43.53
C ARG D 322 -7.75 -23.75 -43.64
N VAL D 323 -6.69 -23.72 -44.45
CA VAL D 323 -6.04 -24.95 -44.94
C VAL D 323 -4.54 -24.88 -44.72
N ARG D 324 -3.95 -25.94 -44.17
CA ARG D 324 -2.50 -26.12 -44.24
C ARG D 324 -2.14 -27.38 -45.04
N ILE D 325 -1.11 -27.26 -45.86
CA ILE D 325 -0.62 -28.42 -46.56
C ILE D 325 0.58 -28.84 -45.74
N ASP D 326 0.55 -30.05 -45.16
CA ASP D 326 1.72 -30.53 -44.45
C ASP D 326 2.60 -31.28 -45.43
N ASP D 327 3.46 -30.53 -46.11
CA ASP D 327 4.27 -31.08 -47.17
C ASP D 327 5.71 -31.29 -46.72
N ARG D 328 5.94 -31.36 -45.41
CA ARG D 328 7.29 -31.52 -44.86
C ARG D 328 7.87 -32.88 -45.28
N SER D 329 9.04 -32.87 -45.91
CA SER D 329 9.61 -34.11 -46.46
C SER D 329 10.23 -35.01 -45.37
N ASN D 330 10.57 -34.43 -44.23
CA ASN D 330 11.30 -35.15 -43.20
C ASN D 330 10.46 -35.85 -42.12
N TYR D 331 9.18 -36.04 -42.40
CA TYR D 331 8.31 -36.80 -41.51
C TYR D 331 7.51 -37.78 -42.34
N THR D 332 7.17 -38.94 -41.78
CA THR D 332 6.29 -39.89 -42.46
C THR D 332 4.85 -39.40 -42.52
N PRO D 333 4.07 -39.86 -43.53
CA PRO D 333 2.61 -39.65 -43.45
C PRO D 333 2.03 -40.09 -42.12
N GLY D 334 2.40 -41.27 -41.63
CA GLY D 334 1.86 -41.81 -40.38
C GLY D 334 2.09 -40.87 -39.20
N TRP D 335 3.31 -40.34 -39.11
CA TRP D 335 3.65 -39.34 -38.10
C TRP D 335 2.71 -38.11 -38.21
N LYS D 336 2.40 -37.70 -39.44
CA LYS D 336 1.58 -36.51 -39.69
C LYS D 336 0.16 -36.71 -39.24
N TYR D 337 -0.40 -37.89 -39.54
CA TYR D 337 -1.78 -38.23 -39.15
C TYR D 337 -1.93 -38.09 -37.65
N ASN D 338 -0.99 -38.66 -36.91
CA ASN D 338 -1.02 -38.57 -35.47
C ASN D 338 -0.78 -37.13 -34.92
N HIS D 339 0.20 -36.43 -35.48
CA HIS D 339 0.50 -35.04 -35.11
C HIS D 339 -0.77 -34.17 -35.18
N TRP D 340 -1.45 -34.18 -36.34
CA TRP D 340 -2.66 -33.35 -36.55
C TRP D 340 -3.91 -33.85 -35.82
N GLU D 341 -3.94 -35.14 -35.53
CA GLU D 341 -5.00 -35.70 -34.67
C GLU D 341 -4.88 -35.25 -33.20
N VAL D 342 -3.69 -35.33 -32.62
CA VAL D 342 -3.46 -34.88 -31.25
C VAL D 342 -3.81 -33.39 -31.13
N LYS D 343 -3.57 -32.65 -32.21
CA LYS D 343 -3.80 -31.23 -32.25
C LYS D 343 -5.26 -30.89 -32.52
N GLY D 344 -6.05 -31.87 -32.94
CA GLY D 344 -7.49 -31.74 -33.06
C GLY D 344 -7.96 -30.97 -34.27
N VAL D 345 -7.16 -30.92 -35.33
CA VAL D 345 -7.64 -30.41 -36.61
C VAL D 345 -8.91 -31.14 -37.04
N PRO D 346 -9.99 -30.40 -37.35
CA PRO D 346 -11.29 -31.03 -37.66
C PRO D 346 -11.26 -32.01 -38.84
N LEU D 347 -10.50 -31.71 -39.89
CA LEU D 347 -10.51 -32.54 -41.09
C LEU D 347 -9.12 -32.78 -41.68
N ARG D 348 -8.85 -34.03 -42.05
CA ARG D 348 -7.59 -34.40 -42.70
C ARG D 348 -7.92 -34.83 -44.13
N LEU D 349 -7.19 -34.32 -45.10
CA LEU D 349 -7.40 -34.69 -46.48
C LEU D 349 -6.14 -35.35 -47.03
N GLU D 350 -6.28 -36.60 -47.47
CA GLU D 350 -5.19 -37.40 -48.02
C GLU D 350 -5.17 -37.31 -49.56
N LEU D 351 -3.99 -37.11 -50.14
CA LEU D 351 -3.84 -37.13 -51.58
C LEU D 351 -2.62 -37.96 -52.01
N GLY D 352 -2.88 -39.16 -52.54
CA GLY D 352 -1.84 -40.03 -53.12
C GLY D 352 -1.82 -40.03 -54.65
N PRO D 353 -0.91 -40.81 -55.26
CA PRO D 353 -0.87 -40.91 -56.73
C PRO D 353 -2.18 -41.50 -57.27
N LYS D 354 -2.69 -42.53 -56.60
CA LYS D 354 -3.98 -43.13 -56.94
C LYS D 354 -5.01 -42.02 -57.18
N ASP D 355 -5.29 -41.27 -56.11
CA ASP D 355 -6.29 -40.19 -56.08
C ASP D 355 -6.11 -39.13 -57.13
N LEU D 356 -4.86 -38.94 -57.56
CA LEU D 356 -4.56 -37.97 -58.61
C LEU D 356 -5.26 -38.37 -59.90
N ALA D 357 -5.18 -39.67 -60.21
CA ALA D 357 -5.85 -40.24 -61.37
C ALA D 357 -7.38 -40.10 -61.28
N LYS D 358 -7.95 -40.51 -60.14
CA LYS D 358 -9.41 -40.53 -59.92
C LYS D 358 -10.07 -39.13 -59.81
N GLY D 359 -9.27 -38.09 -59.57
CA GLY D 359 -9.83 -36.77 -59.30
C GLY D 359 -10.62 -36.77 -58.00
N THR D 360 -10.19 -37.60 -57.04
CA THR D 360 -10.83 -37.68 -55.71
C THR D 360 -9.85 -37.42 -54.56
N ALA D 361 -10.38 -37.32 -53.35
CA ALA D 361 -9.56 -37.20 -52.16
C ALA D 361 -10.24 -37.95 -51.03
N ARG D 362 -9.47 -38.47 -50.08
CA ARG D 362 -10.02 -39.03 -48.85
C ARG D 362 -9.97 -38.02 -47.69
N VAL D 363 -11.10 -37.86 -47.04
CA VAL D 363 -11.28 -36.89 -45.96
C VAL D 363 -11.78 -37.65 -44.72
N VAL D 364 -11.07 -37.44 -43.63
CA VAL D 364 -11.38 -38.05 -42.35
C VAL D 364 -11.73 -36.95 -41.36
N ARG D 365 -12.84 -37.10 -40.68
CA ARG D 365 -13.24 -36.11 -39.71
C ARG D 365 -12.77 -36.54 -38.35
N ARG D 366 -12.27 -35.58 -37.57
CA ARG D 366 -11.54 -35.85 -36.33
C ARG D 366 -12.44 -36.33 -35.20
N ASP D 367 -13.68 -35.86 -35.20
CA ASP D 367 -14.56 -36.12 -34.08
C ASP D 367 -15.01 -37.59 -34.01
N THR D 368 -15.23 -38.24 -35.17
CA THR D 368 -15.74 -39.60 -35.19
C THR D 368 -14.84 -40.60 -35.91
N GLY D 369 -13.87 -40.10 -36.68
CA GLY D 369 -13.00 -40.96 -37.48
C GLY D 369 -13.59 -41.35 -38.82
N GLU D 370 -14.87 -41.01 -39.06
CA GLU D 370 -15.55 -41.36 -40.34
C GLU D 370 -14.82 -40.77 -41.57
N ALA D 371 -14.58 -41.62 -42.57
CA ALA D 371 -13.94 -41.27 -43.84
C ALA D 371 -14.94 -41.06 -44.95
N TYR D 372 -14.57 -40.23 -45.92
CA TYR D 372 -15.40 -39.84 -47.05
C TYR D 372 -14.51 -39.81 -48.30
N GLN D 373 -15.06 -40.25 -49.43
CA GLN D 373 -14.39 -40.16 -50.73
C GLN D 373 -15.13 -39.04 -51.43
N ILE D 374 -14.37 -38.07 -51.92
CA ILE D 374 -14.99 -36.88 -52.43
C ILE D 374 -14.29 -36.46 -53.72
N SER D 375 -15.07 -36.05 -54.71
CA SER D 375 -14.49 -35.59 -55.96
C SER D 375 -13.96 -34.18 -55.72
N TRP D 376 -12.90 -33.82 -56.43
CA TRP D 376 -12.35 -32.47 -56.31
C TRP D 376 -13.41 -31.37 -56.41
N ALA D 377 -14.33 -31.49 -57.36
CA ALA D 377 -15.36 -30.49 -57.63
C ALA D 377 -16.37 -30.36 -56.52
N ASP D 378 -16.59 -31.43 -55.78
CA ASP D 378 -17.51 -31.45 -54.64
C ASP D 378 -16.90 -31.01 -53.30
N LEU D 379 -15.57 -30.83 -53.26
CA LEU D 379 -14.81 -30.67 -52.02
C LEU D 379 -15.24 -29.47 -51.25
N ALA D 380 -15.20 -28.30 -51.86
CA ALA D 380 -15.58 -27.09 -51.11
C ALA D 380 -16.99 -27.17 -50.50
N PRO D 381 -18.05 -27.54 -51.27
CA PRO D 381 -19.36 -27.56 -50.60
C PRO D 381 -19.49 -28.69 -49.59
N LYS D 382 -18.83 -29.80 -49.84
CA LYS D 382 -18.94 -30.94 -48.93
C LYS D 382 -18.16 -30.68 -47.62
N LEU D 383 -17.00 -30.04 -47.72
CA LEU D 383 -16.22 -29.73 -46.52
C LEU D 383 -16.97 -28.77 -45.62
N LEU D 384 -17.46 -27.69 -46.19
CA LEU D 384 -18.33 -26.78 -45.46
C LEU D 384 -19.45 -27.52 -44.74
N GLU D 385 -20.08 -28.48 -45.42
CA GLU D 385 -21.14 -29.28 -44.77
C GLU D 385 -20.62 -30.12 -43.61
N LEU D 386 -19.45 -30.71 -43.76
CA LEU D 386 -18.91 -31.54 -42.67
C LEU D 386 -18.54 -30.69 -41.46
N MET D 387 -17.92 -29.55 -41.73
CA MET D 387 -17.50 -28.61 -40.66
C MET D 387 -18.69 -28.08 -39.88
N GLU D 388 -19.76 -27.72 -40.59
CA GLU D 388 -21.00 -27.34 -39.92
C GLU D 388 -21.52 -28.52 -39.10
N GLY D 389 -21.44 -29.73 -39.66
CA GLY D 389 -21.92 -30.92 -38.94
C GLY D 389 -21.09 -31.23 -37.69
N ILE D 390 -19.78 -31.13 -37.83
CA ILE D 390 -18.87 -31.27 -36.69
C ILE D 390 -19.19 -30.26 -35.59
N GLN D 391 -19.24 -28.98 -35.96
CA GLN D 391 -19.49 -27.90 -35.01
C GLN D 391 -20.76 -28.17 -34.23
N ARG D 392 -21.83 -28.54 -34.95
CA ARG D 392 -23.14 -28.78 -34.32
C ARG D 392 -23.14 -30.04 -33.43
N SER D 393 -22.52 -31.09 -33.93
CA SER D 393 -22.46 -32.33 -33.21
C SER D 393 -21.65 -32.16 -31.88
N LEU D 394 -20.50 -31.50 -31.95
CA LEU D 394 -19.75 -31.18 -30.71
C LEU D 394 -20.63 -30.48 -29.70
N PHE D 395 -21.35 -29.47 -30.15
CA PHE D 395 -22.16 -28.71 -29.22
C PHE D 395 -23.35 -29.52 -28.70
N GLU D 396 -23.95 -30.35 -29.56
CA GLU D 396 -25.14 -31.13 -29.13
C GLU D 396 -24.81 -32.24 -28.15
N LYS D 397 -23.69 -32.91 -28.33
CA LYS D 397 -23.29 -33.91 -27.36
C LYS D 397 -22.89 -33.25 -26.06
N ALA D 398 -22.32 -32.05 -26.14
CA ALA D 398 -21.88 -31.40 -24.92
C ALA D 398 -23.14 -30.94 -24.17
N LYS D 399 -24.13 -30.47 -24.92
CA LYS D 399 -25.42 -30.09 -24.33
C LYS D 399 -26.15 -31.28 -23.71
N ALA D 400 -26.12 -32.41 -24.42
CA ALA D 400 -26.70 -33.65 -23.87
C ALA D 400 -25.95 -34.07 -22.58
N ARG D 401 -24.62 -33.95 -22.56
CA ARG D 401 -23.87 -34.25 -21.33
C ARG D 401 -24.21 -33.29 -20.20
N LEU D 402 -24.36 -32.02 -20.54
CA LEU D 402 -24.75 -31.04 -19.53
C LEU D 402 -26.10 -31.37 -18.87
N HIS D 403 -27.09 -31.74 -19.66
CA HIS D 403 -28.39 -32.00 -19.06
CA HIS D 403 -28.46 -32.09 -19.19
C HIS D 403 -28.42 -33.33 -18.28
N GLU D 404 -27.72 -34.35 -18.76
CA GLU D 404 -27.55 -35.60 -17.99
C GLU D 404 -26.91 -35.33 -16.63
N GLY D 405 -26.15 -34.23 -16.57
CA GLY D 405 -25.34 -33.90 -15.40
C GLY D 405 -26.06 -33.13 -14.32
N ILE D 406 -27.29 -32.72 -14.58
CA ILE D 406 -28.01 -31.88 -13.63
C ILE D 406 -29.22 -32.65 -13.15
N GLU D 407 -29.35 -32.83 -11.83
CA GLU D 407 -30.50 -33.53 -11.23
C GLU D 407 -31.36 -32.55 -10.45
N LYS D 408 -32.66 -32.53 -10.76
CA LYS D 408 -33.59 -31.66 -10.07
C LYS D 408 -34.01 -32.35 -8.74
N ILE D 409 -34.04 -31.61 -7.64
CA ILE D 409 -34.27 -32.20 -6.31
C ILE D 409 -35.17 -31.33 -5.40
N SER D 410 -35.58 -31.89 -4.26
CA SER D 410 -36.57 -31.30 -3.34
C SER D 410 -36.06 -31.09 -1.95
N THR D 411 -35.24 -32.02 -1.50
CA THR D 411 -34.86 -32.10 -0.09
C THR D 411 -33.34 -32.34 0.02
N PHE D 412 -32.76 -31.86 1.11
CA PHE D 412 -31.31 -31.96 1.29
C PHE D 412 -30.76 -33.41 1.24
N ASP D 413 -31.65 -34.37 1.44
CA ASP D 413 -31.30 -35.78 1.43
C ASP D 413 -30.85 -36.30 0.08
N GLU D 414 -31.32 -35.67 -1.00
CA GLU D 414 -30.94 -36.11 -2.35
C GLU D 414 -29.60 -35.50 -2.82
N VAL D 415 -29.02 -34.62 -2.00
CA VAL D 415 -27.80 -33.87 -2.32
C VAL D 415 -26.56 -34.77 -2.46
N MET D 416 -26.11 -35.34 -1.35
CA MET D 416 -24.88 -36.15 -1.34
C MET D 416 -24.92 -37.28 -2.37
N PRO D 417 -26.07 -37.98 -2.49
CA PRO D 417 -26.10 -38.96 -3.58
C PRO D 417 -25.80 -38.30 -4.93
N ALA D 418 -26.50 -37.20 -5.26
CA ALA D 418 -26.29 -36.50 -6.52
C ALA D 418 -24.83 -36.04 -6.64
N LEU D 419 -24.29 -35.38 -5.61
CA LEU D 419 -22.86 -35.02 -5.57
C LEU D 419 -21.93 -36.20 -5.82
N ASN D 420 -22.32 -37.39 -5.35
CA ASN D 420 -21.51 -38.58 -5.50
C ASN D 420 -21.58 -39.20 -6.88
N ARG D 421 -22.66 -38.93 -7.60
CA ARG D 421 -22.73 -39.25 -9.03
C ARG D 421 -22.03 -38.17 -9.90
N LYS D 422 -21.33 -37.23 -9.23
CA LYS D 422 -20.61 -36.12 -9.90
C LYS D 422 -21.62 -35.28 -10.70
N HIS D 423 -22.75 -35.01 -10.10
CA HIS D 423 -23.76 -34.25 -10.77
C HIS D 423 -23.91 -32.93 -10.05
N LEU D 424 -24.54 -31.97 -10.72
CA LEU D 424 -24.95 -30.72 -10.07
C LEU D 424 -26.40 -30.91 -9.67
N VAL D 425 -26.89 -30.04 -8.79
CA VAL D 425 -28.26 -30.16 -8.39
C VAL D 425 -29.01 -28.87 -8.58
N LEU D 426 -30.23 -28.98 -9.13
CA LEU D 426 -31.16 -27.86 -9.22
C LEU D 426 -32.19 -28.01 -8.11
N ALA D 427 -32.23 -27.02 -7.20
CA ALA D 427 -33.03 -27.13 -5.97
C ALA D 427 -33.75 -25.84 -5.64
N PRO D 428 -34.97 -25.95 -5.10
CA PRO D 428 -35.72 -24.76 -4.68
C PRO D 428 -35.03 -24.15 -3.45
N TRP D 429 -34.85 -22.83 -3.45
CA TRP D 429 -34.02 -22.23 -2.41
C TRP D 429 -34.65 -20.97 -1.84
N CYS D 430 -34.50 -20.79 -0.52
CA CYS D 430 -35.03 -19.61 0.18
C CYS D 430 -34.24 -18.33 -0.11
N GLU D 431 -32.99 -18.48 -0.55
CA GLU D 431 -32.10 -17.35 -0.94
C GLU D 431 -31.50 -16.56 0.22
N ASP D 432 -31.53 -17.13 1.42
CA ASP D 432 -30.89 -16.49 2.55
C ASP D 432 -29.38 -16.75 2.51
N PRO D 433 -28.57 -15.67 2.60
CA PRO D 433 -27.10 -15.77 2.59
C PRO D 433 -26.49 -16.81 3.55
N GLU D 434 -26.86 -16.80 4.84
CA GLU D 434 -26.26 -17.79 5.79
C GLU D 434 -26.57 -19.28 5.48
N SER D 435 -27.75 -19.58 4.96
CA SER D 435 -28.04 -20.96 4.52
C SER D 435 -27.03 -21.45 3.48
N GLU D 436 -26.54 -20.54 2.62
CA GLU D 436 -25.49 -20.92 1.66
C GLU D 436 -24.21 -21.31 2.37
N GLU D 437 -23.79 -20.51 3.35
CA GLU D 437 -22.62 -20.86 4.20
C GLU D 437 -22.80 -22.22 4.92
N GLN D 438 -23.97 -22.41 5.53
CA GLN D 438 -24.27 -23.63 6.26
C GLN D 438 -24.23 -24.86 5.35
N ILE D 439 -24.71 -24.70 4.10
CA ILE D 439 -24.73 -25.78 3.12
C ILE D 439 -23.31 -26.07 2.62
N LYS D 440 -22.52 -25.01 2.44
CA LYS D 440 -21.12 -25.19 2.09
C LYS D 440 -20.43 -26.03 3.16
N LYS D 441 -20.57 -25.63 4.42
CA LYS D 441 -19.91 -26.35 5.52
C LYS D 441 -20.41 -27.80 5.67
N GLU D 442 -21.72 -27.98 5.65
CA GLU D 442 -22.33 -29.31 5.79
C GLU D 442 -21.87 -30.33 4.73
N THR D 443 -21.98 -29.94 3.46
CA THR D 443 -21.59 -30.82 2.35
C THR D 443 -20.08 -31.02 2.40
N GLN D 444 -19.39 -30.02 2.95
CA GLN D 444 -17.97 -30.12 3.26
C GLN D 444 -17.69 -31.25 4.28
N LYS D 445 -18.35 -31.18 5.44
CA LYS D 445 -18.17 -32.17 6.50
C LYS D 445 -18.53 -33.55 5.97
N LEU D 446 -19.71 -33.67 5.36
CA LEU D 446 -20.19 -34.93 4.79
C LEU D 446 -19.21 -35.56 3.79
N SER D 447 -18.50 -34.71 3.05
CA SER D 447 -17.52 -35.19 2.05
C SER D 447 -16.24 -35.71 2.70
N GLU D 448 -15.89 -35.15 3.85
CA GLU D 448 -14.74 -35.63 4.63
C GLU D 448 -15.06 -36.94 5.36
N ILE D 449 -16.24 -37.02 5.99
CA ILE D 449 -16.73 -38.26 6.63
C ILE D 449 -16.64 -39.41 5.64
N GLN D 450 -17.20 -39.19 4.45
CA GLN D 450 -17.25 -40.18 3.39
C GLN D 450 -15.88 -40.55 2.82
N GLY D 463 -14.17 -30.08 -2.00
CA GLY D 463 -15.18 -30.95 -1.41
C GLY D 463 -16.59 -30.36 -1.25
N ALA D 464 -16.66 -29.09 -0.88
CA ALA D 464 -17.95 -28.41 -0.58
C ALA D 464 -18.83 -28.09 -1.81
N MET D 465 -20.13 -27.95 -1.59
CA MET D 465 -21.09 -27.59 -2.62
C MET D 465 -21.50 -26.14 -2.41
N LYS D 466 -21.47 -25.31 -3.46
CA LYS D 466 -21.97 -23.93 -3.34
C LYS D 466 -22.94 -23.57 -4.48
N THR D 467 -23.54 -22.39 -4.45
CA THR D 467 -24.39 -21.98 -5.57
C THR D 467 -23.49 -21.72 -6.77
N LEU D 468 -23.96 -22.13 -7.95
CA LEU D 468 -23.31 -21.75 -9.19
C LEU D 468 -24.02 -20.51 -9.70
N CYS D 469 -25.35 -20.57 -9.79
CA CYS D 469 -26.15 -19.40 -10.15
C CYS D 469 -27.59 -19.72 -9.97
N ILE D 470 -28.41 -18.67 -9.97
CA ILE D 470 -29.85 -18.73 -10.08
C ILE D 470 -30.23 -18.59 -11.57
N PRO D 471 -30.63 -19.69 -12.20
CA PRO D 471 -30.73 -19.59 -13.68
C PRO D 471 -31.85 -18.66 -14.17
N PHE D 472 -31.58 -17.91 -15.24
CA PHE D 472 -32.61 -17.13 -15.94
C PHE D 472 -33.75 -18.11 -16.30
N ASP D 473 -33.39 -19.32 -16.74
CA ASP D 473 -34.39 -20.36 -16.99
C ASP D 473 -35.00 -20.98 -15.71
N GLN D 474 -36.09 -20.39 -15.24
CA GLN D 474 -36.77 -20.87 -14.04
C GLN D 474 -37.88 -21.87 -14.42
N PRO D 475 -37.77 -23.13 -13.97
CA PRO D 475 -38.91 -24.04 -14.09
C PRO D 475 -40.05 -23.60 -13.17
N PRO D 476 -41.29 -24.08 -13.39
CA PRO D 476 -42.41 -23.64 -12.52
C PRO D 476 -42.19 -23.95 -11.04
N MET D 477 -42.71 -23.10 -10.16
CA MET D 477 -42.59 -23.32 -8.71
C MET D 477 -43.97 -23.48 -8.02
N PRO D 478 -44.40 -24.74 -7.77
CA PRO D 478 -45.63 -24.99 -7.00
C PRO D 478 -45.78 -24.10 -5.76
N GLU D 479 -47.02 -23.64 -5.54
CA GLU D 479 -47.36 -22.48 -4.69
C GLU D 479 -46.84 -22.44 -3.25
N GLY D 480 -46.43 -23.57 -2.70
CA GLY D 480 -45.79 -23.57 -1.40
C GLY D 480 -44.70 -24.62 -1.31
N THR D 481 -43.85 -24.68 -2.35
CA THR D 481 -42.71 -25.59 -2.35
C THR D 481 -41.73 -25.13 -1.29
N LYS D 482 -41.09 -26.08 -0.64
CA LYS D 482 -40.19 -25.78 0.48
C LYS D 482 -38.69 -25.74 0.07
N CYS D 483 -37.98 -24.81 0.67
CA CYS D 483 -36.58 -24.69 0.41
C CYS D 483 -36.04 -26.01 0.79
N PHE D 484 -35.16 -26.54 -0.02
CA PHE D 484 -34.57 -27.83 0.24
C PHE D 484 -33.79 -27.94 1.52
N TYR D 485 -33.21 -26.86 2.01
CA TYR D 485 -32.48 -26.87 3.21
C TYR D 485 -33.13 -26.32 4.46
N THR D 486 -33.88 -25.25 4.36
CA THR D 486 -34.37 -24.61 5.58
C THR D 486 -35.84 -24.90 5.88
N GLY D 487 -36.51 -25.59 4.97
CA GLY D 487 -37.94 -25.79 5.09
C GLY D 487 -38.74 -24.51 4.95
N LYS D 488 -38.09 -23.34 4.92
CA LYS D 488 -38.80 -22.07 4.71
C LYS D 488 -39.50 -22.07 3.34
N PRO D 489 -40.35 -21.07 3.05
CA PRO D 489 -40.83 -21.04 1.65
C PRO D 489 -39.67 -20.92 0.65
N ALA D 490 -39.74 -21.71 -0.43
CA ALA D 490 -38.75 -21.63 -1.52
C ALA D 490 -39.02 -20.43 -2.41
N LYS D 491 -37.94 -19.78 -2.87
CA LYS D 491 -38.04 -18.61 -3.75
C LYS D 491 -37.89 -18.96 -5.23
N ARG D 492 -36.66 -19.20 -5.66
CA ARG D 492 -36.38 -19.58 -7.04
C ARG D 492 -35.60 -20.90 -7.07
N TRP D 493 -35.56 -21.51 -8.24
CA TRP D 493 -34.70 -22.66 -8.46
C TRP D 493 -33.24 -22.19 -8.54
N THR D 494 -32.34 -22.92 -7.89
CA THR D 494 -30.93 -22.56 -7.85
C THR D 494 -30.09 -23.75 -8.23
N LEU D 495 -29.08 -23.51 -9.06
CA LEU D 495 -28.15 -24.56 -9.47
C LEU D 495 -26.99 -24.58 -8.49
N TRP D 496 -26.69 -25.77 -7.92
CA TRP D 496 -25.64 -25.97 -6.90
C TRP D 496 -24.64 -27.00 -7.40
N GLY D 497 -23.41 -26.94 -6.91
CA GLY D 497 -22.46 -28.00 -7.22
C GLY D 497 -21.13 -27.75 -6.58
N ARG D 498 -20.24 -28.73 -6.67
CA ARG D 498 -18.82 -28.50 -6.47
C ARG D 498 -18.29 -27.68 -7.66
N SER D 499 -17.28 -26.85 -7.42
CA SER D 499 -16.82 -25.96 -8.47
C SER D 499 -15.32 -25.74 -8.48
N TYR D 500 -14.87 -24.93 -9.42
CA TYR D 500 -13.51 -24.47 -9.47
C TYR D 500 -13.41 -23.21 -8.63
PG ANP E . 21.25 16.71 14.45
O1G ANP E . 21.33 17.11 15.95
O2G ANP E . 22.73 16.53 13.99
O3G ANP E . 20.57 17.73 13.65
PB ANP E . 20.75 13.81 15.18
O1B ANP E . 21.57 14.12 16.35
O2B ANP E . 21.51 12.75 14.32
N3B ANP E . 20.39 15.23 14.27
PA ANP E . 18.88 11.70 15.74
O1A ANP E . 19.62 10.98 16.76
O2A ANP E . 18.72 11.15 14.39
O3A ANP E . 19.36 13.20 15.66
O5' ANP E . 17.39 11.88 16.30
C5' ANP E . 16.29 11.38 15.56
C4' ANP E . 15.37 12.55 15.18
O4' ANP E . 15.17 13.35 16.34
C3' ANP E . 16.11 13.44 14.21
O3' ANP E . 15.92 12.98 12.86
C2' ANP E . 15.47 14.78 14.43
O2' ANP E . 14.31 14.97 13.59
C1' ANP E . 15.01 14.72 15.90
N9 ANP E . 15.81 15.63 16.77
C8 ANP E . 17.13 15.95 16.63
N7 ANP E . 17.58 16.79 17.56
C5 ANP E . 16.46 17.03 18.35
C6 ANP E . 16.27 17.85 19.48
N6 ANP E . 17.26 18.57 20.03
N1 ANP E . 15.05 17.88 20.03
C2 ANP E . 14.07 17.16 19.49
N3 ANP E . 14.13 16.36 18.42
C4 ANP E . 15.36 16.33 17.86
MG MG F . 23.64 15.74 11.94
MG MG G . 22.03 15.90 17.25
C12 86X H . 22.56 9.17 17.02
C12 86X H . 22.82 9.15 16.86
C14 86X H . 21.29 7.04 16.70
C14 86X H . 20.81 7.85 17.59
C15 86X H . 19.86 6.54 16.44
C15 86X H . 19.67 7.10 16.90
C17 86X H . 17.82 5.78 17.44
C17 86X H . 17.77 5.61 17.42
C20 86X H . 19.01 7.67 15.94
C20 86X H . 18.53 8.05 16.60
O21 86X H . 19.18 8.12 14.81
O21 86X H . 18.60 9.24 16.92
C19 86X H . 17.96 8.25 16.86
C19 86X H . 17.33 7.52 15.93
C18 86X H . 17.05 7.12 17.39
C18 86X H . 17.37 6.03 16.01
N16 86X H . 19.26 6.01 17.66
N16 86X H . 19.20 5.95 17.72
C13 86X H . 21.22 8.46 17.27
C13 86X H . 21.31 8.99 16.70
N11 86X H . 22.96 9.98 18.18
N11 86X H . 23.13 9.97 18.04
C22 86X H . 23.80 9.44 19.15
C22 86X H . 23.88 9.43 19.08
O23 86X H . 24.21 8.29 19.02
O23 86X H . 24.26 8.26 19.02
C06 86X H . 24.17 10.21 20.23
C06 86X H . 24.17 10.22 20.18
C05 86X H . 25.01 9.69 21.20
C05 86X H . 24.91 9.70 21.23
C03 86X H . 25.38 10.47 22.29
C03 86X H . 25.20 10.50 22.34
CL4 86X H . 26.43 9.83 23.50
CL4 86X H . 26.11 9.85 23.65
C02 86X H . 24.90 11.77 22.40
C02 86X H . 24.76 11.80 22.38
F01 86X H . 25.26 12.54 23.47
F01 86X H . 25.04 12.58 23.45
C08 86X H . 24.05 12.29 21.42
C08 86X H . 24.01 12.32 21.32
C07 86X H . 23.69 11.50 20.34
C07 86X H . 23.72 11.52 20.22
N09 86X H . 22.84 12.02 19.36
N09 86X H . 22.98 12.05 19.16
C10 86X H . 22.49 11.30 18.33
C10 86X H . 22.70 11.31 18.11
C1 EDO I . 19.91 -2.11 0.46
O1 EDO I . 20.98 -1.17 0.41
C2 EDO I . 20.31 -3.16 1.47
O2 EDO I . 19.66 -4.37 1.11
C1 EDO J . 17.86 7.05 -4.70
O1 EDO J . 18.71 6.07 -5.30
C2 EDO J . 17.90 6.74 -3.20
O2 EDO J . 17.34 5.43 -2.97
C1 EDO K . -5.34 9.59 21.59
O1 EDO K . -6.07 9.38 20.37
C2 EDO K . -5.21 11.09 21.78
O2 EDO K . -6.22 11.56 22.68
C1 EDO L . 28.61 -13.49 10.78
O1 EDO L . 27.36 -13.40 10.07
C2 EDO L . 29.55 -14.49 10.09
O2 EDO L . 28.78 -15.28 9.15
C1 EDO M . -5.67 9.57 12.07
O1 EDO M . -6.16 10.90 11.86
C2 EDO M . -4.40 9.43 11.23
O2 EDO M . -4.72 9.19 9.85
C1 EDO N . 23.86 26.30 28.88
O1 EDO N . 24.87 25.89 27.93
C2 EDO N . 24.54 26.33 30.24
O2 EDO N . 24.21 25.10 30.88
PG ANP O . 17.51 3.15 -26.21
O1G ANP O . 18.98 3.29 -25.85
O2G ANP O . 16.76 2.85 -24.91
O3G ANP O . 17.03 4.35 -26.81
PB ANP O . 17.10 0.47 -26.80
O1B ANP O . 16.77 0.38 -25.41
O2B ANP O . 18.24 -0.50 -27.05
N3B ANP O . 17.35 1.99 -27.33
PA ANP O . 15.29 -1.41 -28.12
O1A ANP O . 15.10 -2.29 -27.02
O2A ANP O . 15.97 -1.85 -29.28
O3A ANP O . 15.80 -0.02 -27.60
O5' ANP O . 13.82 -0.98 -28.54
C5' ANP O . 13.25 -1.34 -29.78
C4' ANP O . 12.27 -0.21 -30.23
O4' ANP O . 11.50 0.29 -29.11
C3' ANP O . 13.03 0.96 -30.77
O3' ANP O . 12.31 1.51 -31.89
C2' ANP O . 13.07 1.93 -29.62
O2' ANP O . 13.15 3.27 -30.09
C1' ANP O . 11.70 1.71 -29.00
N9 ANP O . 11.74 2.05 -27.55
C8 ANP O . 12.79 1.83 -26.71
N7 ANP O . 12.57 2.19 -25.46
C5 ANP O . 11.26 2.61 -25.47
C6 ANP O . 10.44 3.09 -24.42
N6 ANP O . 10.84 3.22 -23.17
N1 ANP O . 9.18 3.46 -24.79
C2 ANP O . 8.75 3.32 -26.08
N3 ANP O . 9.47 2.87 -27.10
C4 ANP O . 10.73 2.53 -26.76
MG MG P . 21.01 3.36 -26.61
MG MG Q . 16.66 1.54 -23.56
C12 86X R . 18.16 -4.73 -25.72
C12 86X R . 17.46 -4.64 -25.98
C14 86X R . 16.80 -5.18 -27.78
C14 86X R . 16.88 -6.26 -27.79
C15 86X R . 15.93 -6.22 -28.49
C15 86X R . 15.68 -6.71 -28.64
C17 86X R . 14.07 -7.73 -28.29
C17 86X R . 13.77 -8.15 -28.77
C20 86X R . 15.19 -5.56 -29.63
C20 86X R . 14.75 -5.54 -28.89
O21 86X R . 15.50 -4.43 -30.01
O21 86X R . 15.11 -4.40 -28.63
C19 86X R . 14.06 -6.30 -30.32
C19 86X R . 13.38 -5.80 -29.47
C18 86X R . 13.19 -6.97 -29.26
C18 86X R . 12.77 -7.01 -28.79
N16 86X R . 14.95 -6.81 -27.55
N16 86X R . 14.95 -7.80 -27.98
C13 86X R . 17.15 -5.68 -26.38
C13 86X R . 16.37 -5.56 -26.53
N11 86X R . 17.71 -4.34 -24.36
N11 86X R . 17.22 -4.32 -24.56
C22 86X R . 17.91 -5.19 -23.30
C22 86X R . 17.44 -5.29 -23.59
O23 86X R . 18.46 -6.28 -23.47
O23 86X R . 17.83 -6.40 -23.91
C06 86X R . 17.49 -4.81 -22.04
C06 86X R . 17.20 -4.96 -22.26
C05 86X R . 17.67 -5.66 -20.95
C05 86X R . 17.41 -5.91 -21.27
C03 86X R . 17.25 -5.26 -19.69
C03 86X R . 17.18 -5.59 -19.94
CL4 86X R . 17.48 -6.31 -18.34
CL4 86X R . 17.44 -6.77 -18.71
C02 86X R . 16.64 -4.03 -19.52
C02 86X R . 16.73 -4.31 -19.61
F01 86X R . 16.21 -3.64 -18.28
F01 86X R . 16.50 -4.00 -18.30
C08 86X R . 16.44 -3.19 -20.61
C08 86X R . 16.52 -3.37 -20.60
C07 86X R . 16.88 -3.58 -21.87
C07 86X R . 16.76 -3.70 -21.93
N09 86X R . 16.68 -2.74 -22.96
N09 86X R . 16.55 -2.75 -22.94
C10 86X R . 17.09 -3.09 -24.16
C10 86X R . 16.76 -3.04 -24.19
C1 EDO S . -8.14 -2.74 -36.93
O1 EDO S . -9.12 -2.16 -36.05
C2 EDO S . -8.76 -3.06 -38.30
O2 EDO S . -7.81 -2.82 -39.37
C1 EDO T . -3.01 -0.23 -44.97
O1 EDO T . -3.72 0.89 -44.40
C2 EDO T . -2.06 0.27 -46.05
O2 EDO T . -0.99 -0.68 -46.25
C1 EDO U . 25.08 -0.29 -46.39
O1 EDO U . 26.39 0.26 -46.31
C2 EDO U . 24.46 -0.25 -45.00
O2 EDO U . 24.27 -1.59 -44.51
CL CL V . 19.53 9.04 -47.28
CL CL W . 21.02 5.61 -13.78
PG ANP X . 7.14 6.29 50.85
O1G ANP X . 7.41 7.05 52.18
O2G ANP X . 8.46 6.41 50.03
O3G ANP X . 6.79 4.89 51.09
PB ANP X . 6.05 8.50 49.15
O1B ANP X . 7.46 8.75 48.84
O2B ANP X . 5.50 9.70 49.98
N3B ANP X . 5.85 7.02 49.99
PA ANP X . 4.40 9.44 46.93
O1A ANP X . 5.28 10.53 46.51
O2A ANP X . 3.09 9.69 47.52
O3A ANP X . 5.21 8.37 47.79
O5' ANP X . 4.12 8.57 45.61
C5' ANP X . 2.79 8.16 45.29
C4' ANP X . 2.75 6.64 45.15
O4' ANP X . 3.79 6.21 44.26
C3' ANP X . 3.11 6.00 46.46
O3' ANP X . 1.96 5.98 47.32
C2' ANP X . 3.48 4.61 46.02
O2' ANP X . 2.29 3.86 45.71
C1' ANP X . 4.23 4.90 44.73
N9 ANP X . 5.69 4.93 44.97
C8 ANP X . 6.35 5.68 45.90
N7 ANP X . 7.67 5.50 45.88
C5 ANP X . 7.86 4.58 44.87
C6 ANP X . 9.03 3.97 44.36
N6 ANP X . 10.24 4.24 44.84
N1 ANP X . 8.91 3.09 43.37
C2 ANP X . 7.69 2.82 42.89
N3 ANP X . 6.51 3.32 43.29
C4 ANP X . 6.65 4.21 44.30
MG MG Y . 6.61 7.50 54.24
MG MG Z . 9.16 8.05 49.26
C12 86X AA . 5.69 13.69 48.32
C12 86X AA . 5.71 13.89 48.16
C14 86X AA . 3.40 14.18 47.41
C14 86X AA . 3.45 14.27 47.18
C15 86X AA . 2.51 14.04 46.18
C15 86X AA . 2.60 14.14 45.91
C17 86X AA . 2.35 14.39 43.82
C17 86X AA . 2.69 14.69 43.49
C20 86X AA . 2.37 12.60 45.82
C20 86X AA . 2.74 12.74 45.34
O21 86X AA . 1.69 11.84 46.53
O21 86X AA . 3.45 11.90 45.91
C19 86X AA . 3.06 12.07 44.60
C19 86X AA . 2.01 12.40 44.10
C18 86X AA . 2.70 12.95 43.37
C18 86X AA . 1.55 13.67 43.46
N16 86X AA . 3.09 14.76 45.05
N16 86X AA . 3.00 15.16 44.89
C13 86X AA . 4.85 13.84 47.05
C13 86X AA . 4.91 13.97 46.86
N11 86X AA . 7.13 13.54 47.99
N11 86X AA . 7.16 13.69 47.89
C22 86X AA . 7.91 14.67 47.79
C22 86X AA . 7.98 14.78 47.68
O23 86X AA . 7.40 15.78 47.88
O23 86X AA . 7.51 15.91 47.74
C06 86X AA . 9.24 14.50 47.49
C06 86X AA . 9.32 14.57 47.43
C05 86X AA . 10.05 15.61 47.28
C05 86X AA . 10.16 15.65 47.23
C03 86X AA . 11.39 15.45 46.98
C03 86X AA . 11.51 15.44 46.96
CL4 86X AA . 12.41 16.82 46.72
CL4 86X AA . 12.56 16.78 46.71
C02 86X AA . 11.94 14.16 46.88
C02 86X AA . 12.01 14.14 46.92
F01 86X AA . 13.24 14.00 46.58
F01 86X AA . 13.33 13.92 46.66
C08 86X AA . 11.12 13.06 47.09
C08 86X AA . 11.16 13.06 47.12
C07 86X AA . 9.78 13.22 47.38
C07 86X AA . 9.81 13.28 47.38
N09 86X AA . 8.96 12.11 47.60
N09 86X AA . 8.95 12.19 47.59
C10 86X AA . 7.69 12.26 47.88
C10 86X AA . 7.68 12.38 47.83
CL CL BA . -4.17 -0.84 25.64
PG ANP CA . -12.85 -16.64 -8.35
O1G ANP CA . -13.22 -15.96 -7.00
O2G ANP CA . -11.30 -16.55 -8.46
O3G ANP CA . -13.30 -18.03 -8.39
PB ANP CA . -13.19 -14.28 -9.49
O1B ANP CA . -11.95 -14.06 -8.76
O2B ANP CA . -14.33 -13.48 -8.80
N3B ANP CA . -13.55 -15.86 -9.58
PA ANP CA . -13.36 -12.38 -11.69
O1A ANP CA . -12.47 -11.32 -11.22
O2A ANP CA . -14.80 -12.17 -11.78
O3A ANP CA . -13.02 -13.76 -11.01
O5' ANP CA . -12.89 -12.70 -13.20
C5' ANP CA . -13.85 -12.90 -14.23
C4' ANP CA . -13.65 -14.27 -14.86
O4' ANP CA . -12.24 -14.48 -15.13
C3' ANP CA . -13.97 -15.34 -13.86
O3' ANP CA . -15.39 -15.56 -13.81
C2' ANP CA . -13.26 -16.54 -14.45
O2' ANP CA . -14.01 -17.03 -15.58
C1' ANP CA . -11.98 -15.90 -14.95
N9 ANP CA . -10.89 -16.06 -13.96
C8 ANP CA . -10.90 -15.68 -12.64
N7 ANP CA . -9.77 -15.96 -12.00
C5 ANP CA . -8.99 -16.58 -12.97
C6 ANP CA . -7.69 -17.11 -12.90
N6 ANP CA . -6.96 -17.10 -11.80
N1 ANP CA . -7.18 -17.66 -14.02
C2 ANP CA . -7.91 -17.67 -15.14
N3 ANP CA . -9.16 -17.19 -15.30
C4 ANP CA . -9.67 -16.64 -14.18
MG MG DA . -15.59 -16.58 -5.95
MG MG EA . -10.49 -14.84 -7.75
C12 86X FA . -13.51 -8.80 -8.61
C12 86X FA . -13.40 -8.74 -8.63
C14 86X FA . -14.91 -7.85 -10.44
C14 86X FA . -12.95 -7.75 -10.88
C15 86X FA . -14.93 -7.44 -11.92
C15 86X FA . -13.84 -7.45 -12.09
C17 86X FA . -13.72 -6.43 -13.73
C17 86X FA . -14.24 -5.98 -13.94
C20 86X FA . -15.05 -8.69 -12.78
C20 86X FA . -13.76 -8.59 -13.09
O21 86X FA . -15.33 -9.78 -12.28
O21 86X FA . -13.23 -9.65 -12.77
C19 86X FA . -14.82 -8.58 -14.27
C19 86X FA . -14.33 -8.40 -14.47
C18 86X FA . -13.61 -7.71 -14.54
C18 86X FA . -13.94 -7.03 -15.00
N16 86X FA . -13.71 -6.71 -12.28
N16 86X FA . -13.43 -6.20 -12.74
C13 86X FA . -13.54 -8.42 -10.09
C13 86X FA . -13.51 -8.98 -10.14
N11 86X FA . -12.13 -9.03 -8.15
N11 86X FA . -12.02 -8.91 -8.15
C22 86X FA . -11.41 -8.02 -7.54
C22 86X FA . -11.38 -7.87 -7.51
O23 86X FA . -11.93 -6.91 -7.39
O23 86X FA . -11.95 -6.81 -7.34
C06 86X FA . -10.12 -8.25 -7.12
C06 86X FA . -10.07 -8.05 -7.08
C05 86X FA . -9.38 -7.24 -6.51
C05 86X FA . -9.40 -7.02 -6.43
C03 86X FA . -8.08 -7.50 -6.09
C03 86X FA . -8.10 -7.22 -5.99
CL4 86X FA . -7.17 -6.24 -5.34
CL4 86X FA . -7.26 -5.94 -5.19
C02 86X FA . -7.53 -8.76 -6.27
C02 86X FA . -7.46 -8.43 -6.20
F01 86X FA . -6.26 -9.00 -5.86
F01 86X FA . -6.19 -8.63 -5.77
C08 86X FA . -8.26 -9.76 -6.88
C08 86X FA . -8.14 -9.47 -6.84
C07 86X FA . -9.56 -9.51 -7.30
C07 86X FA . -9.44 -9.28 -7.28
N09 86X FA . -10.31 -10.52 -7.91
N09 86X FA . -10.13 -10.31 -7.93
C10 86X FA . -11.53 -10.30 -8.31
C10 86X FA . -11.36 -10.14 -8.34
C1 EDO GA . -29.04 11.67 -6.88
O1 EDO GA . -30.14 11.81 -7.79
C2 EDO GA . -28.28 10.39 -7.17
O2 EDO GA . -28.11 10.23 -8.59
C1 EDO HA . 7.28 -18.35 -7.95
O1 EDO HA . 7.62 -19.72 -8.26
C2 EDO HA . 6.73 -18.20 -6.53
O2 EDO HA . 7.65 -17.44 -5.73
CL CL IA . -18.78 -24.24 -39.45
CL CL JA . -15.50 -21.47 -42.89
CL CL KA . -31.02 -24.93 -16.15
CL CL LA . -8.22 -14.26 -36.21
#